data_3KWR
# 
_entry.id   3KWR 
# 
_audit_conform.dict_name       mmcif_pdbx.dic 
_audit_conform.dict_version    5.397 
_audit_conform.dict_location   http://mmcif.pdb.org/dictionaries/ascii/mmcif_pdbx.dic 
# 
loop_
_database_2.database_id 
_database_2.database_code 
_database_2.pdbx_database_accession 
_database_2.pdbx_DOI 
PDB   3KWR         pdb_00003kwr 10.2210/pdb3kwr/pdb 
RCSB  RCSB056543   ?            ?                   
WWPDB D_1000056543 ?            ?                   
# 
loop_
_pdbx_audit_revision_history.ordinal 
_pdbx_audit_revision_history.data_content_type 
_pdbx_audit_revision_history.major_revision 
_pdbx_audit_revision_history.minor_revision 
_pdbx_audit_revision_history.revision_date 
1 'Structure model' 1 0 2009-12-22 
2 'Structure model' 1 1 2011-07-13 
3 'Structure model' 1 2 2017-10-25 
4 'Structure model' 1 3 2019-07-17 
5 'Structure model' 1 4 2023-02-01 
6 'Structure model' 1 5 2024-10-16 
# 
_pdbx_audit_revision_details.ordinal             1 
_pdbx_audit_revision_details.revision_ordinal    1 
_pdbx_audit_revision_details.data_content_type   'Structure model' 
_pdbx_audit_revision_details.provider            repository 
_pdbx_audit_revision_details.type                'Initial release' 
_pdbx_audit_revision_details.description         ? 
_pdbx_audit_revision_details.details             ? 
# 
loop_
_pdbx_audit_revision_group.ordinal 
_pdbx_audit_revision_group.revision_ordinal 
_pdbx_audit_revision_group.data_content_type 
_pdbx_audit_revision_group.group 
1  2 'Structure model' Advisory                     
2  2 'Structure model' 'Version format compliance'  
3  3 'Structure model' 'Author supporting evidence' 
4  3 'Structure model' 'Refinement description'     
5  4 'Structure model' Advisory                     
6  4 'Structure model' 'Data collection'            
7  4 'Structure model' 'Derived calculations'       
8  4 'Structure model' 'Refinement description'     
9  5 'Structure model' 'Database references'        
10 5 'Structure model' 'Derived calculations'       
11 6 'Structure model' 'Data collection'            
12 6 'Structure model' 'Refinement description'     
13 6 'Structure model' 'Structure summary'          
# 
loop_
_pdbx_audit_revision_category.ordinal 
_pdbx_audit_revision_category.revision_ordinal 
_pdbx_audit_revision_category.data_content_type 
_pdbx_audit_revision_category.category 
1  3 'Structure model' pdbx_struct_assembly_auth_evidence 
2  3 'Structure model' software                           
3  4 'Structure model' pdbx_distant_solvent_atoms         
4  4 'Structure model' software                           
5  4 'Structure model' struct_conn                        
6  5 'Structure model' database_2                         
7  5 'Structure model' struct_ref_seq_dif                 
8  5 'Structure model' struct_site                        
9  6 'Structure model' chem_comp_atom                     
10 6 'Structure model' chem_comp_bond                     
11 6 'Structure model' pdbx_entry_details                 
12 6 'Structure model' pdbx_modification_feature          
13 6 'Structure model' struct_ncs_dom_lim                 
# 
loop_
_pdbx_audit_revision_item.ordinal 
_pdbx_audit_revision_item.revision_ordinal 
_pdbx_audit_revision_item.data_content_type 
_pdbx_audit_revision_item.item 
1  3 'Structure model' '_software.classification'                     
2  3 'Structure model' '_software.name'                               
3  4 'Structure model' '_software.classification'                     
4  4 'Structure model' '_software.contact_author'                     
5  4 'Structure model' '_software.contact_author_email'               
6  4 'Structure model' '_software.language'                           
7  4 'Structure model' '_software.location'                           
8  4 'Structure model' '_software.name'                               
9  4 'Structure model' '_software.type'                               
10 4 'Structure model' '_software.version'                            
11 5 'Structure model' '_database_2.pdbx_DOI'                         
12 5 'Structure model' '_database_2.pdbx_database_accession'          
13 5 'Structure model' '_struct_ref_seq_dif.details'                  
14 5 'Structure model' '_struct_site.pdbx_auth_asym_id'               
15 5 'Structure model' '_struct_site.pdbx_auth_comp_id'               
16 5 'Structure model' '_struct_site.pdbx_auth_seq_id'                
17 6 'Structure model' '_pdbx_entry_details.has_protein_modification' 
18 6 'Structure model' '_struct_ncs_dom_lim.beg_auth_comp_id'         
19 6 'Structure model' '_struct_ncs_dom_lim.beg_label_asym_id'        
20 6 'Structure model' '_struct_ncs_dom_lim.beg_label_comp_id'        
21 6 'Structure model' '_struct_ncs_dom_lim.beg_label_seq_id'         
22 6 'Structure model' '_struct_ncs_dom_lim.end_auth_comp_id'         
23 6 'Structure model' '_struct_ncs_dom_lim.end_label_asym_id'        
24 6 'Structure model' '_struct_ncs_dom_lim.end_label_comp_id'        
25 6 'Structure model' '_struct_ncs_dom_lim.end_label_seq_id'         
# 
_pdbx_database_status.SG_entry                        Y 
_pdbx_database_status.entry_id                        3KWR 
_pdbx_database_status.deposit_site                    RCSB 
_pdbx_database_status.process_site                    RCSB 
_pdbx_database_status.recvd_initial_deposition_date   2009-12-01 
_pdbx_database_status.status_code                     REL 
_pdbx_database_status.status_code_sf                  REL 
_pdbx_database_status.status_code_mr                  ? 
_pdbx_database_status.pdb_format_compatible           Y 
_pdbx_database_status.status_code_cs                  ? 
_pdbx_database_status.methods_development_category    ? 
_pdbx_database_status.status_code_nmr_data            ? 
# 
_pdbx_database_related.db_name        TargetDB 
_pdbx_database_related.db_id          392319 
_pdbx_database_related.details        . 
_pdbx_database_related.content_type   unspecified 
# 
_audit_author.name           'Joint Center for Structural Genomics (JCSG)' 
_audit_author.pdbx_ordinal   1 
# 
_citation.id                        primary 
_citation.title                     
'Crystal structure of Putative RNA-binding protein (NP_785364.1) from Lactobacillus plantarum at 1.45 A resolution' 
_citation.journal_abbrev            'To be published' 
_citation.journal_volume            ? 
_citation.page_first                ? 
_citation.page_last                 ? 
_citation.year                      ? 
_citation.journal_id_ASTM           ? 
_citation.country                   ? 
_citation.journal_id_ISSN           ? 
_citation.journal_id_CSD            0353 
_citation.book_publisher            ? 
_citation.pdbx_database_id_PubMed   ? 
_citation.pdbx_database_id_DOI      ? 
# 
_citation_author.citation_id        primary 
_citation_author.name               'Joint Center for Structural Genomics (JCSG)' 
_citation_author.ordinal            1 
_citation_author.identifier_ORCID   ? 
# 
loop_
_entity.id 
_entity.type 
_entity.src_method 
_entity.pdbx_description 
_entity.formula_weight 
_entity.pdbx_number_of_molecules 
_entity.pdbx_ec 
_entity.pdbx_mutation 
_entity.pdbx_fragment 
_entity.details 
1 polymer     man 'Putative RNA-binding protein' 10811.473 2   ? ? ? ? 
2 non-polymer syn 'SULFATE ION'                  96.063    1   ? ? ? ? 
3 non-polymer syn GLYCEROL                       92.094    1   ? ? ? ? 
4 water       nat water                          18.015    218 ? ? ? ? 
# 
_entity_poly.entity_id                      1 
_entity_poly.type                           'polypeptide(L)' 
_entity_poly.nstd_linkage                   no 
_entity_poly.nstd_monomer                   yes 
_entity_poly.pdbx_seq_one_letter_code       
;G(MSE)NHNYVEVKYPAIFRDEGTYWDVRFPDVPAAQTFGASVQVAADNAANALAIALFEQSLPPASDPQYWRLASTEFV
VWIT(MSE)ADVQFGPGADTPEP(MSE)N
;
_entity_poly.pdbx_seq_one_letter_code_can   
;GMNHNYVEVKYPAIFRDEGTYWDVRFPDVPAAQTFGASVQVAADNAANALAIALFEQSLPPASDPQYWRLASTEFVVWIT
MADVQFGPGADTPEPMN
;
_entity_poly.pdbx_strand_id                 A,B 
_entity_poly.pdbx_target_identifier         392319 
# 
loop_
_pdbx_entity_nonpoly.entity_id 
_pdbx_entity_nonpoly.name 
_pdbx_entity_nonpoly.comp_id 
2 'SULFATE ION' SO4 
3 GLYCEROL      GOL 
4 water         HOH 
# 
loop_
_entity_poly_seq.entity_id 
_entity_poly_seq.num 
_entity_poly_seq.mon_id 
_entity_poly_seq.hetero 
1 1  GLY n 
1 2  MSE n 
1 3  ASN n 
1 4  HIS n 
1 5  ASN n 
1 6  TYR n 
1 7  VAL n 
1 8  GLU n 
1 9  VAL n 
1 10 LYS n 
1 11 TYR n 
1 12 PRO n 
1 13 ALA n 
1 14 ILE n 
1 15 PHE n 
1 16 ARG n 
1 17 ASP n 
1 18 GLU n 
1 19 GLY n 
1 20 THR n 
1 21 TYR n 
1 22 TRP n 
1 23 ASP n 
1 24 VAL n 
1 25 ARG n 
1 26 PHE n 
1 27 PRO n 
1 28 ASP n 
1 29 VAL n 
1 30 PRO n 
1 31 ALA n 
1 32 ALA n 
1 33 GLN n 
1 34 THR n 
1 35 PHE n 
1 36 GLY n 
1 37 ALA n 
1 38 SER n 
1 39 VAL n 
1 40 GLN n 
1 41 VAL n 
1 42 ALA n 
1 43 ALA n 
1 44 ASP n 
1 45 ASN n 
1 46 ALA n 
1 47 ALA n 
1 48 ASN n 
1 49 ALA n 
1 50 LEU n 
1 51 ALA n 
1 52 ILE n 
1 53 ALA n 
1 54 LEU n 
1 55 PHE n 
1 56 GLU n 
1 57 GLN n 
1 58 SER n 
1 59 LEU n 
1 60 PRO n 
1 61 PRO n 
1 62 ALA n 
1 63 SER n 
1 64 ASP n 
1 65 PRO n 
1 66 GLN n 
1 67 TYR n 
1 68 TRP n 
1 69 ARG n 
1 70 LEU n 
1 71 ALA n 
1 72 SER n 
1 73 THR n 
1 74 GLU n 
1 75 PHE n 
1 76 VAL n 
1 77 VAL n 
1 78 TRP n 
1 79 ILE n 
1 80 THR n 
1 81 MSE n 
1 82 ALA n 
1 83 ASP n 
1 84 VAL n 
1 85 GLN n 
1 86 PHE n 
1 87 GLY n 
1 88 PRO n 
1 89 GLY n 
1 90 ALA n 
1 91 ASP n 
1 92 THR n 
1 93 PRO n 
1 94 GLU n 
1 95 PRO n 
1 96 MSE n 
1 97 ASN n 
# 
_entity_src_gen.entity_id                          1 
_entity_src_gen.pdbx_src_id                        1 
_entity_src_gen.pdbx_alt_source_flag               sample 
_entity_src_gen.pdbx_seq_type                      ? 
_entity_src_gen.pdbx_beg_seq_num                   ? 
_entity_src_gen.pdbx_end_seq_num                   ? 
_entity_src_gen.gene_src_common_name               ? 
_entity_src_gen.gene_src_genus                     ? 
_entity_src_gen.pdbx_gene_src_gene                 lp_1800 
_entity_src_gen.gene_src_species                   ? 
_entity_src_gen.gene_src_strain                    ? 
_entity_src_gen.gene_src_tissue                    ? 
_entity_src_gen.gene_src_tissue_fraction           ? 
_entity_src_gen.gene_src_details                   ? 
_entity_src_gen.pdbx_gene_src_fragment             ? 
_entity_src_gen.pdbx_gene_src_scientific_name      'Lactobacillus plantarum' 
_entity_src_gen.pdbx_gene_src_ncbi_taxonomy_id     1590 
_entity_src_gen.pdbx_gene_src_variant              ? 
_entity_src_gen.pdbx_gene_src_cell_line            ? 
_entity_src_gen.pdbx_gene_src_atcc                 ? 
_entity_src_gen.pdbx_gene_src_organ                ? 
_entity_src_gen.pdbx_gene_src_organelle            ? 
_entity_src_gen.pdbx_gene_src_cell                 ? 
_entity_src_gen.pdbx_gene_src_cellular_location    ? 
_entity_src_gen.host_org_common_name               ? 
_entity_src_gen.pdbx_host_org_scientific_name      'Escherichia Coli' 
_entity_src_gen.pdbx_host_org_ncbi_taxonomy_id     562 
_entity_src_gen.host_org_genus                     ? 
_entity_src_gen.pdbx_host_org_gene                 ? 
_entity_src_gen.pdbx_host_org_organ                ? 
_entity_src_gen.host_org_species                   ? 
_entity_src_gen.pdbx_host_org_tissue               ? 
_entity_src_gen.pdbx_host_org_tissue_fraction      ? 
_entity_src_gen.pdbx_host_org_strain               HK100 
_entity_src_gen.pdbx_host_org_variant              ? 
_entity_src_gen.pdbx_host_org_cell_line            ? 
_entity_src_gen.pdbx_host_org_atcc                 ? 
_entity_src_gen.pdbx_host_org_culture_collection   ? 
_entity_src_gen.pdbx_host_org_cell                 ? 
_entity_src_gen.pdbx_host_org_organelle            ? 
_entity_src_gen.pdbx_host_org_cellular_location    ? 
_entity_src_gen.pdbx_host_org_vector_type          Plasmid 
_entity_src_gen.pdbx_host_org_vector               ? 
_entity_src_gen.host_org_details                   ? 
_entity_src_gen.expression_system_id               ? 
_entity_src_gen.plasmid_name                       SpeedET 
_entity_src_gen.plasmid_details                    ? 
_entity_src_gen.pdbx_description                   ? 
# 
loop_
_chem_comp.id 
_chem_comp.type 
_chem_comp.mon_nstd_flag 
_chem_comp.name 
_chem_comp.pdbx_synonyms 
_chem_comp.formula 
_chem_comp.formula_weight 
ALA 'L-peptide linking' y ALANINE          ?                               'C3 H7 N O2'     89.093  
ARG 'L-peptide linking' y ARGININE         ?                               'C6 H15 N4 O2 1' 175.209 
ASN 'L-peptide linking' y ASPARAGINE       ?                               'C4 H8 N2 O3'    132.118 
ASP 'L-peptide linking' y 'ASPARTIC ACID'  ?                               'C4 H7 N O4'     133.103 
GLN 'L-peptide linking' y GLUTAMINE        ?                               'C5 H10 N2 O3'   146.144 
GLU 'L-peptide linking' y 'GLUTAMIC ACID'  ?                               'C5 H9 N O4'     147.129 
GLY 'peptide linking'   y GLYCINE          ?                               'C2 H5 N O2'     75.067  
GOL non-polymer         . GLYCEROL         'GLYCERIN; PROPANE-1,2,3-TRIOL' 'C3 H8 O3'       92.094  
HIS 'L-peptide linking' y HISTIDINE        ?                               'C6 H10 N3 O2 1' 156.162 
HOH non-polymer         . WATER            ?                               'H2 O'           18.015  
ILE 'L-peptide linking' y ISOLEUCINE       ?                               'C6 H13 N O2'    131.173 
LEU 'L-peptide linking' y LEUCINE          ?                               'C6 H13 N O2'    131.173 
LYS 'L-peptide linking' y LYSINE           ?                               'C6 H15 N2 O2 1' 147.195 
MSE 'L-peptide linking' n SELENOMETHIONINE ?                               'C5 H11 N O2 Se' 196.106 
PHE 'L-peptide linking' y PHENYLALANINE    ?                               'C9 H11 N O2'    165.189 
PRO 'L-peptide linking' y PROLINE          ?                               'C5 H9 N O2'     115.130 
SER 'L-peptide linking' y SERINE           ?                               'C3 H7 N O3'     105.093 
SO4 non-polymer         . 'SULFATE ION'    ?                               'O4 S -2'        96.063  
THR 'L-peptide linking' y THREONINE        ?                               'C4 H9 N O3'     119.119 
TRP 'L-peptide linking' y TRYPTOPHAN       ?                               'C11 H12 N2 O2'  204.225 
TYR 'L-peptide linking' y TYROSINE         ?                               'C9 H11 N O3'    181.189 
VAL 'L-peptide linking' y VALINE           ?                               'C5 H11 N O2'    117.146 
# 
loop_
_pdbx_poly_seq_scheme.asym_id 
_pdbx_poly_seq_scheme.entity_id 
_pdbx_poly_seq_scheme.seq_id 
_pdbx_poly_seq_scheme.mon_id 
_pdbx_poly_seq_scheme.ndb_seq_num 
_pdbx_poly_seq_scheme.pdb_seq_num 
_pdbx_poly_seq_scheme.auth_seq_num 
_pdbx_poly_seq_scheme.pdb_mon_id 
_pdbx_poly_seq_scheme.auth_mon_id 
_pdbx_poly_seq_scheme.pdb_strand_id 
_pdbx_poly_seq_scheme.pdb_ins_code 
_pdbx_poly_seq_scheme.hetero 
A 1 1  GLY 1  0  ?  ?   ?   A . n 
A 1 2  MSE 2  1  ?  ?   ?   A . n 
A 1 3  ASN 3  2  ?  ?   ?   A . n 
A 1 4  HIS 4  3  ?  ?   ?   A . n 
A 1 5  ASN 5  4  ?  ?   ?   A . n 
A 1 6  TYR 6  5  ?  ?   ?   A . n 
A 1 7  VAL 7  6  ?  ?   ?   A . n 
A 1 8  GLU 8  7  7  GLU GLU A . n 
A 1 9  VAL 9  8  8  VAL VAL A . n 
A 1 10 LYS 10 9  9  LYS LYS A . n 
A 1 11 TYR 11 10 10 TYR TYR A . n 
A 1 12 PRO 12 11 11 PRO PRO A . n 
A 1 13 ALA 13 12 12 ALA ALA A . n 
A 1 14 ILE 14 13 13 ILE ILE A . n 
A 1 15 PHE 15 14 14 PHE PHE A . n 
A 1 16 ARG 16 15 15 ARG ARG A . n 
A 1 17 ASP 17 16 16 ASP ASP A . n 
A 1 18 GLU 18 17 17 GLU GLU A . n 
A 1 19 GLY 19 18 18 GLY GLY A . n 
A 1 20 THR 20 19 19 THR THR A . n 
A 1 21 TYR 21 20 20 TYR TYR A . n 
A 1 22 TRP 22 21 21 TRP TRP A . n 
A 1 23 ASP 23 22 22 ASP ASP A . n 
A 1 24 VAL 24 23 23 VAL VAL A . n 
A 1 25 ARG 25 24 24 ARG ARG A . n 
A 1 26 PHE 26 25 25 PHE PHE A . n 
A 1 27 PRO 27 26 26 PRO PRO A . n 
A 1 28 ASP 28 27 27 ASP ASP A . n 
A 1 29 VAL 29 28 28 VAL VAL A . n 
A 1 30 PRO 30 29 29 PRO PRO A . n 
A 1 31 ALA 31 30 30 ALA ALA A . n 
A 1 32 ALA 32 31 31 ALA ALA A . n 
A 1 33 GLN 33 32 32 GLN GLN A . n 
A 1 34 THR 34 33 33 THR THR A . n 
A 1 35 PHE 35 34 34 PHE PHE A . n 
A 1 36 GLY 36 35 35 GLY GLY A . n 
A 1 37 ALA 37 36 36 ALA ALA A . n 
A 1 38 SER 38 37 37 SER SER A . n 
A 1 39 VAL 39 38 38 VAL VAL A . n 
A 1 40 GLN 40 39 39 GLN GLN A . n 
A 1 41 VAL 41 40 40 VAL VAL A . n 
A 1 42 ALA 42 41 41 ALA ALA A . n 
A 1 43 ALA 43 42 42 ALA ALA A . n 
A 1 44 ASP 44 43 43 ASP ASP A . n 
A 1 45 ASN 45 44 44 ASN ASN A . n 
A 1 46 ALA 46 45 45 ALA ALA A . n 
A 1 47 ALA 47 46 46 ALA ALA A . n 
A 1 48 ASN 48 47 47 ASN ASN A . n 
A 1 49 ALA 49 48 48 ALA ALA A . n 
A 1 50 LEU 50 49 49 LEU LEU A . n 
A 1 51 ALA 51 50 50 ALA ALA A . n 
A 1 52 ILE 52 51 51 ILE ILE A . n 
A 1 53 ALA 53 52 52 ALA ALA A . n 
A 1 54 LEU 54 53 53 LEU LEU A . n 
A 1 55 PHE 55 54 54 PHE PHE A . n 
A 1 56 GLU 56 55 55 GLU GLU A . n 
A 1 57 GLN 57 56 56 GLN GLN A . n 
A 1 58 SER 58 57 57 SER SER A . n 
A 1 59 LEU 59 58 58 LEU LEU A . n 
A 1 60 PRO 60 59 59 PRO PRO A . n 
A 1 61 PRO 61 60 60 PRO PRO A . n 
A 1 62 ALA 62 61 61 ALA ALA A . n 
A 1 63 SER 63 62 62 SER SER A . n 
A 1 64 ASP 64 63 63 ASP ASP A . n 
A 1 65 PRO 65 64 64 PRO PRO A . n 
A 1 66 GLN 66 65 65 GLN GLN A . n 
A 1 67 TYR 67 66 66 TYR TYR A . n 
A 1 68 TRP 68 67 67 TRP TRP A . n 
A 1 69 ARG 69 68 68 ARG ARG A . n 
A 1 70 LEU 70 69 69 LEU LEU A . n 
A 1 71 ALA 71 70 70 ALA ALA A . n 
A 1 72 SER 72 71 71 SER SER A . n 
A 1 73 THR 73 72 72 THR THR A . n 
A 1 74 GLU 74 73 73 GLU GLU A . n 
A 1 75 PHE 75 74 74 PHE PHE A . n 
A 1 76 VAL 76 75 75 VAL VAL A . n 
A 1 77 VAL 77 76 76 VAL VAL A . n 
A 1 78 TRP 78 77 77 TRP TRP A . n 
A 1 79 ILE 79 78 78 ILE ILE A . n 
A 1 80 THR 80 79 79 THR THR A . n 
A 1 81 MSE 81 80 80 MSE MSE A . n 
A 1 82 ALA 82 81 81 ALA ALA A . n 
A 1 83 ASP 83 82 82 ASP ASP A . n 
A 1 84 VAL 84 83 83 VAL VAL A . n 
A 1 85 GLN 85 84 84 GLN GLN A . n 
A 1 86 PHE 86 85 85 PHE PHE A . n 
A 1 87 GLY 87 86 86 GLY GLY A . n 
A 1 88 PRO 88 87 87 PRO PRO A . n 
A 1 89 GLY 89 88 88 GLY GLY A . n 
A 1 90 ALA 90 89 89 ALA ALA A . n 
A 1 91 ASP 91 90 ?  ?   ?   A . n 
A 1 92 THR 92 91 ?  ?   ?   A . n 
A 1 93 PRO 93 92 ?  ?   ?   A . n 
A 1 94 GLU 94 93 ?  ?   ?   A . n 
A 1 95 PRO 95 94 ?  ?   ?   A . n 
A 1 96 MSE 96 95 ?  ?   ?   A . n 
A 1 97 ASN 97 96 ?  ?   ?   A . n 
B 1 1  GLY 1  0  ?  ?   ?   B . n 
B 1 2  MSE 2  1  ?  ?   ?   B . n 
B 1 3  ASN 3  2  ?  ?   ?   B . n 
B 1 4  HIS 4  3  ?  ?   ?   B . n 
B 1 5  ASN 5  4  ?  ?   ?   B . n 
B 1 6  TYR 6  5  ?  ?   ?   B . n 
B 1 7  VAL 7  6  ?  ?   ?   B . n 
B 1 8  GLU 8  7  7  GLU GLU B . n 
B 1 9  VAL 9  8  8  VAL VAL B . n 
B 1 10 LYS 10 9  9  LYS LYS B . n 
B 1 11 TYR 11 10 10 TYR TYR B . n 
B 1 12 PRO 12 11 11 PRO PRO B . n 
B 1 13 ALA 13 12 12 ALA ALA B . n 
B 1 14 ILE 14 13 13 ILE ILE B . n 
B 1 15 PHE 15 14 14 PHE PHE B . n 
B 1 16 ARG 16 15 15 ARG ARG B . n 
B 1 17 ASP 17 16 16 ASP ASP B . n 
B 1 18 GLU 18 17 17 GLU GLU B . n 
B 1 19 GLY 19 18 18 GLY GLY B . n 
B 1 20 THR 20 19 19 THR THR B . n 
B 1 21 TYR 21 20 20 TYR TYR B . n 
B 1 22 TRP 22 21 21 TRP TRP B . n 
B 1 23 ASP 23 22 22 ASP ASP B . n 
B 1 24 VAL 24 23 23 VAL VAL B . n 
B 1 25 ARG 25 24 24 ARG ARG B . n 
B 1 26 PHE 26 25 25 PHE PHE B . n 
B 1 27 PRO 27 26 26 PRO PRO B . n 
B 1 28 ASP 28 27 27 ASP ASP B . n 
B 1 29 VAL 29 28 28 VAL VAL B . n 
B 1 30 PRO 30 29 29 PRO PRO B . n 
B 1 31 ALA 31 30 30 ALA ALA B . n 
B 1 32 ALA 32 31 31 ALA ALA B . n 
B 1 33 GLN 33 32 32 GLN GLN B . n 
B 1 34 THR 34 33 33 THR THR B . n 
B 1 35 PHE 35 34 34 PHE PHE B . n 
B 1 36 GLY 36 35 35 GLY GLY B . n 
B 1 37 ALA 37 36 36 ALA ALA B . n 
B 1 38 SER 38 37 37 SER SER B . n 
B 1 39 VAL 39 38 38 VAL VAL B . n 
B 1 40 GLN 40 39 39 GLN GLN B . n 
B 1 41 VAL 41 40 40 VAL VAL B . n 
B 1 42 ALA 42 41 41 ALA ALA B . n 
B 1 43 ALA 43 42 42 ALA ALA B . n 
B 1 44 ASP 44 43 43 ASP ASP B . n 
B 1 45 ASN 45 44 44 ASN ASN B . n 
B 1 46 ALA 46 45 45 ALA ALA B . n 
B 1 47 ALA 47 46 46 ALA ALA B . n 
B 1 48 ASN 48 47 47 ASN ASN B . n 
B 1 49 ALA 49 48 48 ALA ALA B . n 
B 1 50 LEU 50 49 49 LEU LEU B . n 
B 1 51 ALA 51 50 50 ALA ALA B . n 
B 1 52 ILE 52 51 51 ILE ILE B . n 
B 1 53 ALA 53 52 52 ALA ALA B . n 
B 1 54 LEU 54 53 53 LEU LEU B . n 
B 1 55 PHE 55 54 54 PHE PHE B . n 
B 1 56 GLU 56 55 55 GLU GLU B . n 
B 1 57 GLN 57 56 56 GLN GLN B . n 
B 1 58 SER 58 57 57 SER SER B . n 
B 1 59 LEU 59 58 58 LEU LEU B . n 
B 1 60 PRO 60 59 59 PRO PRO B . n 
B 1 61 PRO 61 60 60 PRO PRO B . n 
B 1 62 ALA 62 61 61 ALA ALA B . n 
B 1 63 SER 63 62 62 SER SER B . n 
B 1 64 ASP 64 63 63 ASP ASP B . n 
B 1 65 PRO 65 64 64 PRO PRO B . n 
B 1 66 GLN 66 65 65 GLN GLN B . n 
B 1 67 TYR 67 66 66 TYR TYR B . n 
B 1 68 TRP 68 67 67 TRP TRP B . n 
B 1 69 ARG 69 68 68 ARG ARG B . n 
B 1 70 LEU 70 69 69 LEU LEU B . n 
B 1 71 ALA 71 70 70 ALA ALA B . n 
B 1 72 SER 72 71 71 SER SER B . n 
B 1 73 THR 73 72 72 THR THR B . n 
B 1 74 GLU 74 73 73 GLU GLU B . n 
B 1 75 PHE 75 74 74 PHE PHE B . n 
B 1 76 VAL 76 75 75 VAL VAL B . n 
B 1 77 VAL 77 76 76 VAL VAL B . n 
B 1 78 TRP 78 77 77 TRP TRP B . n 
B 1 79 ILE 79 78 78 ILE ILE B . n 
B 1 80 THR 80 79 79 THR THR B . n 
B 1 81 MSE 81 80 80 MSE MSE B . n 
B 1 82 ALA 82 81 81 ALA ALA B . n 
B 1 83 ASP 83 82 82 ASP ASP B . n 
B 1 84 VAL 84 83 83 VAL VAL B . n 
B 1 85 GLN 85 84 84 GLN GLN B . n 
B 1 86 PHE 86 85 85 PHE PHE B . n 
B 1 87 GLY 87 86 86 GLY GLY B . n 
B 1 88 PRO 88 87 87 PRO PRO B . n 
B 1 89 GLY 89 88 88 GLY GLY B . n 
B 1 90 ALA 90 89 ?  ?   ?   B . n 
B 1 91 ASP 91 90 ?  ?   ?   B . n 
B 1 92 THR 92 91 ?  ?   ?   B . n 
B 1 93 PRO 93 92 ?  ?   ?   B . n 
B 1 94 GLU 94 93 ?  ?   ?   B . n 
B 1 95 PRO 95 94 ?  ?   ?   B . n 
B 1 96 MSE 96 95 ?  ?   ?   B . n 
B 1 97 ASN 97 96 ?  ?   ?   B . n 
# 
loop_
_pdbx_nonpoly_scheme.asym_id 
_pdbx_nonpoly_scheme.entity_id 
_pdbx_nonpoly_scheme.mon_id 
_pdbx_nonpoly_scheme.ndb_seq_num 
_pdbx_nonpoly_scheme.pdb_seq_num 
_pdbx_nonpoly_scheme.auth_seq_num 
_pdbx_nonpoly_scheme.pdb_mon_id 
_pdbx_nonpoly_scheme.auth_mon_id 
_pdbx_nonpoly_scheme.pdb_strand_id 
_pdbx_nonpoly_scheme.pdb_ins_code 
C 2 SO4 1   97  1   SO4 SO4 A . 
D 3 GOL 1   98  2   GOL GOL A . 
E 4 HOH 1   99  99  HOH HOH A . 
E 4 HOH 2   100 5   HOH HOH A . 
E 4 HOH 3   101 6   HOH HOH A . 
E 4 HOH 4   102 7   HOH HOH A . 
E 4 HOH 5   103 9   HOH HOH A . 
E 4 HOH 6   104 104 HOH HOH A . 
E 4 HOH 7   105 105 HOH HOH A . 
E 4 HOH 8   106 10  HOH HOH A . 
E 4 HOH 9   107 11  HOH HOH A . 
E 4 HOH 10  108 12  HOH HOH A . 
E 4 HOH 11  109 13  HOH HOH A . 
E 4 HOH 12  110 15  HOH HOH A . 
E 4 HOH 13  111 111 HOH HOH A . 
E 4 HOH 14  112 112 HOH HOH A . 
E 4 HOH 15  113 113 HOH HOH A . 
E 4 HOH 16  114 114 HOH HOH A . 
E 4 HOH 17  115 115 HOH HOH A . 
E 4 HOH 18  116 116 HOH HOH A . 
E 4 HOH 19  117 117 HOH HOH A . 
E 4 HOH 20  118 118 HOH HOH A . 
E 4 HOH 21  119 17  HOH HOH A . 
E 4 HOH 22  120 120 HOH HOH A . 
E 4 HOH 23  121 18  HOH HOH A . 
E 4 HOH 24  122 20  HOH HOH A . 
E 4 HOH 25  123 123 HOH HOH A . 
E 4 HOH 26  124 124 HOH HOH A . 
E 4 HOH 27  125 125 HOH HOH A . 
E 4 HOH 28  126 22  HOH HOH A . 
E 4 HOH 29  127 127 HOH HOH A . 
E 4 HOH 30  128 23  HOH HOH A . 
E 4 HOH 31  129 129 HOH HOH A . 
E 4 HOH 32  130 130 HOH HOH A . 
E 4 HOH 33  131 24  HOH HOH A . 
E 4 HOH 34  132 25  HOH HOH A . 
E 4 HOH 35  133 26  HOH HOH A . 
E 4 HOH 36  134 27  HOH HOH A . 
E 4 HOH 37  135 29  HOH HOH A . 
E 4 HOH 38  136 31  HOH HOH A . 
E 4 HOH 39  137 137 HOH HOH A . 
E 4 HOH 40  138 36  HOH HOH A . 
E 4 HOH 41  139 38  HOH HOH A . 
E 4 HOH 42  140 39  HOH HOH A . 
E 4 HOH 43  141 141 HOH HOH A . 
E 4 HOH 44  142 40  HOH HOH A . 
E 4 HOH 45  143 143 HOH HOH A . 
E 4 HOH 46  144 144 HOH HOH A . 
E 4 HOH 47  145 145 HOH HOH A . 
E 4 HOH 48  146 146 HOH HOH A . 
E 4 HOH 49  147 41  HOH HOH A . 
E 4 HOH 50  148 50  HOH HOH A . 
E 4 HOH 51  149 51  HOH HOH A . 
E 4 HOH 52  150 54  HOH HOH A . 
E 4 HOH 53  151 55  HOH HOH A . 
E 4 HOH 54  152 152 HOH HOH A . 
E 4 HOH 55  153 153 HOH HOH A . 
E 4 HOH 56  154 154 HOH HOH A . 
E 4 HOH 57  155 57  HOH HOH A . 
E 4 HOH 58  156 58  HOH HOH A . 
E 4 HOH 59  157 157 HOH HOH A . 
E 4 HOH 60  158 61  HOH HOH A . 
E 4 HOH 61  159 159 HOH HOH A . 
E 4 HOH 62  160 160 HOH HOH A . 
E 4 HOH 63  161 161 HOH HOH A . 
E 4 HOH 64  162 62  HOH HOH A . 
E 4 HOH 65  163 65  HOH HOH A . 
E 4 HOH 66  164 66  HOH HOH A . 
E 4 HOH 67  165 165 HOH HOH A . 
E 4 HOH 68  166 69  HOH HOH A . 
E 4 HOH 69  167 167 HOH HOH A . 
E 4 HOH 70  168 168 HOH HOH A . 
E 4 HOH 71  169 169 HOH HOH A . 
E 4 HOH 72  170 170 HOH HOH A . 
E 4 HOH 73  171 171 HOH HOH A . 
E 4 HOH 74  172 71  HOH HOH A . 
E 4 HOH 75  173 173 HOH HOH A . 
E 4 HOH 76  174 73  HOH HOH A . 
E 4 HOH 77  175 74  HOH HOH A . 
E 4 HOH 78  176 176 HOH HOH A . 
E 4 HOH 79  177 177 HOH HOH A . 
E 4 HOH 80  178 76  HOH HOH A . 
E 4 HOH 81  179 78  HOH HOH A . 
E 4 HOH 82  180 180 HOH HOH A . 
E 4 HOH 83  181 181 HOH HOH A . 
E 4 HOH 84  182 182 HOH HOH A . 
E 4 HOH 85  183 183 HOH HOH A . 
E 4 HOH 86  184 184 HOH HOH A . 
E 4 HOH 87  185 81  HOH HOH A . 
E 4 HOH 88  186 82  HOH HOH A . 
E 4 HOH 89  187 84  HOH HOH A . 
E 4 HOH 90  188 188 HOH HOH A . 
E 4 HOH 91  189 87  HOH HOH A . 
E 4 HOH 92  190 88  HOH HOH A . 
E 4 HOH 93  191 191 HOH HOH A . 
E 4 HOH 94  192 192 HOH HOH A . 
E 4 HOH 95  193 89  HOH HOH A . 
E 4 HOH 96  194 194 HOH HOH A . 
E 4 HOH 97  195 90  HOH HOH A . 
E 4 HOH 98  196 196 HOH HOH A . 
E 4 HOH 99  197 197 HOH HOH A . 
E 4 HOH 100 198 91  HOH HOH A . 
E 4 HOH 101 199 199 HOH HOH A . 
E 4 HOH 102 200 200 HOH HOH A . 
E 4 HOH 103 201 201 HOH HOH A . 
E 4 HOH 104 202 92  HOH HOH A . 
E 4 HOH 105 203 97  HOH HOH A . 
E 4 HOH 106 204 204 HOH HOH A . 
E 4 HOH 107 205 205 HOH HOH A . 
E 4 HOH 108 206 98  HOH HOH A . 
E 4 HOH 109 207 207 HOH HOH A . 
E 4 HOH 110 208 208 HOH HOH A . 
E 4 HOH 111 209 209 HOH HOH A . 
E 4 HOH 112 210 210 HOH HOH A . 
E 4 HOH 113 211 179 HOH HOH A . 
E 4 HOH 114 213 213 HOH HOH A . 
E 4 HOH 115 214 214 HOH HOH A . 
E 4 HOH 116 217 217 HOH HOH A . 
E 4 HOH 117 218 218 HOH HOH A . 
E 4 HOH 118 220 220 HOH HOH A . 
F 4 HOH 1   97  3   HOH HOH B . 
F 4 HOH 2   98  4   HOH HOH B . 
F 4 HOH 3   99  8   HOH HOH B . 
F 4 HOH 4   100 100 HOH HOH B . 
F 4 HOH 5   101 101 HOH HOH B . 
F 4 HOH 6   102 102 HOH HOH B . 
F 4 HOH 7   103 103 HOH HOH B . 
F 4 HOH 8   104 14  HOH HOH B . 
F 4 HOH 9   105 16  HOH HOH B . 
F 4 HOH 10  106 106 HOH HOH B . 
F 4 HOH 11  107 107 HOH HOH B . 
F 4 HOH 12  108 108 HOH HOH B . 
F 4 HOH 13  109 109 HOH HOH B . 
F 4 HOH 14  110 110 HOH HOH B . 
F 4 HOH 15  111 19  HOH HOH B . 
F 4 HOH 16  112 21  HOH HOH B . 
F 4 HOH 17  113 28  HOH HOH B . 
F 4 HOH 18  114 30  HOH HOH B . 
F 4 HOH 19  115 32  HOH HOH B . 
F 4 HOH 20  116 33  HOH HOH B . 
F 4 HOH 21  117 34  HOH HOH B . 
F 4 HOH 22  118 35  HOH HOH B . 
F 4 HOH 23  119 119 HOH HOH B . 
F 4 HOH 24  120 37  HOH HOH B . 
F 4 HOH 25  121 121 HOH HOH B . 
F 4 HOH 26  122 122 HOH HOH B . 
F 4 HOH 27  123 42  HOH HOH B . 
F 4 HOH 28  124 43  HOH HOH B . 
F 4 HOH 29  125 44  HOH HOH B . 
F 4 HOH 30  126 126 HOH HOH B . 
F 4 HOH 31  127 45  HOH HOH B . 
F 4 HOH 32  128 128 HOH HOH B . 
F 4 HOH 33  129 46  HOH HOH B . 
F 4 HOH 34  130 47  HOH HOH B . 
F 4 HOH 35  131 131 HOH HOH B . 
F 4 HOH 36  132 132 HOH HOH B . 
F 4 HOH 37  133 133 HOH HOH B . 
F 4 HOH 38  134 134 HOH HOH B . 
F 4 HOH 39  135 135 HOH HOH B . 
F 4 HOH 40  136 136 HOH HOH B . 
F 4 HOH 41  137 48  HOH HOH B . 
F 4 HOH 42  138 138 HOH HOH B . 
F 4 HOH 43  139 139 HOH HOH B . 
F 4 HOH 44  140 140 HOH HOH B . 
F 4 HOH 45  141 49  HOH HOH B . 
F 4 HOH 46  142 142 HOH HOH B . 
F 4 HOH 47  143 52  HOH HOH B . 
F 4 HOH 48  144 53  HOH HOH B . 
F 4 HOH 49  145 56  HOH HOH B . 
F 4 HOH 50  146 59  HOH HOH B . 
F 4 HOH 51  147 147 HOH HOH B . 
F 4 HOH 52  148 148 HOH HOH B . 
F 4 HOH 53  149 149 HOH HOH B . 
F 4 HOH 54  150 150 HOH HOH B . 
F 4 HOH 55  151 151 HOH HOH B . 
F 4 HOH 56  152 60  HOH HOH B . 
F 4 HOH 57  153 63  HOH HOH B . 
F 4 HOH 58  154 64  HOH HOH B . 
F 4 HOH 59  155 155 HOH HOH B . 
F 4 HOH 60  156 156 HOH HOH B . 
F 4 HOH 61  157 67  HOH HOH B . 
F 4 HOH 62  158 158 HOH HOH B . 
F 4 HOH 63  159 68  HOH HOH B . 
F 4 HOH 64  160 70  HOH HOH B . 
F 4 HOH 65  161 72  HOH HOH B . 
F 4 HOH 66  162 162 HOH HOH B . 
F 4 HOH 67  163 163 HOH HOH B . 
F 4 HOH 68  164 164 HOH HOH B . 
F 4 HOH 69  165 75  HOH HOH B . 
F 4 HOH 70  166 166 HOH HOH B . 
F 4 HOH 71  167 77  HOH HOH B . 
F 4 HOH 72  168 79  HOH HOH B . 
F 4 HOH 73  169 80  HOH HOH B . 
F 4 HOH 74  170 83  HOH HOH B . 
F 4 HOH 75  171 85  HOH HOH B . 
F 4 HOH 76  172 172 HOH HOH B . 
F 4 HOH 77  173 86  HOH HOH B . 
F 4 HOH 78  174 174 HOH HOH B . 
F 4 HOH 79  175 175 HOH HOH B . 
F 4 HOH 80  176 93  HOH HOH B . 
F 4 HOH 81  177 94  HOH HOH B . 
F 4 HOH 82  178 178 HOH HOH B . 
F 4 HOH 83  180 95  HOH HOH B . 
F 4 HOH 84  181 96  HOH HOH B . 
F 4 HOH 85  185 185 HOH HOH B . 
F 4 HOH 86  186 186 HOH HOH B . 
F 4 HOH 87  187 187 HOH HOH B . 
F 4 HOH 88  189 189 HOH HOH B . 
F 4 HOH 89  190 190 HOH HOH B . 
F 4 HOH 90  193 193 HOH HOH B . 
F 4 HOH 91  195 195 HOH HOH B . 
F 4 HOH 92  198 198 HOH HOH B . 
F 4 HOH 93  202 202 HOH HOH B . 
F 4 HOH 94  203 203 HOH HOH B . 
F 4 HOH 95  206 206 HOH HOH B . 
F 4 HOH 96  211 211 HOH HOH B . 
F 4 HOH 97  212 212 HOH HOH B . 
F 4 HOH 98  215 215 HOH HOH B . 
F 4 HOH 99  216 216 HOH HOH B . 
F 4 HOH 100 219 219 HOH HOH B . 
# 
loop_
_pdbx_unobs_or_zero_occ_atoms.id 
_pdbx_unobs_or_zero_occ_atoms.PDB_model_num 
_pdbx_unobs_or_zero_occ_atoms.polymer_flag 
_pdbx_unobs_or_zero_occ_atoms.occupancy_flag 
_pdbx_unobs_or_zero_occ_atoms.auth_asym_id 
_pdbx_unobs_or_zero_occ_atoms.auth_comp_id 
_pdbx_unobs_or_zero_occ_atoms.auth_seq_id 
_pdbx_unobs_or_zero_occ_atoms.PDB_ins_code 
_pdbx_unobs_or_zero_occ_atoms.auth_atom_id 
_pdbx_unobs_or_zero_occ_atoms.label_alt_id 
_pdbx_unobs_or_zero_occ_atoms.label_asym_id 
_pdbx_unobs_or_zero_occ_atoms.label_comp_id 
_pdbx_unobs_or_zero_occ_atoms.label_seq_id 
_pdbx_unobs_or_zero_occ_atoms.label_atom_id 
1  1 Y 1 A ARG 68 ? CG  ? A ARG 69 CG  
2  1 Y 1 A ARG 68 ? CD  ? A ARG 69 CD  
3  1 Y 1 A ARG 68 ? NE  ? A ARG 69 NE  
4  1 Y 1 A ARG 68 ? CZ  ? A ARG 69 CZ  
5  1 Y 1 A ARG 68 ? NH1 ? A ARG 69 NH1 
6  1 Y 1 A ARG 68 ? NH2 ? A ARG 69 NH2 
7  1 Y 1 B GLU 7  ? CG  ? B GLU 8  CG  
8  1 Y 1 B GLU 7  ? CD  ? B GLU 8  CD  
9  1 Y 1 B GLU 7  ? OE1 ? B GLU 8  OE1 
10 1 Y 1 B GLU 7  ? OE2 ? B GLU 8  OE2 
# 
loop_
_software.name 
_software.version 
_software.date 
_software.type 
_software.contact_author 
_software.contact_author_email 
_software.classification 
_software.location 
_software.language 
_software.citation_id 
_software.pdbx_ordinal 
REFMAC      5.5.0053 ?               program 'Garib N. Murshudov'         garib@ysbl.york.ac.uk                refinement        
http://www.ccp4.ac.uk/dist/html/refmac5.html                                Fortran_77 ? 1 
PHENIX      .        ?               package 'P.D. Adams'                 PDAdams@lbl.gov                      refinement        
http://www.phenix-online.org/                                               C++        ? 2 
SHELX       .        ?               package 'George M. Sheldrick'        gsheldr@shelx.uni-ac.gwdg.de         phasing           
http://shelx.uni-ac.gwdg.de/SHELX/                                          Fortran_77 ? 3 
MolProbity  3beta29  ?               package 'D.C. & J.S. Richardson lab' molprobity@kinemage.biochem.duke.edu 'model building'  
http://kinemage.biochem.duke.edu/molprobity/                                ?          ? 4 
XSCALE      .        ?               package 'Wolfgang Kabsch'            ?                                    'data scaling'    
http://www.mpimf-heidelberg.mpg.de/~kabsch/xds/html_doc/xscale_program.html ?          ? 5 
PDB_EXTRACT 3.006    'June 11, 2008' package PDB                          help@deposit.rcsb.org                'data extraction' 
http://sw-tools.pdb.org/apps/PDB_EXTRACT/                                   C++        ? 6 
XDS         .        ?               ?       ?                            ?                                    'data reduction'  ? 
?          ? 7 
autoSHARP   .        ?               ?       ?                            ?                                    phasing           ? 
?          ? 8 
# 
_cell.entry_id           3KWR 
_cell.length_a           104.869 
_cell.length_b           104.869 
_cell.length_c           35.979 
_cell.angle_alpha        90.000 
_cell.angle_beta         90.000 
_cell.angle_gamma        120.000 
_cell.pdbx_unique_axis   ? 
_cell.Z_PDB              12 
_cell.length_a_esd       ? 
_cell.length_b_esd       ? 
_cell.length_c_esd       ? 
_cell.angle_alpha_esd    ? 
_cell.angle_beta_esd     ? 
_cell.angle_gamma_esd    ? 
# 
_symmetry.entry_id                         3KWR 
_symmetry.Int_Tables_number                171 
_symmetry.space_group_name_H-M             'P 62' 
_symmetry.pdbx_full_space_group_name_H-M   ? 
_symmetry.cell_setting                     ? 
_symmetry.space_group_name_Hall            ? 
# 
_exptl.crystals_number   1 
_exptl.method            'X-RAY DIFFRACTION' 
_exptl.entry_id          3KWR 
# 
_exptl_crystal.id                    1 
_exptl_crystal.density_Matthews      2.64 
_exptl_crystal.density_meas          ? 
_exptl_crystal.density_percent_sol   53.43 
_exptl_crystal.description           ? 
_exptl_crystal.F_000                 ? 
_exptl_crystal.preparation           ? 
# 
_exptl_crystal_grow.crystal_id      1 
_exptl_crystal_grow.method          'VAPOR DIFFUSION, SITTING DROP' 
_exptl_crystal_grow.pH              9.0 
_exptl_crystal_grow.temp            277 
_exptl_crystal_grow.pdbx_details    
'0.8000M (NH4)2SO4, 0.1M Bicine pH 9.0, NANODROP, VAPOR DIFFUSION, SITTING DROP, temperature 277K' 
_exptl_crystal_grow.temp_details    ? 
_exptl_crystal_grow.pdbx_pH_range   ? 
# 
_diffrn.id                     1 
_diffrn.ambient_temp           100 
_diffrn.ambient_temp_details   ? 
_diffrn.crystal_id             1 
# 
_diffrn_detector.diffrn_id              1 
_diffrn_detector.detector               CCD 
_diffrn_detector.type                   'MARMOSAIC 325 mm CCD' 
_diffrn_detector.details                'Flat collimating mirror, toroid focusing mirror' 
_diffrn_detector.pdbx_collection_date   2009-07-30 
# 
_diffrn_radiation.diffrn_id                        1 
_diffrn_radiation.pdbx_monochromatic_or_laue_m_l   M 
_diffrn_radiation.monochromator                    'Double crystal monochromator' 
_diffrn_radiation.pdbx_diffrn_protocol             'SINGLE WAVELENGTH' 
_diffrn_radiation.wavelength_id                    1 
_diffrn_radiation.pdbx_scattering_type             x-ray 
# 
_diffrn_radiation_wavelength.id           1 
_diffrn_radiation_wavelength.wavelength   0.97911 
_diffrn_radiation_wavelength.wt           1.0 
# 
_diffrn_source.diffrn_id                   1 
_diffrn_source.source                      SYNCHROTRON 
_diffrn_source.pdbx_synchrotron_beamline   BL9-2 
_diffrn_source.type                        'SSRL BEAMLINE BL9-2' 
_diffrn_source.pdbx_wavelength             0.97911 
_diffrn_source.pdbx_wavelength_list        ? 
_diffrn_source.pdbx_synchrotron_site       SSRL 
# 
_reflns.entry_id                     3KWR 
_reflns.d_resolution_high            1.45 
_reflns.d_resolution_low             29.670 
_reflns.number_obs                   40229 
_reflns.pdbx_Rmerge_I_obs            0.041 
_reflns.pdbx_netI_over_sigmaI        16.580 
_reflns.percent_possible_obs         97.000 
_reflns.B_iso_Wilson_estimate        16.746 
_reflns.observed_criterion_sigma_I   -3.00 
_reflns.observed_criterion_sigma_F   ? 
_reflns.number_all                   ? 
_reflns.pdbx_Rsym_value              ? 
_reflns.pdbx_redundancy              ? 
_reflns.R_free_details               ? 
_reflns.limit_h_max                  ? 
_reflns.limit_h_min                  ? 
_reflns.limit_k_max                  ? 
_reflns.limit_k_min                  ? 
_reflns.limit_l_max                  ? 
_reflns.limit_l_min                  ? 
_reflns.observed_criterion_F_max     ? 
_reflns.observed_criterion_F_min     ? 
_reflns.pdbx_chi_squared             ? 
_reflns.pdbx_scaling_rejects         ? 
_reflns.pdbx_ordinal                 1 
_reflns.pdbx_diffrn_id               1 
# 
loop_
_reflns_shell.d_res_high 
_reflns_shell.d_res_low 
_reflns_shell.number_measured_obs 
_reflns_shell.number_measured_all 
_reflns_shell.number_unique_obs 
_reflns_shell.Rmerge_I_obs 
_reflns_shell.meanI_over_sigI_obs 
_reflns_shell.pdbx_Rsym_value 
_reflns_shell.pdbx_chi_squared 
_reflns_shell.pdbx_redundancy 
_reflns_shell.percent_possible_obs 
_reflns_shell.number_unique_all 
_reflns_shell.percent_possible_all 
_reflns_shell.pdbx_ordinal 
_reflns_shell.pdbx_diffrn_id 
1.45 1.50 15319 ? 6918 0.592 1.6  ? ? ? ? ? 90.30 1  1 
1.50 1.56 18639 ? 7539 0.417 2.5  ? ? ? ? ? 96.30 2  1 
1.56 1.63 19394 ? 7550 0.336 3.1  ? ? ? ? ? 96.70 3  1 
1.63 1.72 21155 ? 7968 0.220 4.8  ? ? ? ? ? 97.20 4  1 
1.72 1.83 21186 ? 7746 0.140 7.6  ? ? ? ? ? 97.40 5  1 
1.83 1.97 21255 ? 7541 0.091 11.6 ? ? ? ? ? 97.30 6  1 
1.97 2.17 22190 ? 7751 0.058 17.5 ? ? ? ? ? 98.00 7  1 
2.17 2.48 31341 ? 7582 0.058 24.9 ? ? ? ? ? 98.40 8  1 
2.48 3.12 43910 ? 7728 0.044 36.0 ? ? ? ? ? 99.00 9  1 
3.12 ?    45405 ? 7844 0.025 53.8 ? ? ? ? ? 99.10 10 1 
# 
_refine.entry_id                                 3KWR 
_refine.ls_d_res_high                            1.450 
_refine.ls_d_res_low                             29.670 
_refine.pdbx_ls_sigma_F                          0.00 
_refine.pdbx_data_cutoff_high_absF               ? 
_refine.pdbx_data_cutoff_low_absF                ? 
_refine.ls_percent_reflns_obs                    99.670 
_refine.ls_number_reflns_obs                     40213 
_refine.ls_number_reflns_all                     ? 
_refine.pdbx_ls_cross_valid_method               THROUGHOUT 
_refine.pdbx_R_Free_selection_details            RANDOM 
_refine.details                                  
;1.HYDROGENS HAVE BEEN ADDED IN THE RIDING POSITIONS. 2.ATOM RECORDS CONTAIN RESIDUAL B FACTORS ONLY. 3.A MET-INHIBITION PROTOCOL WAS USED FOR SELENOMETHIONINE INCORPORATION DURING PROTEIN EXPRESSION. THE OCCUPANCY OF THE SE ATOMS IN THE MSE RESIDUES WAS REDUCED TO 0.75 TO ACCOUNT FOR THE REDUCED SCATTERING POWER DUE TO PARTIAL S-MET INCORPORATION. 4.SULPHATE ANION (SO4) FROM CRYSTALLIZATION AND GLYCEROL MOLECULE (GOL) FROM CRYOPROTECTANT ARE MODELED IN THE STRUCTURE.
;
_refine.ls_R_factor_all                          ? 
_refine.ls_R_factor_obs                          0.164 
_refine.ls_R_factor_R_work                       0.163 
_refine.ls_wR_factor_R_work                      ? 
_refine.ls_R_factor_R_free                       0.181 
_refine.ls_wR_factor_R_free                      ? 
_refine.ls_percent_reflns_R_free                 5.000 
_refine.ls_number_reflns_R_free                  2017 
_refine.ls_R_factor_R_free_error                 ? 
_refine.B_iso_mean                               14.125 
_refine.solvent_model_param_bsol                 ? 
_refine.solvent_model_param_ksol                 ? 
_refine.pdbx_isotropic_thermal_model             ? 
_refine.aniso_B[1][1]                            -0.350 
_refine.aniso_B[2][2]                            -0.350 
_refine.aniso_B[3][3]                            0.530 
_refine.aniso_B[1][2]                            -0.180 
_refine.aniso_B[1][3]                            0.000 
_refine.aniso_B[2][3]                            0.000 
_refine.correlation_coeff_Fo_to_Fc               0.967 
_refine.correlation_coeff_Fo_to_Fc_free          0.961 
_refine.overall_SU_R_Cruickshank_DPI             ? 
_refine.overall_SU_R_free                        ? 
_refine.pdbx_overall_ESU_R                       0.054 
_refine.pdbx_overall_ESU_R_Free                  0.055 
_refine.overall_SU_ML                            0.033 
_refine.overall_SU_B                             1.892 
_refine.solvent_model_details                    MASK 
_refine.pdbx_solvent_vdw_probe_radii             1.200 
_refine.pdbx_solvent_ion_probe_radii             0.800 
_refine.pdbx_solvent_shrinkage_radii             0.800 
_refine.ls_number_parameters                     ? 
_refine.ls_number_restraints                     ? 
_refine.pdbx_method_to_determine_struct          SAD 
_refine.pdbx_stereochemistry_target_values       'MAXIMUM LIKELIHOOD WITH PHASES' 
_refine.pdbx_stereochem_target_val_spec_case     ? 
_refine.overall_FOM_work_R_set                   ? 
_refine.B_iso_max                                53.51 
_refine.B_iso_min                                4.45 
_refine.occupancy_max                            1.00 
_refine.occupancy_min                            0.30 
_refine.pdbx_ls_sigma_I                          ? 
_refine.ls_redundancy_reflns_obs                 ? 
_refine.ls_R_factor_R_free_error_details         ? 
_refine.pdbx_starting_model                      ? 
_refine.pdbx_data_cutoff_high_rms_absF           ? 
_refine.overall_FOM_free_R_set                   ? 
_refine.pdbx_overall_phase_error                 ? 
_refine.pdbx_refine_id                           'X-RAY DIFFRACTION' 
_refine.pdbx_TLS_residual_ADP_flag               'LIKELY RESIDUAL' 
_refine.pdbx_diffrn_id                           1 
_refine.pdbx_overall_SU_R_free_Cruickshank_DPI   ? 
_refine.pdbx_overall_SU_R_Blow_DPI               ? 
_refine.pdbx_overall_SU_R_free_Blow_DPI          ? 
# 
_refine_hist.pdbx_refine_id                   'X-RAY DIFFRACTION' 
_refine_hist.cycle_id                         LAST 
_refine_hist.pdbx_number_atoms_protein        1271 
_refine_hist.pdbx_number_atoms_nucleic_acid   0 
_refine_hist.pdbx_number_atoms_ligand         11 
_refine_hist.number_atoms_solvent             218 
_refine_hist.number_atoms_total               1500 
_refine_hist.d_res_high                       1.450 
_refine_hist.d_res_low                        29.670 
# 
loop_
_refine_ls_restr.type 
_refine_ls_restr.pdbx_refine_id 
_refine_ls_restr.number 
_refine_ls_restr.dev_ideal 
_refine_ls_restr.dev_ideal_target 
_refine_ls_restr.weight 
_refine_ls_restr.pdbx_restraint_function 
r_bond_refined_d       'X-RAY DIFFRACTION' 1433 0.015  0.022  ? ? 
r_bond_other_d         'X-RAY DIFFRACTION' 918  0.001  0.020  ? ? 
r_angle_refined_deg    'X-RAY DIFFRACTION' 1982 1.485  1.930  ? ? 
r_angle_other_deg      'X-RAY DIFFRACTION' 2234 0.878  3.000  ? ? 
r_dihedral_angle_1_deg 'X-RAY DIFFRACTION' 184  5.867  5.000  ? ? 
r_dihedral_angle_2_deg 'X-RAY DIFFRACTION' 71   32.904 24.648 ? ? 
r_dihedral_angle_3_deg 'X-RAY DIFFRACTION' 183  9.916  15.000 ? ? 
r_dihedral_angle_4_deg 'X-RAY DIFFRACTION' 7    17.857 15.000 ? ? 
r_chiral_restr         'X-RAY DIFFRACTION' 207  0.098  0.200  ? ? 
r_gen_planes_refined   'X-RAY DIFFRACTION' 1690 0.008  0.021  ? ? 
r_gen_planes_other     'X-RAY DIFFRACTION' 311  0.002  0.020  ? ? 
r_mcbond_it            'X-RAY DIFFRACTION' 894  0.915  1.500  ? ? 
r_mcbond_other         'X-RAY DIFFRACTION' 344  0.281  1.500  ? ? 
r_mcangle_it           'X-RAY DIFFRACTION' 1451 1.549  2.000  ? ? 
r_scbond_it            'X-RAY DIFFRACTION' 539  2.378  3.000  ? ? 
r_scangle_it           'X-RAY DIFFRACTION' 531  3.520  4.500  ? ? 
# 
loop_
_refine_ls_restr_ncs.pdbx_refine_id 
_refine_ls_restr_ncs.pdbx_ens_id 
_refine_ls_restr_ncs.dom_id 
_refine_ls_restr_ncs.pdbx_type 
_refine_ls_restr_ncs.pdbx_auth_asym_id 
_refine_ls_restr_ncs.pdbx_number 
_refine_ls_restr_ncs.rms_dev_position 
_refine_ls_restr_ncs.weight_position 
_refine_ls_restr_ncs.pdbx_ordinal 
_refine_ls_restr_ncs.ncs_model_details 
_refine_ls_restr_ncs.rms_dev_B_iso 
_refine_ls_restr_ncs.weight_B_iso 
_refine_ls_restr_ncs.pdbx_asym_id 
_refine_ls_restr_ncs.pdbx_rms 
_refine_ls_restr_ncs.pdbx_weight 
'X-RAY DIFFRACTION' 1 1 'MEDIUM POSITIONAL' A 915 1.330 0.500 1 ? ? ? ? ? ? 
'X-RAY DIFFRACTION' 1 1 'MEDIUM THERMAL'    A 915 1.100 2.000 2 ? ? ? ? ? ? 
# 
_refine_ls_shell.d_res_high                       1.451 
_refine_ls_shell.d_res_low                        1.489 
_refine_ls_shell.pdbx_total_number_of_bins_used   20 
_refine_ls_shell.percent_reflns_obs               97.050 
_refine_ls_shell.number_reflns_R_work             2745 
_refine_ls_shell.R_factor_all                     ? 
_refine_ls_shell.R_factor_R_work                  0.263 
_refine_ls_shell.R_factor_R_free                  0.271 
_refine_ls_shell.percent_reflns_R_free            ? 
_refine_ls_shell.number_reflns_R_free             149 
_refine_ls_shell.R_factor_R_free_error            ? 
_refine_ls_shell.number_reflns_all                2894 
_refine_ls_shell.number_reflns_obs                ? 
_refine_ls_shell.redundancy_reflns_obs            ? 
_refine_ls_shell.pdbx_refine_id                   'X-RAY DIFFRACTION' 
# 
loop_
_struct_ncs_dom.pdbx_ens_id 
_struct_ncs_dom.id 
_struct_ncs_dom.details 
1 1 A 
1 2 B 
# 
loop_
_struct_ncs_dom_lim.pdbx_ens_id 
_struct_ncs_dom_lim.dom_id 
_struct_ncs_dom_lim.pdbx_component_id 
_struct_ncs_dom_lim.beg_label_asym_id 
_struct_ncs_dom_lim.beg_label_comp_id 
_struct_ncs_dom_lim.beg_label_seq_id 
_struct_ncs_dom_lim.beg_label_alt_id 
_struct_ncs_dom_lim.end_label_asym_id 
_struct_ncs_dom_lim.end_label_comp_id 
_struct_ncs_dom_lim.end_label_seq_id 
_struct_ncs_dom_lim.end_label_alt_id 
_struct_ncs_dom_lim.beg_auth_asym_id 
_struct_ncs_dom_lim.beg_auth_comp_id 
_struct_ncs_dom_lim.beg_auth_seq_id 
_struct_ncs_dom_lim.end_auth_asym_id 
_struct_ncs_dom_lim.end_auth_comp_id 
_struct_ncs_dom_lim.end_auth_seq_id 
_struct_ncs_dom_lim.pdbx_refine_code 
_struct_ncs_dom_lim.selection_details 
1 1 1 A GLU 8 . A GLY 89 . A GLU 7 A GLY 88 4 ? 
1 2 1 B GLU 8 . B GLY 89 . B GLU 7 B GLY 88 4 ? 
# 
_struct_ncs_ens.id        1 
_struct_ncs_ens.details   ? 
# 
_struct.entry_id                  3KWR 
_struct.title                     
'Crystal structure of Putative RNA-binding protein (NP_785364.1) from LACTOBACILLUS PLANTARUM at 1.45 A resolution' 
_struct.pdbx_model_details        ? 
_struct.pdbx_CASP_flag            ? 
_struct.pdbx_model_type_details   ? 
# 
_struct_keywords.text            
;Putative RNA-binding protein, Structural Genomics, Joint Center for Structural Genomics, JCSG, Protein Structure Initiative, PSI-2, RNA BINDING PROTEIN
;
_struct_keywords.pdbx_keywords   'RNA BINDING PROTEIN' 
_struct_keywords.entry_id        3KWR 
# 
loop_
_struct_asym.id 
_struct_asym.pdbx_blank_PDB_chainid_flag 
_struct_asym.pdbx_modified 
_struct_asym.entity_id 
_struct_asym.details 
A N N 1 ? 
B N N 1 ? 
C N N 2 ? 
D N N 3 ? 
E N N 4 ? 
F N N 4 ? 
# 
_struct_ref.id                         1 
_struct_ref.db_name                    UNP 
_struct_ref.db_code                    Q88W58_LACPL 
_struct_ref.pdbx_db_accession          Q88W58 
_struct_ref.entity_id                  1 
_struct_ref.pdbx_seq_one_letter_code   
;MNHNYVEVKYPAIFRDEGTYWDVRFPDVPAAQTFGASVQVAADNAANALAIALFEQSLPPASDPQYWRLASTEFVVWITM
ADVQFGPGADTPEPMN
;
_struct_ref.pdbx_align_begin           1 
_struct_ref.pdbx_db_isoform            ? 
# 
loop_
_struct_ref_seq.align_id 
_struct_ref_seq.ref_id 
_struct_ref_seq.pdbx_PDB_id_code 
_struct_ref_seq.pdbx_strand_id 
_struct_ref_seq.seq_align_beg 
_struct_ref_seq.pdbx_seq_align_beg_ins_code 
_struct_ref_seq.seq_align_end 
_struct_ref_seq.pdbx_seq_align_end_ins_code 
_struct_ref_seq.pdbx_db_accession 
_struct_ref_seq.db_align_beg 
_struct_ref_seq.pdbx_db_align_beg_ins_code 
_struct_ref_seq.db_align_end 
_struct_ref_seq.pdbx_db_align_end_ins_code 
_struct_ref_seq.pdbx_auth_seq_align_beg 
_struct_ref_seq.pdbx_auth_seq_align_end 
1 1 3KWR A 2 ? 97 ? Q88W58 1 ? 96 ? 1 96 
2 1 3KWR B 2 ? 97 ? Q88W58 1 ? 96 ? 1 96 
# 
loop_
_struct_ref_seq_dif.align_id 
_struct_ref_seq_dif.pdbx_pdb_id_code 
_struct_ref_seq_dif.mon_id 
_struct_ref_seq_dif.pdbx_pdb_strand_id 
_struct_ref_seq_dif.seq_num 
_struct_ref_seq_dif.pdbx_pdb_ins_code 
_struct_ref_seq_dif.pdbx_seq_db_name 
_struct_ref_seq_dif.pdbx_seq_db_accession_code 
_struct_ref_seq_dif.db_mon_id 
_struct_ref_seq_dif.pdbx_seq_db_seq_num 
_struct_ref_seq_dif.details 
_struct_ref_seq_dif.pdbx_auth_seq_num 
_struct_ref_seq_dif.pdbx_ordinal 
1 3KWR GLY A 1 ? UNP Q88W58 ? ? 'expression tag' 0 1 
2 3KWR GLY B 1 ? UNP Q88W58 ? ? 'expression tag' 0 2 
# 
_pdbx_struct_assembly.id                   1 
_pdbx_struct_assembly.details              author_and_software_defined_assembly 
_pdbx_struct_assembly.method_details       PISA 
_pdbx_struct_assembly.oligomeric_details   dimeric 
_pdbx_struct_assembly.oligomeric_count     2 
# 
loop_
_pdbx_struct_assembly_prop.biol_id 
_pdbx_struct_assembly_prop.type 
_pdbx_struct_assembly_prop.value 
_pdbx_struct_assembly_prop.details 
1 'ABSA (A^2)' 1730 ? 
1 MORE         -27  ? 
1 'SSA (A^2)'  9350 ? 
# 
_pdbx_struct_assembly_gen.assembly_id       1 
_pdbx_struct_assembly_gen.oper_expression   1 
_pdbx_struct_assembly_gen.asym_id_list      A,B,C,D,E,F 
# 
loop_
_pdbx_struct_assembly_auth_evidence.id 
_pdbx_struct_assembly_auth_evidence.assembly_id 
_pdbx_struct_assembly_auth_evidence.experimental_support 
_pdbx_struct_assembly_auth_evidence.details 
1 1 'gel filtration'   ? 
2 1 'light scattering' ? 
# 
_pdbx_struct_oper_list.id                   1 
_pdbx_struct_oper_list.type                 'identity operation' 
_pdbx_struct_oper_list.name                 1_555 
_pdbx_struct_oper_list.symmetry_operation   x,y,z 
_pdbx_struct_oper_list.matrix[1][1]         1.0000000000 
_pdbx_struct_oper_list.matrix[1][2]         0.0000000000 
_pdbx_struct_oper_list.matrix[1][3]         0.0000000000 
_pdbx_struct_oper_list.vector[1]            0.0000000000 
_pdbx_struct_oper_list.matrix[2][1]         0.0000000000 
_pdbx_struct_oper_list.matrix[2][2]         1.0000000000 
_pdbx_struct_oper_list.matrix[2][3]         0.0000000000 
_pdbx_struct_oper_list.vector[2]            0.0000000000 
_pdbx_struct_oper_list.matrix[3][1]         0.0000000000 
_pdbx_struct_oper_list.matrix[3][2]         0.0000000000 
_pdbx_struct_oper_list.matrix[3][3]         1.0000000000 
_pdbx_struct_oper_list.vector[3]            0.0000000000 
# 
_struct_biol.id        1 
_struct_biol.details   
;ANALYTICAL SIZE EXCLUSION CHROMATOGRAPHY WITH STATIC
LIGHT SCATTERING SUPPORTS THE ASSIGNMENT OF A DIMER AS A  
SIGNIFICANT OLIGOMERIZATION STATE.
;
# 
loop_
_struct_conf.conf_type_id 
_struct_conf.id 
_struct_conf.pdbx_PDB_helix_id 
_struct_conf.beg_label_comp_id 
_struct_conf.beg_label_asym_id 
_struct_conf.beg_label_seq_id 
_struct_conf.pdbx_beg_PDB_ins_code 
_struct_conf.end_label_comp_id 
_struct_conf.end_label_asym_id 
_struct_conf.end_label_seq_id 
_struct_conf.pdbx_end_PDB_ins_code 
_struct_conf.beg_auth_comp_id 
_struct_conf.beg_auth_asym_id 
_struct_conf.beg_auth_seq_id 
_struct_conf.end_auth_comp_id 
_struct_conf.end_auth_asym_id 
_struct_conf.end_auth_seq_id 
_struct_conf.pdbx_PDB_helix_class 
_struct_conf.details 
_struct_conf.pdbx_PDB_helix_length 
HELX_P HELX_P1 1 VAL A 29 ? GLN A 33 ? VAL A 28 GLN A 32 5 ? 5  
HELX_P HELX_P2 2 SER A 38 ? PHE A 55 ? SER A 37 PHE A 54 1 ? 18 
HELX_P HELX_P3 3 ASP A 64 ? TRP A 68 ? ASP A 63 TRP A 67 5 ? 5  
HELX_P HELX_P4 4 VAL B 29 ? GLN B 33 ? VAL B 28 GLN B 32 5 ? 5  
HELX_P HELX_P5 5 SER B 38 ? LEU B 54 ? SER B 37 LEU B 53 1 ? 17 
HELX_P HELX_P6 6 ASP B 64 ? TRP B 68 ? ASP B 63 TRP B 67 5 ? 5  
# 
_struct_conf_type.id          HELX_P 
_struct_conf_type.criteria    ? 
_struct_conf_type.reference   ? 
# 
loop_
_struct_conn.id 
_struct_conn.conn_type_id 
_struct_conn.pdbx_leaving_atom_flag 
_struct_conn.pdbx_PDB_id 
_struct_conn.ptnr1_label_asym_id 
_struct_conn.ptnr1_label_comp_id 
_struct_conn.ptnr1_label_seq_id 
_struct_conn.ptnr1_label_atom_id 
_struct_conn.pdbx_ptnr1_label_alt_id 
_struct_conn.pdbx_ptnr1_PDB_ins_code 
_struct_conn.pdbx_ptnr1_standard_comp_id 
_struct_conn.ptnr1_symmetry 
_struct_conn.ptnr2_label_asym_id 
_struct_conn.ptnr2_label_comp_id 
_struct_conn.ptnr2_label_seq_id 
_struct_conn.ptnr2_label_atom_id 
_struct_conn.pdbx_ptnr2_label_alt_id 
_struct_conn.pdbx_ptnr2_PDB_ins_code 
_struct_conn.ptnr1_auth_asym_id 
_struct_conn.ptnr1_auth_comp_id 
_struct_conn.ptnr1_auth_seq_id 
_struct_conn.ptnr2_auth_asym_id 
_struct_conn.ptnr2_auth_comp_id 
_struct_conn.ptnr2_auth_seq_id 
_struct_conn.ptnr2_symmetry 
_struct_conn.pdbx_ptnr3_label_atom_id 
_struct_conn.pdbx_ptnr3_label_seq_id 
_struct_conn.pdbx_ptnr3_label_comp_id 
_struct_conn.pdbx_ptnr3_label_asym_id 
_struct_conn.pdbx_ptnr3_label_alt_id 
_struct_conn.pdbx_ptnr3_PDB_ins_code 
_struct_conn.details 
_struct_conn.pdbx_dist_value 
_struct_conn.pdbx_value_order 
_struct_conn.pdbx_role 
covale1 covale both ? A THR 80 C ? ? ? 1_555 A MSE 81 N ? ? A THR 79 A MSE 80 1_555 ? ? ? ? ? ? ? 1.345 ? ? 
covale2 covale both ? A MSE 81 C ? ? ? 1_555 A ALA 82 N ? ? A MSE 80 A ALA 81 1_555 ? ? ? ? ? ? ? 1.335 ? ? 
covale3 covale both ? B THR 80 C ? ? ? 1_555 B MSE 81 N ? ? B THR 79 B MSE 80 1_555 ? ? ? ? ? ? ? 1.323 ? ? 
covale4 covale both ? B MSE 81 C ? ? ? 1_555 B ALA 82 N ? ? B MSE 80 B ALA 81 1_555 ? ? ? ? ? ? ? 1.327 ? ? 
# 
_struct_conn_type.id          covale 
_struct_conn_type.criteria    ? 
_struct_conn_type.reference   ? 
# 
loop_
_pdbx_modification_feature.ordinal 
_pdbx_modification_feature.label_comp_id 
_pdbx_modification_feature.label_asym_id 
_pdbx_modification_feature.label_seq_id 
_pdbx_modification_feature.label_alt_id 
_pdbx_modification_feature.modified_residue_label_comp_id 
_pdbx_modification_feature.modified_residue_label_asym_id 
_pdbx_modification_feature.modified_residue_label_seq_id 
_pdbx_modification_feature.modified_residue_label_alt_id 
_pdbx_modification_feature.auth_comp_id 
_pdbx_modification_feature.auth_asym_id 
_pdbx_modification_feature.auth_seq_id 
_pdbx_modification_feature.PDB_ins_code 
_pdbx_modification_feature.symmetry 
_pdbx_modification_feature.modified_residue_auth_comp_id 
_pdbx_modification_feature.modified_residue_auth_asym_id 
_pdbx_modification_feature.modified_residue_auth_seq_id 
_pdbx_modification_feature.modified_residue_PDB_ins_code 
_pdbx_modification_feature.modified_residue_symmetry 
_pdbx_modification_feature.comp_id_linking_atom 
_pdbx_modification_feature.modified_residue_id_linking_atom 
_pdbx_modification_feature.modified_residue_id 
_pdbx_modification_feature.ref_pcm_id 
_pdbx_modification_feature.ref_comp_id 
_pdbx_modification_feature.type 
_pdbx_modification_feature.category 
1 MSE A 81 ? . . . . MSE A 80 ? 1_555 . . . . . . . MET 1 MSE Selenomethionine 'Named protein modification' 
2 MSE B 81 ? . . . . MSE B 80 ? 1_555 . . . . . . . MET 1 MSE Selenomethionine 'Named protein modification' 
# 
loop_
_struct_sheet.id 
_struct_sheet.type 
_struct_sheet.number_strands 
_struct_sheet.details 
A ? 4 ? 
B ? 4 ? 
# 
loop_
_struct_sheet_order.sheet_id 
_struct_sheet_order.range_id_1 
_struct_sheet_order.range_id_2 
_struct_sheet_order.offset 
_struct_sheet_order.sense 
A 1 2 ? anti-parallel 
A 2 3 ? anti-parallel 
A 3 4 ? anti-parallel 
B 1 2 ? anti-parallel 
B 2 3 ? anti-parallel 
B 3 4 ? anti-parallel 
# 
loop_
_struct_sheet_range.sheet_id 
_struct_sheet_range.id 
_struct_sheet_range.beg_label_comp_id 
_struct_sheet_range.beg_label_asym_id 
_struct_sheet_range.beg_label_seq_id 
_struct_sheet_range.pdbx_beg_PDB_ins_code 
_struct_sheet_range.end_label_comp_id 
_struct_sheet_range.end_label_asym_id 
_struct_sheet_range.end_label_seq_id 
_struct_sheet_range.pdbx_end_PDB_ins_code 
_struct_sheet_range.beg_auth_comp_id 
_struct_sheet_range.beg_auth_asym_id 
_struct_sheet_range.beg_auth_seq_id 
_struct_sheet_range.end_auth_comp_id 
_struct_sheet_range.end_auth_asym_id 
_struct_sheet_range.end_auth_seq_id 
A 1 THR A 34 ? GLY A 36 ? THR A 33 GLY A 35 
A 2 TRP A 22 ? ARG A 25 ? TRP A 21 ARG A 24 
A 3 LYS A 10 ? ASP A 17 ? LYS A 9  ASP A 16 
A 4 GLU A 74 ? THR A 80 ? GLU A 73 THR A 79 
B 1 THR B 34 ? GLY B 36 ? THR B 33 GLY B 35 
B 2 TRP B 22 ? ARG B 25 ? TRP B 21 ARG B 24 
B 3 LYS B 10 ? ASP B 17 ? LYS B 9  ASP B 16 
B 4 GLU B 74 ? THR B 80 ? GLU B 73 THR B 79 
# 
loop_
_pdbx_struct_sheet_hbond.sheet_id 
_pdbx_struct_sheet_hbond.range_id_1 
_pdbx_struct_sheet_hbond.range_id_2 
_pdbx_struct_sheet_hbond.range_1_label_atom_id 
_pdbx_struct_sheet_hbond.range_1_label_comp_id 
_pdbx_struct_sheet_hbond.range_1_label_asym_id 
_pdbx_struct_sheet_hbond.range_1_label_seq_id 
_pdbx_struct_sheet_hbond.range_1_PDB_ins_code 
_pdbx_struct_sheet_hbond.range_1_auth_atom_id 
_pdbx_struct_sheet_hbond.range_1_auth_comp_id 
_pdbx_struct_sheet_hbond.range_1_auth_asym_id 
_pdbx_struct_sheet_hbond.range_1_auth_seq_id 
_pdbx_struct_sheet_hbond.range_2_label_atom_id 
_pdbx_struct_sheet_hbond.range_2_label_comp_id 
_pdbx_struct_sheet_hbond.range_2_label_asym_id 
_pdbx_struct_sheet_hbond.range_2_label_seq_id 
_pdbx_struct_sheet_hbond.range_2_PDB_ins_code 
_pdbx_struct_sheet_hbond.range_2_auth_atom_id 
_pdbx_struct_sheet_hbond.range_2_auth_comp_id 
_pdbx_struct_sheet_hbond.range_2_auth_asym_id 
_pdbx_struct_sheet_hbond.range_2_auth_seq_id 
A 1 2 O GLY A 36 ? O GLY A 35 N TRP A 22 ? N TRP A 21 
A 2 3 O ARG A 25 ? O ARG A 24 N ILE A 14 ? N ILE A 13 
A 3 4 N PHE A 15 ? N PHE A 14 O PHE A 75 ? O PHE A 74 
B 1 2 O GLY B 36 ? O GLY B 35 N TRP B 22 ? N TRP B 21 
B 2 3 O ARG B 25 ? O ARG B 24 N ILE B 14 ? N ILE B 13 
B 3 4 N PHE B 15 ? N PHE B 14 O PHE B 75 ? O PHE B 74 
# 
loop_
_struct_site.id 
_struct_site.pdbx_evidence_code 
_struct_site.pdbx_auth_asym_id 
_struct_site.pdbx_auth_comp_id 
_struct_site.pdbx_auth_seq_id 
_struct_site.pdbx_auth_ins_code 
_struct_site.pdbx_num_residues 
_struct_site.details 
AC1 Software A SO4 97 ? 7  'BINDING SITE FOR RESIDUE SO4 A 97' 
AC2 Software A GOL 98 ? 12 'BINDING SITE FOR RESIDUE GOL A 98' 
# 
loop_
_struct_site_gen.id 
_struct_site_gen.site_id 
_struct_site_gen.pdbx_num_res 
_struct_site_gen.label_comp_id 
_struct_site_gen.label_asym_id 
_struct_site_gen.label_seq_id 
_struct_site_gen.pdbx_auth_ins_code 
_struct_site_gen.auth_comp_id 
_struct_site_gen.auth_asym_id 
_struct_site_gen.auth_seq_id 
_struct_site_gen.label_atom_id 
_struct_site_gen.label_alt_id 
_struct_site_gen.symmetry 
_struct_site_gen.details 
1  AC1 7  TRP A 78 ? TRP A 77  . ? 5_664 ? 
2  AC1 7  GLN A 85 ? GLN A 84  . ? 1_555 ? 
3  AC1 7  PHE A 86 ? PHE A 85  . ? 1_555 ? 
4  AC1 7  GLY A 87 ? GLY A 86  . ? 1_555 ? 
5  AC1 7  GOL D .  ? GOL A 98  . ? 5_664 ? 
6  AC1 7  HOH E .  ? HOH A 127 . ? 1_555 ? 
7  AC1 7  ARG B 69 ? ARG B 68  . ? 5_665 ? 
8  AC2 12 PRO A 65 ? PRO A 64  . ? 1_555 ? 
9  AC2 12 VAL A 76 ? VAL A 75  . ? 1_555 ? 
10 AC2 12 TRP A 78 ? TRP A 77  . ? 1_555 ? 
11 AC2 12 PHE A 86 ? PHE A 85  . ? 6_545 ? 
12 AC2 12 SO4 C .  ? SO4 A 97  . ? 6_545 ? 
13 AC2 12 HOH E .  ? HOH A 100 . ? 1_555 ? 
14 AC2 12 HOH E .  ? HOH A 103 . ? 1_555 ? 
15 AC2 12 HOH E .  ? HOH A 166 . ? 1_555 ? 
16 AC2 12 HOH E .  ? HOH A 204 . ? 1_555 ? 
17 AC2 12 ALA B 37 ? ALA B 36  . ? 6_545 ? 
18 AC2 12 SER B 38 ? SER B 37  . ? 6_545 ? 
19 AC2 12 HOH F .  ? HOH B 141 . ? 6_545 ? 
# 
_pdbx_entry_details.entry_id                   3KWR 
_pdbx_entry_details.compound_details           ? 
_pdbx_entry_details.source_details             ? 
_pdbx_entry_details.nonpolymer_details         ? 
_pdbx_entry_details.sequence_details           
;THE CONSTRUCT WAS EXPRESSED WITH A PURIFICATION TAG MGSDKIHHHHHHENLYFQG. THE TAG WAS REMOVED WITH TEV PROTEASE LEAVING ONLY A GLYCINE (0) FOLLOWED BY THE TARGET SEQUENCE.
;
_pdbx_entry_details.has_ligand_of_interest     ? 
_pdbx_entry_details.has_protein_modification   Y 
# 
loop_
_pdbx_validate_rmsd_angle.id 
_pdbx_validate_rmsd_angle.PDB_model_num 
_pdbx_validate_rmsd_angle.auth_atom_id_1 
_pdbx_validate_rmsd_angle.auth_asym_id_1 
_pdbx_validate_rmsd_angle.auth_comp_id_1 
_pdbx_validate_rmsd_angle.auth_seq_id_1 
_pdbx_validate_rmsd_angle.PDB_ins_code_1 
_pdbx_validate_rmsd_angle.label_alt_id_1 
_pdbx_validate_rmsd_angle.auth_atom_id_2 
_pdbx_validate_rmsd_angle.auth_asym_id_2 
_pdbx_validate_rmsd_angle.auth_comp_id_2 
_pdbx_validate_rmsd_angle.auth_seq_id_2 
_pdbx_validate_rmsd_angle.PDB_ins_code_2 
_pdbx_validate_rmsd_angle.label_alt_id_2 
_pdbx_validate_rmsd_angle.auth_atom_id_3 
_pdbx_validate_rmsd_angle.auth_asym_id_3 
_pdbx_validate_rmsd_angle.auth_comp_id_3 
_pdbx_validate_rmsd_angle.auth_seq_id_3 
_pdbx_validate_rmsd_angle.PDB_ins_code_3 
_pdbx_validate_rmsd_angle.label_alt_id_3 
_pdbx_validate_rmsd_angle.angle_value 
_pdbx_validate_rmsd_angle.angle_target_value 
_pdbx_validate_rmsd_angle.angle_deviation 
_pdbx_validate_rmsd_angle.angle_standard_deviation 
_pdbx_validate_rmsd_angle.linker_flag 
1 1 CB A ASP 22 ? B CG A ASP 22 ? B OD1 A ASP 22 ? B 127.00 118.30 8.70  0.90 N 
2 1 NE B ARG 24 ? A CZ B ARG 24 ? A NH2 B ARG 24 ? A 116.40 120.30 -3.90 0.50 N 
# 
loop_
_pdbx_validate_torsion.id 
_pdbx_validate_torsion.PDB_model_num 
_pdbx_validate_torsion.auth_comp_id 
_pdbx_validate_torsion.auth_asym_id 
_pdbx_validate_torsion.auth_seq_id 
_pdbx_validate_torsion.PDB_ins_code 
_pdbx_validate_torsion.label_alt_id 
_pdbx_validate_torsion.phi 
_pdbx_validate_torsion.psi 
1 1 GLU A 55 ? ? 59.49   19.53 
2 1 ASP A 82 ? ? -157.06 80.81 
# 
_pdbx_SG_project.project_name          'PSI, Protein Structure Initiative' 
_pdbx_SG_project.full_name_of_center   'Joint Center for Structural Genomics' 
_pdbx_SG_project.id                    1 
_pdbx_SG_project.initial_of_center     JCSG 
# 
loop_
_pdbx_struct_mod_residue.id 
_pdbx_struct_mod_residue.label_asym_id 
_pdbx_struct_mod_residue.label_comp_id 
_pdbx_struct_mod_residue.label_seq_id 
_pdbx_struct_mod_residue.auth_asym_id 
_pdbx_struct_mod_residue.auth_comp_id 
_pdbx_struct_mod_residue.auth_seq_id 
_pdbx_struct_mod_residue.PDB_ins_code 
_pdbx_struct_mod_residue.parent_comp_id 
_pdbx_struct_mod_residue.details 
1 A MSE 81 A MSE 80 ? MET SELENOMETHIONINE 
2 B MSE 81 B MSE 80 ? MET SELENOMETHIONINE 
# 
loop_
_pdbx_refine_tls.pdbx_refine_id 
_pdbx_refine_tls.id 
_pdbx_refine_tls.details 
_pdbx_refine_tls.method 
_pdbx_refine_tls.origin_x 
_pdbx_refine_tls.origin_y 
_pdbx_refine_tls.origin_z 
_pdbx_refine_tls.T[1][1] 
_pdbx_refine_tls.T[2][2] 
_pdbx_refine_tls.T[3][3] 
_pdbx_refine_tls.T[1][2] 
_pdbx_refine_tls.T[1][3] 
_pdbx_refine_tls.T[2][3] 
_pdbx_refine_tls.L[1][1] 
_pdbx_refine_tls.L[2][2] 
_pdbx_refine_tls.L[3][3] 
_pdbx_refine_tls.L[1][2] 
_pdbx_refine_tls.L[1][3] 
_pdbx_refine_tls.L[2][3] 
_pdbx_refine_tls.S[1][1] 
_pdbx_refine_tls.S[2][2] 
_pdbx_refine_tls.S[3][3] 
_pdbx_refine_tls.S[1][2] 
_pdbx_refine_tls.S[1][3] 
_pdbx_refine_tls.S[2][3] 
_pdbx_refine_tls.S[2][1] 
_pdbx_refine_tls.S[3][1] 
_pdbx_refine_tls.S[3][2] 
'X-RAY DIFFRACTION' 1 ? refined -7.0189 -6.1783 3.8647  0.0389 0.0373 0.0059 -0.0145 -0.0110 0.0078 0.7427 2.1366 0.7553 0.5473 -0.0873 -0.6686 -0.0375 0.0513  -0.0139 0.0456  0.0199  0.0822  -0.1058 -0.0716 -0.0360 
'X-RAY DIFFRACTION' 2 ? refined 7.2064  5.3246  -2.7336 0.0432 0.0174 0.0170 -0.0059 0.0016  0.0107 0.4319 0.5517 2.0919 0.1476 0.0330  -0.4190 -0.0028 -0.0100 0.0128  -0.0048 -0.0121 -0.0255 0.0223  0.0666  0.0795 
# 
loop_
_pdbx_refine_tls_group.pdbx_refine_id 
_pdbx_refine_tls_group.id 
_pdbx_refine_tls_group.refine_tls_id 
_pdbx_refine_tls_group.beg_auth_asym_id 
_pdbx_refine_tls_group.beg_auth_seq_id 
_pdbx_refine_tls_group.end_auth_asym_id 
_pdbx_refine_tls_group.end_auth_seq_id 
_pdbx_refine_tls_group.selection_details 
_pdbx_refine_tls_group.beg_label_asym_id 
_pdbx_refine_tls_group.beg_label_seq_id 
_pdbx_refine_tls_group.end_label_asym_id 
_pdbx_refine_tls_group.end_label_seq_id 
_pdbx_refine_tls_group.selection 
'X-RAY DIFFRACTION' 1 1 A 7 A 89 ? . . . . ? 
'X-RAY DIFFRACTION' 2 2 B 7 B 88 ? . . . . ? 
# 
_phasing.method   SAD 
# 
_pdbx_distant_solvent_atoms.id                                1 
_pdbx_distant_solvent_atoms.PDB_model_num                     1 
_pdbx_distant_solvent_atoms.auth_atom_id                      O 
_pdbx_distant_solvent_atoms.label_alt_id                      ? 
_pdbx_distant_solvent_atoms.auth_asym_id                      A 
_pdbx_distant_solvent_atoms.auth_comp_id                      HOH 
_pdbx_distant_solvent_atoms.auth_seq_id                       194 
_pdbx_distant_solvent_atoms.PDB_ins_code                      ? 
_pdbx_distant_solvent_atoms.neighbor_macromolecule_distance   6.00 
_pdbx_distant_solvent_atoms.neighbor_ligand_distance          . 
# 
loop_
_pdbx_unobs_or_zero_occ_residues.id 
_pdbx_unobs_or_zero_occ_residues.PDB_model_num 
_pdbx_unobs_or_zero_occ_residues.polymer_flag 
_pdbx_unobs_or_zero_occ_residues.occupancy_flag 
_pdbx_unobs_or_zero_occ_residues.auth_asym_id 
_pdbx_unobs_or_zero_occ_residues.auth_comp_id 
_pdbx_unobs_or_zero_occ_residues.auth_seq_id 
_pdbx_unobs_or_zero_occ_residues.PDB_ins_code 
_pdbx_unobs_or_zero_occ_residues.label_asym_id 
_pdbx_unobs_or_zero_occ_residues.label_comp_id 
_pdbx_unobs_or_zero_occ_residues.label_seq_id 
1  1 Y 1 A GLY 0  ? A GLY 1  
2  1 Y 1 A MSE 1  ? A MSE 2  
3  1 Y 1 A ASN 2  ? A ASN 3  
4  1 Y 1 A HIS 3  ? A HIS 4  
5  1 Y 1 A ASN 4  ? A ASN 5  
6  1 Y 1 A TYR 5  ? A TYR 6  
7  1 Y 1 A VAL 6  ? A VAL 7  
8  1 Y 1 A ASP 90 ? A ASP 91 
9  1 Y 1 A THR 91 ? A THR 92 
10 1 Y 1 A PRO 92 ? A PRO 93 
11 1 Y 1 A GLU 93 ? A GLU 94 
12 1 Y 1 A PRO 94 ? A PRO 95 
13 1 Y 1 A MSE 95 ? A MSE 96 
14 1 Y 1 A ASN 96 ? A ASN 97 
15 1 Y 1 B GLY 0  ? B GLY 1  
16 1 Y 1 B MSE 1  ? B MSE 2  
17 1 Y 1 B ASN 2  ? B ASN 3  
18 1 Y 1 B HIS 3  ? B HIS 4  
19 1 Y 1 B ASN 4  ? B ASN 5  
20 1 Y 1 B TYR 5  ? B TYR 6  
21 1 Y 1 B VAL 6  ? B VAL 7  
22 1 Y 1 B ALA 89 ? B ALA 90 
23 1 Y 1 B ASP 90 ? B ASP 91 
24 1 Y 1 B THR 91 ? B THR 92 
25 1 Y 1 B PRO 92 ? B PRO 93 
26 1 Y 1 B GLU 93 ? B GLU 94 
27 1 Y 1 B PRO 94 ? B PRO 95 
28 1 Y 1 B MSE 95 ? B MSE 96 
29 1 Y 1 B ASN 96 ? B ASN 97 
# 
loop_
_chem_comp_atom.comp_id 
_chem_comp_atom.atom_id 
_chem_comp_atom.type_symbol 
_chem_comp_atom.pdbx_aromatic_flag 
_chem_comp_atom.pdbx_stereo_config 
_chem_comp_atom.pdbx_ordinal 
ALA N    N  N N 1   
ALA CA   C  N S 2   
ALA C    C  N N 3   
ALA O    O  N N 4   
ALA CB   C  N N 5   
ALA OXT  O  N N 6   
ALA H    H  N N 7   
ALA H2   H  N N 8   
ALA HA   H  N N 9   
ALA HB1  H  N N 10  
ALA HB2  H  N N 11  
ALA HB3  H  N N 12  
ALA HXT  H  N N 13  
ARG N    N  N N 14  
ARG CA   C  N S 15  
ARG C    C  N N 16  
ARG O    O  N N 17  
ARG CB   C  N N 18  
ARG CG   C  N N 19  
ARG CD   C  N N 20  
ARG NE   N  N N 21  
ARG CZ   C  N N 22  
ARG NH1  N  N N 23  
ARG NH2  N  N N 24  
ARG OXT  O  N N 25  
ARG H    H  N N 26  
ARG H2   H  N N 27  
ARG HA   H  N N 28  
ARG HB2  H  N N 29  
ARG HB3  H  N N 30  
ARG HG2  H  N N 31  
ARG HG3  H  N N 32  
ARG HD2  H  N N 33  
ARG HD3  H  N N 34  
ARG HE   H  N N 35  
ARG HH11 H  N N 36  
ARG HH12 H  N N 37  
ARG HH21 H  N N 38  
ARG HH22 H  N N 39  
ARG HXT  H  N N 40  
ASN N    N  N N 41  
ASN CA   C  N S 42  
ASN C    C  N N 43  
ASN O    O  N N 44  
ASN CB   C  N N 45  
ASN CG   C  N N 46  
ASN OD1  O  N N 47  
ASN ND2  N  N N 48  
ASN OXT  O  N N 49  
ASN H    H  N N 50  
ASN H2   H  N N 51  
ASN HA   H  N N 52  
ASN HB2  H  N N 53  
ASN HB3  H  N N 54  
ASN HD21 H  N N 55  
ASN HD22 H  N N 56  
ASN HXT  H  N N 57  
ASP N    N  N N 58  
ASP CA   C  N S 59  
ASP C    C  N N 60  
ASP O    O  N N 61  
ASP CB   C  N N 62  
ASP CG   C  N N 63  
ASP OD1  O  N N 64  
ASP OD2  O  N N 65  
ASP OXT  O  N N 66  
ASP H    H  N N 67  
ASP H2   H  N N 68  
ASP HA   H  N N 69  
ASP HB2  H  N N 70  
ASP HB3  H  N N 71  
ASP HD2  H  N N 72  
ASP HXT  H  N N 73  
GLN N    N  N N 74  
GLN CA   C  N S 75  
GLN C    C  N N 76  
GLN O    O  N N 77  
GLN CB   C  N N 78  
GLN CG   C  N N 79  
GLN CD   C  N N 80  
GLN OE1  O  N N 81  
GLN NE2  N  N N 82  
GLN OXT  O  N N 83  
GLN H    H  N N 84  
GLN H2   H  N N 85  
GLN HA   H  N N 86  
GLN HB2  H  N N 87  
GLN HB3  H  N N 88  
GLN HG2  H  N N 89  
GLN HG3  H  N N 90  
GLN HE21 H  N N 91  
GLN HE22 H  N N 92  
GLN HXT  H  N N 93  
GLU N    N  N N 94  
GLU CA   C  N S 95  
GLU C    C  N N 96  
GLU O    O  N N 97  
GLU CB   C  N N 98  
GLU CG   C  N N 99  
GLU CD   C  N N 100 
GLU OE1  O  N N 101 
GLU OE2  O  N N 102 
GLU OXT  O  N N 103 
GLU H    H  N N 104 
GLU H2   H  N N 105 
GLU HA   H  N N 106 
GLU HB2  H  N N 107 
GLU HB3  H  N N 108 
GLU HG2  H  N N 109 
GLU HG3  H  N N 110 
GLU HE2  H  N N 111 
GLU HXT  H  N N 112 
GLY N    N  N N 113 
GLY CA   C  N N 114 
GLY C    C  N N 115 
GLY O    O  N N 116 
GLY OXT  O  N N 117 
GLY H    H  N N 118 
GLY H2   H  N N 119 
GLY HA2  H  N N 120 
GLY HA3  H  N N 121 
GLY HXT  H  N N 122 
GOL C1   C  N N 123 
GOL O1   O  N N 124 
GOL C2   C  N N 125 
GOL O2   O  N N 126 
GOL C3   C  N N 127 
GOL O3   O  N N 128 
GOL H11  H  N N 129 
GOL H12  H  N N 130 
GOL HO1  H  N N 131 
GOL H2   H  N N 132 
GOL HO2  H  N N 133 
GOL H31  H  N N 134 
GOL H32  H  N N 135 
GOL HO3  H  N N 136 
HIS N    N  N N 137 
HIS CA   C  N S 138 
HIS C    C  N N 139 
HIS O    O  N N 140 
HIS CB   C  N N 141 
HIS CG   C  Y N 142 
HIS ND1  N  Y N 143 
HIS CD2  C  Y N 144 
HIS CE1  C  Y N 145 
HIS NE2  N  Y N 146 
HIS OXT  O  N N 147 
HIS H    H  N N 148 
HIS H2   H  N N 149 
HIS HA   H  N N 150 
HIS HB2  H  N N 151 
HIS HB3  H  N N 152 
HIS HD1  H  N N 153 
HIS HD2  H  N N 154 
HIS HE1  H  N N 155 
HIS HE2  H  N N 156 
HIS HXT  H  N N 157 
HOH O    O  N N 158 
HOH H1   H  N N 159 
HOH H2   H  N N 160 
ILE N    N  N N 161 
ILE CA   C  N S 162 
ILE C    C  N N 163 
ILE O    O  N N 164 
ILE CB   C  N S 165 
ILE CG1  C  N N 166 
ILE CG2  C  N N 167 
ILE CD1  C  N N 168 
ILE OXT  O  N N 169 
ILE H    H  N N 170 
ILE H2   H  N N 171 
ILE HA   H  N N 172 
ILE HB   H  N N 173 
ILE HG12 H  N N 174 
ILE HG13 H  N N 175 
ILE HG21 H  N N 176 
ILE HG22 H  N N 177 
ILE HG23 H  N N 178 
ILE HD11 H  N N 179 
ILE HD12 H  N N 180 
ILE HD13 H  N N 181 
ILE HXT  H  N N 182 
LEU N    N  N N 183 
LEU CA   C  N S 184 
LEU C    C  N N 185 
LEU O    O  N N 186 
LEU CB   C  N N 187 
LEU CG   C  N N 188 
LEU CD1  C  N N 189 
LEU CD2  C  N N 190 
LEU OXT  O  N N 191 
LEU H    H  N N 192 
LEU H2   H  N N 193 
LEU HA   H  N N 194 
LEU HB2  H  N N 195 
LEU HB3  H  N N 196 
LEU HG   H  N N 197 
LEU HD11 H  N N 198 
LEU HD12 H  N N 199 
LEU HD13 H  N N 200 
LEU HD21 H  N N 201 
LEU HD22 H  N N 202 
LEU HD23 H  N N 203 
LEU HXT  H  N N 204 
LYS N    N  N N 205 
LYS CA   C  N S 206 
LYS C    C  N N 207 
LYS O    O  N N 208 
LYS CB   C  N N 209 
LYS CG   C  N N 210 
LYS CD   C  N N 211 
LYS CE   C  N N 212 
LYS NZ   N  N N 213 
LYS OXT  O  N N 214 
LYS H    H  N N 215 
LYS H2   H  N N 216 
LYS HA   H  N N 217 
LYS HB2  H  N N 218 
LYS HB3  H  N N 219 
LYS HG2  H  N N 220 
LYS HG3  H  N N 221 
LYS HD2  H  N N 222 
LYS HD3  H  N N 223 
LYS HE2  H  N N 224 
LYS HE3  H  N N 225 
LYS HZ1  H  N N 226 
LYS HZ2  H  N N 227 
LYS HZ3  H  N N 228 
LYS HXT  H  N N 229 
MSE N    N  N N 230 
MSE CA   C  N S 231 
MSE C    C  N N 232 
MSE O    O  N N 233 
MSE OXT  O  N N 234 
MSE CB   C  N N 235 
MSE CG   C  N N 236 
MSE SE   SE N N 237 
MSE CE   C  N N 238 
MSE H    H  N N 239 
MSE H2   H  N N 240 
MSE HA   H  N N 241 
MSE HXT  H  N N 242 
MSE HB2  H  N N 243 
MSE HB3  H  N N 244 
MSE HG2  H  N N 245 
MSE HG3  H  N N 246 
MSE HE1  H  N N 247 
MSE HE2  H  N N 248 
MSE HE3  H  N N 249 
PHE N    N  N N 250 
PHE CA   C  N S 251 
PHE C    C  N N 252 
PHE O    O  N N 253 
PHE CB   C  N N 254 
PHE CG   C  Y N 255 
PHE CD1  C  Y N 256 
PHE CD2  C  Y N 257 
PHE CE1  C  Y N 258 
PHE CE2  C  Y N 259 
PHE CZ   C  Y N 260 
PHE OXT  O  N N 261 
PHE H    H  N N 262 
PHE H2   H  N N 263 
PHE HA   H  N N 264 
PHE HB2  H  N N 265 
PHE HB3  H  N N 266 
PHE HD1  H  N N 267 
PHE HD2  H  N N 268 
PHE HE1  H  N N 269 
PHE HE2  H  N N 270 
PHE HZ   H  N N 271 
PHE HXT  H  N N 272 
PRO N    N  N N 273 
PRO CA   C  N S 274 
PRO C    C  N N 275 
PRO O    O  N N 276 
PRO CB   C  N N 277 
PRO CG   C  N N 278 
PRO CD   C  N N 279 
PRO OXT  O  N N 280 
PRO H    H  N N 281 
PRO HA   H  N N 282 
PRO HB2  H  N N 283 
PRO HB3  H  N N 284 
PRO HG2  H  N N 285 
PRO HG3  H  N N 286 
PRO HD2  H  N N 287 
PRO HD3  H  N N 288 
PRO HXT  H  N N 289 
SER N    N  N N 290 
SER CA   C  N S 291 
SER C    C  N N 292 
SER O    O  N N 293 
SER CB   C  N N 294 
SER OG   O  N N 295 
SER OXT  O  N N 296 
SER H    H  N N 297 
SER H2   H  N N 298 
SER HA   H  N N 299 
SER HB2  H  N N 300 
SER HB3  H  N N 301 
SER HG   H  N N 302 
SER HXT  H  N N 303 
SO4 S    S  N N 304 
SO4 O1   O  N N 305 
SO4 O2   O  N N 306 
SO4 O3   O  N N 307 
SO4 O4   O  N N 308 
THR N    N  N N 309 
THR CA   C  N S 310 
THR C    C  N N 311 
THR O    O  N N 312 
THR CB   C  N R 313 
THR OG1  O  N N 314 
THR CG2  C  N N 315 
THR OXT  O  N N 316 
THR H    H  N N 317 
THR H2   H  N N 318 
THR HA   H  N N 319 
THR HB   H  N N 320 
THR HG1  H  N N 321 
THR HG21 H  N N 322 
THR HG22 H  N N 323 
THR HG23 H  N N 324 
THR HXT  H  N N 325 
TRP N    N  N N 326 
TRP CA   C  N S 327 
TRP C    C  N N 328 
TRP O    O  N N 329 
TRP CB   C  N N 330 
TRP CG   C  Y N 331 
TRP CD1  C  Y N 332 
TRP CD2  C  Y N 333 
TRP NE1  N  Y N 334 
TRP CE2  C  Y N 335 
TRP CE3  C  Y N 336 
TRP CZ2  C  Y N 337 
TRP CZ3  C  Y N 338 
TRP CH2  C  Y N 339 
TRP OXT  O  N N 340 
TRP H    H  N N 341 
TRP H2   H  N N 342 
TRP HA   H  N N 343 
TRP HB2  H  N N 344 
TRP HB3  H  N N 345 
TRP HD1  H  N N 346 
TRP HE1  H  N N 347 
TRP HE3  H  N N 348 
TRP HZ2  H  N N 349 
TRP HZ3  H  N N 350 
TRP HH2  H  N N 351 
TRP HXT  H  N N 352 
TYR N    N  N N 353 
TYR CA   C  N S 354 
TYR C    C  N N 355 
TYR O    O  N N 356 
TYR CB   C  N N 357 
TYR CG   C  Y N 358 
TYR CD1  C  Y N 359 
TYR CD2  C  Y N 360 
TYR CE1  C  Y N 361 
TYR CE2  C  Y N 362 
TYR CZ   C  Y N 363 
TYR OH   O  N N 364 
TYR OXT  O  N N 365 
TYR H    H  N N 366 
TYR H2   H  N N 367 
TYR HA   H  N N 368 
TYR HB2  H  N N 369 
TYR HB3  H  N N 370 
TYR HD1  H  N N 371 
TYR HD2  H  N N 372 
TYR HE1  H  N N 373 
TYR HE2  H  N N 374 
TYR HH   H  N N 375 
TYR HXT  H  N N 376 
VAL N    N  N N 377 
VAL CA   C  N S 378 
VAL C    C  N N 379 
VAL O    O  N N 380 
VAL CB   C  N N 381 
VAL CG1  C  N N 382 
VAL CG2  C  N N 383 
VAL OXT  O  N N 384 
VAL H    H  N N 385 
VAL H2   H  N N 386 
VAL HA   H  N N 387 
VAL HB   H  N N 388 
VAL HG11 H  N N 389 
VAL HG12 H  N N 390 
VAL HG13 H  N N 391 
VAL HG21 H  N N 392 
VAL HG22 H  N N 393 
VAL HG23 H  N N 394 
VAL HXT  H  N N 395 
# 
loop_
_chem_comp_bond.comp_id 
_chem_comp_bond.atom_id_1 
_chem_comp_bond.atom_id_2 
_chem_comp_bond.value_order 
_chem_comp_bond.pdbx_aromatic_flag 
_chem_comp_bond.pdbx_stereo_config 
_chem_comp_bond.pdbx_ordinal 
ALA N   CA   sing N N 1   
ALA N   H    sing N N 2   
ALA N   H2   sing N N 3   
ALA CA  C    sing N N 4   
ALA CA  CB   sing N N 5   
ALA CA  HA   sing N N 6   
ALA C   O    doub N N 7   
ALA C   OXT  sing N N 8   
ALA CB  HB1  sing N N 9   
ALA CB  HB2  sing N N 10  
ALA CB  HB3  sing N N 11  
ALA OXT HXT  sing N N 12  
ARG N   CA   sing N N 13  
ARG N   H    sing N N 14  
ARG N   H2   sing N N 15  
ARG CA  C    sing N N 16  
ARG CA  CB   sing N N 17  
ARG CA  HA   sing N N 18  
ARG C   O    doub N N 19  
ARG C   OXT  sing N N 20  
ARG CB  CG   sing N N 21  
ARG CB  HB2  sing N N 22  
ARG CB  HB3  sing N N 23  
ARG CG  CD   sing N N 24  
ARG CG  HG2  sing N N 25  
ARG CG  HG3  sing N N 26  
ARG CD  NE   sing N N 27  
ARG CD  HD2  sing N N 28  
ARG CD  HD3  sing N N 29  
ARG NE  CZ   sing N N 30  
ARG NE  HE   sing N N 31  
ARG CZ  NH1  sing N N 32  
ARG CZ  NH2  doub N N 33  
ARG NH1 HH11 sing N N 34  
ARG NH1 HH12 sing N N 35  
ARG NH2 HH21 sing N N 36  
ARG NH2 HH22 sing N N 37  
ARG OXT HXT  sing N N 38  
ASN N   CA   sing N N 39  
ASN N   H    sing N N 40  
ASN N   H2   sing N N 41  
ASN CA  C    sing N N 42  
ASN CA  CB   sing N N 43  
ASN CA  HA   sing N N 44  
ASN C   O    doub N N 45  
ASN C   OXT  sing N N 46  
ASN CB  CG   sing N N 47  
ASN CB  HB2  sing N N 48  
ASN CB  HB3  sing N N 49  
ASN CG  OD1  doub N N 50  
ASN CG  ND2  sing N N 51  
ASN ND2 HD21 sing N N 52  
ASN ND2 HD22 sing N N 53  
ASN OXT HXT  sing N N 54  
ASP N   CA   sing N N 55  
ASP N   H    sing N N 56  
ASP N   H2   sing N N 57  
ASP CA  C    sing N N 58  
ASP CA  CB   sing N N 59  
ASP CA  HA   sing N N 60  
ASP C   O    doub N N 61  
ASP C   OXT  sing N N 62  
ASP CB  CG   sing N N 63  
ASP CB  HB2  sing N N 64  
ASP CB  HB3  sing N N 65  
ASP CG  OD1  doub N N 66  
ASP CG  OD2  sing N N 67  
ASP OD2 HD2  sing N N 68  
ASP OXT HXT  sing N N 69  
GLN N   CA   sing N N 70  
GLN N   H    sing N N 71  
GLN N   H2   sing N N 72  
GLN CA  C    sing N N 73  
GLN CA  CB   sing N N 74  
GLN CA  HA   sing N N 75  
GLN C   O    doub N N 76  
GLN C   OXT  sing N N 77  
GLN CB  CG   sing N N 78  
GLN CB  HB2  sing N N 79  
GLN CB  HB3  sing N N 80  
GLN CG  CD   sing N N 81  
GLN CG  HG2  sing N N 82  
GLN CG  HG3  sing N N 83  
GLN CD  OE1  doub N N 84  
GLN CD  NE2  sing N N 85  
GLN NE2 HE21 sing N N 86  
GLN NE2 HE22 sing N N 87  
GLN OXT HXT  sing N N 88  
GLU N   CA   sing N N 89  
GLU N   H    sing N N 90  
GLU N   H2   sing N N 91  
GLU CA  C    sing N N 92  
GLU CA  CB   sing N N 93  
GLU CA  HA   sing N N 94  
GLU C   O    doub N N 95  
GLU C   OXT  sing N N 96  
GLU CB  CG   sing N N 97  
GLU CB  HB2  sing N N 98  
GLU CB  HB3  sing N N 99  
GLU CG  CD   sing N N 100 
GLU CG  HG2  sing N N 101 
GLU CG  HG3  sing N N 102 
GLU CD  OE1  doub N N 103 
GLU CD  OE2  sing N N 104 
GLU OE2 HE2  sing N N 105 
GLU OXT HXT  sing N N 106 
GLY N   CA   sing N N 107 
GLY N   H    sing N N 108 
GLY N   H2   sing N N 109 
GLY CA  C    sing N N 110 
GLY CA  HA2  sing N N 111 
GLY CA  HA3  sing N N 112 
GLY C   O    doub N N 113 
GLY C   OXT  sing N N 114 
GLY OXT HXT  sing N N 115 
GOL C1  O1   sing N N 116 
GOL C1  C2   sing N N 117 
GOL C1  H11  sing N N 118 
GOL C1  H12  sing N N 119 
GOL O1  HO1  sing N N 120 
GOL C2  O2   sing N N 121 
GOL C2  C3   sing N N 122 
GOL C2  H2   sing N N 123 
GOL O2  HO2  sing N N 124 
GOL C3  O3   sing N N 125 
GOL C3  H31  sing N N 126 
GOL C3  H32  sing N N 127 
GOL O3  HO3  sing N N 128 
HIS N   CA   sing N N 129 
HIS N   H    sing N N 130 
HIS N   H2   sing N N 131 
HIS CA  C    sing N N 132 
HIS CA  CB   sing N N 133 
HIS CA  HA   sing N N 134 
HIS C   O    doub N N 135 
HIS C   OXT  sing N N 136 
HIS CB  CG   sing N N 137 
HIS CB  HB2  sing N N 138 
HIS CB  HB3  sing N N 139 
HIS CG  ND1  sing Y N 140 
HIS CG  CD2  doub Y N 141 
HIS ND1 CE1  doub Y N 142 
HIS ND1 HD1  sing N N 143 
HIS CD2 NE2  sing Y N 144 
HIS CD2 HD2  sing N N 145 
HIS CE1 NE2  sing Y N 146 
HIS CE1 HE1  sing N N 147 
HIS NE2 HE2  sing N N 148 
HIS OXT HXT  sing N N 149 
HOH O   H1   sing N N 150 
HOH O   H2   sing N N 151 
ILE N   CA   sing N N 152 
ILE N   H    sing N N 153 
ILE N   H2   sing N N 154 
ILE CA  C    sing N N 155 
ILE CA  CB   sing N N 156 
ILE CA  HA   sing N N 157 
ILE C   O    doub N N 158 
ILE C   OXT  sing N N 159 
ILE CB  CG1  sing N N 160 
ILE CB  CG2  sing N N 161 
ILE CB  HB   sing N N 162 
ILE CG1 CD1  sing N N 163 
ILE CG1 HG12 sing N N 164 
ILE CG1 HG13 sing N N 165 
ILE CG2 HG21 sing N N 166 
ILE CG2 HG22 sing N N 167 
ILE CG2 HG23 sing N N 168 
ILE CD1 HD11 sing N N 169 
ILE CD1 HD12 sing N N 170 
ILE CD1 HD13 sing N N 171 
ILE OXT HXT  sing N N 172 
LEU N   CA   sing N N 173 
LEU N   H    sing N N 174 
LEU N   H2   sing N N 175 
LEU CA  C    sing N N 176 
LEU CA  CB   sing N N 177 
LEU CA  HA   sing N N 178 
LEU C   O    doub N N 179 
LEU C   OXT  sing N N 180 
LEU CB  CG   sing N N 181 
LEU CB  HB2  sing N N 182 
LEU CB  HB3  sing N N 183 
LEU CG  CD1  sing N N 184 
LEU CG  CD2  sing N N 185 
LEU CG  HG   sing N N 186 
LEU CD1 HD11 sing N N 187 
LEU CD1 HD12 sing N N 188 
LEU CD1 HD13 sing N N 189 
LEU CD2 HD21 sing N N 190 
LEU CD2 HD22 sing N N 191 
LEU CD2 HD23 sing N N 192 
LEU OXT HXT  sing N N 193 
LYS N   CA   sing N N 194 
LYS N   H    sing N N 195 
LYS N   H2   sing N N 196 
LYS CA  C    sing N N 197 
LYS CA  CB   sing N N 198 
LYS CA  HA   sing N N 199 
LYS C   O    doub N N 200 
LYS C   OXT  sing N N 201 
LYS CB  CG   sing N N 202 
LYS CB  HB2  sing N N 203 
LYS CB  HB3  sing N N 204 
LYS CG  CD   sing N N 205 
LYS CG  HG2  sing N N 206 
LYS CG  HG3  sing N N 207 
LYS CD  CE   sing N N 208 
LYS CD  HD2  sing N N 209 
LYS CD  HD3  sing N N 210 
LYS CE  NZ   sing N N 211 
LYS CE  HE2  sing N N 212 
LYS CE  HE3  sing N N 213 
LYS NZ  HZ1  sing N N 214 
LYS NZ  HZ2  sing N N 215 
LYS NZ  HZ3  sing N N 216 
LYS OXT HXT  sing N N 217 
MSE N   CA   sing N N 218 
MSE N   H    sing N N 219 
MSE N   H2   sing N N 220 
MSE CA  C    sing N N 221 
MSE CA  CB   sing N N 222 
MSE CA  HA   sing N N 223 
MSE C   O    doub N N 224 
MSE C   OXT  sing N N 225 
MSE OXT HXT  sing N N 226 
MSE CB  CG   sing N N 227 
MSE CB  HB2  sing N N 228 
MSE CB  HB3  sing N N 229 
MSE CG  SE   sing N N 230 
MSE CG  HG2  sing N N 231 
MSE CG  HG3  sing N N 232 
MSE SE  CE   sing N N 233 
MSE CE  HE1  sing N N 234 
MSE CE  HE2  sing N N 235 
MSE CE  HE3  sing N N 236 
PHE N   CA   sing N N 237 
PHE N   H    sing N N 238 
PHE N   H2   sing N N 239 
PHE CA  C    sing N N 240 
PHE CA  CB   sing N N 241 
PHE CA  HA   sing N N 242 
PHE C   O    doub N N 243 
PHE C   OXT  sing N N 244 
PHE CB  CG   sing N N 245 
PHE CB  HB2  sing N N 246 
PHE CB  HB3  sing N N 247 
PHE CG  CD1  doub Y N 248 
PHE CG  CD2  sing Y N 249 
PHE CD1 CE1  sing Y N 250 
PHE CD1 HD1  sing N N 251 
PHE CD2 CE2  doub Y N 252 
PHE CD2 HD2  sing N N 253 
PHE CE1 CZ   doub Y N 254 
PHE CE1 HE1  sing N N 255 
PHE CE2 CZ   sing Y N 256 
PHE CE2 HE2  sing N N 257 
PHE CZ  HZ   sing N N 258 
PHE OXT HXT  sing N N 259 
PRO N   CA   sing N N 260 
PRO N   CD   sing N N 261 
PRO N   H    sing N N 262 
PRO CA  C    sing N N 263 
PRO CA  CB   sing N N 264 
PRO CA  HA   sing N N 265 
PRO C   O    doub N N 266 
PRO C   OXT  sing N N 267 
PRO CB  CG   sing N N 268 
PRO CB  HB2  sing N N 269 
PRO CB  HB3  sing N N 270 
PRO CG  CD   sing N N 271 
PRO CG  HG2  sing N N 272 
PRO CG  HG3  sing N N 273 
PRO CD  HD2  sing N N 274 
PRO CD  HD3  sing N N 275 
PRO OXT HXT  sing N N 276 
SER N   CA   sing N N 277 
SER N   H    sing N N 278 
SER N   H2   sing N N 279 
SER CA  C    sing N N 280 
SER CA  CB   sing N N 281 
SER CA  HA   sing N N 282 
SER C   O    doub N N 283 
SER C   OXT  sing N N 284 
SER CB  OG   sing N N 285 
SER CB  HB2  sing N N 286 
SER CB  HB3  sing N N 287 
SER OG  HG   sing N N 288 
SER OXT HXT  sing N N 289 
SO4 S   O1   doub N N 290 
SO4 S   O2   doub N N 291 
SO4 S   O3   sing N N 292 
SO4 S   O4   sing N N 293 
THR N   CA   sing N N 294 
THR N   H    sing N N 295 
THR N   H2   sing N N 296 
THR CA  C    sing N N 297 
THR CA  CB   sing N N 298 
THR CA  HA   sing N N 299 
THR C   O    doub N N 300 
THR C   OXT  sing N N 301 
THR CB  OG1  sing N N 302 
THR CB  CG2  sing N N 303 
THR CB  HB   sing N N 304 
THR OG1 HG1  sing N N 305 
THR CG2 HG21 sing N N 306 
THR CG2 HG22 sing N N 307 
THR CG2 HG23 sing N N 308 
THR OXT HXT  sing N N 309 
TRP N   CA   sing N N 310 
TRP N   H    sing N N 311 
TRP N   H2   sing N N 312 
TRP CA  C    sing N N 313 
TRP CA  CB   sing N N 314 
TRP CA  HA   sing N N 315 
TRP C   O    doub N N 316 
TRP C   OXT  sing N N 317 
TRP CB  CG   sing N N 318 
TRP CB  HB2  sing N N 319 
TRP CB  HB3  sing N N 320 
TRP CG  CD1  doub Y N 321 
TRP CG  CD2  sing Y N 322 
TRP CD1 NE1  sing Y N 323 
TRP CD1 HD1  sing N N 324 
TRP CD2 CE2  doub Y N 325 
TRP CD2 CE3  sing Y N 326 
TRP NE1 CE2  sing Y N 327 
TRP NE1 HE1  sing N N 328 
TRP CE2 CZ2  sing Y N 329 
TRP CE3 CZ3  doub Y N 330 
TRP CE3 HE3  sing N N 331 
TRP CZ2 CH2  doub Y N 332 
TRP CZ2 HZ2  sing N N 333 
TRP CZ3 CH2  sing Y N 334 
TRP CZ3 HZ3  sing N N 335 
TRP CH2 HH2  sing N N 336 
TRP OXT HXT  sing N N 337 
TYR N   CA   sing N N 338 
TYR N   H    sing N N 339 
TYR N   H2   sing N N 340 
TYR CA  C    sing N N 341 
TYR CA  CB   sing N N 342 
TYR CA  HA   sing N N 343 
TYR C   O    doub N N 344 
TYR C   OXT  sing N N 345 
TYR CB  CG   sing N N 346 
TYR CB  HB2  sing N N 347 
TYR CB  HB3  sing N N 348 
TYR CG  CD1  doub Y N 349 
TYR CG  CD2  sing Y N 350 
TYR CD1 CE1  sing Y N 351 
TYR CD1 HD1  sing N N 352 
TYR CD2 CE2  doub Y N 353 
TYR CD2 HD2  sing N N 354 
TYR CE1 CZ   doub Y N 355 
TYR CE1 HE1  sing N N 356 
TYR CE2 CZ   sing Y N 357 
TYR CE2 HE2  sing N N 358 
TYR CZ  OH   sing N N 359 
TYR OH  HH   sing N N 360 
TYR OXT HXT  sing N N 361 
VAL N   CA   sing N N 362 
VAL N   H    sing N N 363 
VAL N   H2   sing N N 364 
VAL CA  C    sing N N 365 
VAL CA  CB   sing N N 366 
VAL CA  HA   sing N N 367 
VAL C   O    doub N N 368 
VAL C   OXT  sing N N 369 
VAL CB  CG1  sing N N 370 
VAL CB  CG2  sing N N 371 
VAL CB  HB   sing N N 372 
VAL CG1 HG11 sing N N 373 
VAL CG1 HG12 sing N N 374 
VAL CG1 HG13 sing N N 375 
VAL CG2 HG21 sing N N 376 
VAL CG2 HG22 sing N N 377 
VAL CG2 HG23 sing N N 378 
VAL OXT HXT  sing N N 379 
# 
_atom_sites.entry_id                    3KWR 
_atom_sites.fract_transf_matrix[1][1]   -0.00339402 
_atom_sites.fract_transf_matrix[1][2]   0.00908415 
_atom_sites.fract_transf_matrix[1][3]   -0.00521528 
_atom_sites.fract_transf_matrix[2][1]   0.00390144 
_atom_sites.fract_transf_matrix[2][2]   0.00237887 
_atom_sites.fract_transf_matrix[2][3]   -0.01001808 
_atom_sites.fract_transf_matrix[3][1]   -0.02080542 
_atom_sites.fract_transf_matrix[3][2]   -0.01438622 
_atom_sites.fract_transf_matrix[3][3]   -0.01151858 
_atom_sites.fract_transf_vector[1]      0.863114 
_atom_sites.fract_transf_vector[2]      0.249328 
_atom_sites.fract_transf_vector[3]      -0.068137 
# 
loop_
_atom_type.symbol 
C  
N  
O  
S  
SE 
# 
loop_
_atom_site.group_PDB 
_atom_site.id 
_atom_site.type_symbol 
_atom_site.label_atom_id 
_atom_site.label_alt_id 
_atom_site.label_comp_id 
_atom_site.label_asym_id 
_atom_site.label_entity_id 
_atom_site.label_seq_id 
_atom_site.pdbx_PDB_ins_code 
_atom_site.Cartn_x 
_atom_site.Cartn_y 
_atom_site.Cartn_z 
_atom_site.occupancy 
_atom_site.B_iso_or_equiv 
_atom_site.pdbx_formal_charge 
_atom_site.auth_seq_id 
_atom_site.auth_comp_id 
_atom_site.auth_asym_id 
_atom_site.auth_atom_id 
_atom_site.pdbx_PDB_model_num 
ATOM   1    N  N   . GLU A 1 8  ? -20.026 -0.292  -0.697  1.00 23.58 ? 7   GLU A N   1 
ATOM   2    C  CA  . GLU A 1 8  ? -18.850 -0.680  0.156   1.00 22.28 ? 7   GLU A CA  1 
ATOM   3    C  C   . GLU A 1 8  ? -18.197 -1.951  -0.371  1.00 20.16 ? 7   GLU A C   1 
ATOM   4    O  O   . GLU A 1 8  ? -18.823 -3.012  -0.445  1.00 21.85 ? 7   GLU A O   1 
ATOM   5    C  CB  . GLU A 1 8  ? -19.251 -0.940  1.602   1.00 23.78 ? 7   GLU A CB  1 
ATOM   6    C  CG  . GLU A 1 8  ? -19.397 0.303   2.445   1.00 26.84 ? 7   GLU A CG  1 
ATOM   7    C  CD  . GLU A 1 8  ? -19.791 -0.039  3.854   1.00 30.69 ? 7   GLU A CD  1 
ATOM   8    O  OE1 . GLU A 1 8  ? -20.534 -1.029  4.045   1.00 34.27 ? 7   GLU A OE1 1 
ATOM   9    O  OE2 . GLU A 1 8  ? -19.351 0.677   4.778   1.00 36.19 ? 7   GLU A OE2 1 
ATOM   10   N  N   . VAL A 1 9  ? -16.930 -1.816  -0.694  1.00 15.56 ? 8   VAL A N   1 
ATOM   11   C  CA  . VAL A 1 9  ? -16.111 -2.878  -1.245  1.00 13.31 ? 8   VAL A CA  1 
ATOM   12   C  C   . VAL A 1 9  ? -15.377 -3.465  -0.049  1.00 11.30 ? 8   VAL A C   1 
ATOM   13   O  O   . VAL A 1 9  ? -14.612 -2.760  0.602   1.00 12.42 ? 8   VAL A O   1 
ATOM   14   C  CB  . VAL A 1 9  ? -15.152 -2.280  -2.269  1.00 12.84 ? 8   VAL A CB  1 
ATOM   15   C  CG1 . VAL A 1 9  ? -14.171 -3.327  -2.793  1.00 13.57 ? 8   VAL A CG1 1 
ATOM   16   C  CG2 . VAL A 1 9  ? -15.975 -1.630  -3.416  1.00 13.62 ? 8   VAL A CG2 1 
ATOM   17   N  N   . LYS A 1 10 ? -15.582 -4.751  0.191   1.00 10.02 ? 9   LYS A N   1 
ATOM   18   C  CA  . LYS A 1 10 ? -15.014 -5.469  1.338   1.00 10.57 ? 9   LYS A CA  1 
ATOM   19   C  C   . LYS A 1 10 ? -14.237 -6.692  0.918   1.00 9.71  ? 9   LYS A C   1 
ATOM   20   O  O   . LYS A 1 10 ? -14.715 -7.481  0.117   1.00 9.79  ? 9   LYS A O   1 
ATOM   21   C  CB  . LYS A 1 10 ? -16.091 -5.922  2.334   1.00 12.28 ? 9   LYS A CB  1 
ATOM   22   C  CG  . LYS A 1 10 ? -16.969 -4.815  2.900   1.00 15.13 ? 9   LYS A CG  1 
ATOM   23   C  CD  . LYS A 1 10 ? -17.940 -5.488  3.906   1.00 16.84 ? 9   LYS A CD  1 
ATOM   24   C  CE  . LYS A 1 10 ? -18.920 -4.470  4.404   1.00 19.63 ? 9   LYS A CE  1 
ATOM   25   N  NZ  . LYS A 1 10 ? -19.907 -5.125  5.317   1.00 20.66 ? 9   LYS A NZ  1 
ATOM   26   N  N   . TYR A 1 11 ? -13.069 -6.875  1.517   1.00 8.30  ? 10  TYR A N   1 
ATOM   27   C  CA  . TYR A 1 11 ? -12.280 -8.101  1.330   1.00 8.23  ? 10  TYR A CA  1 
ATOM   28   C  C   . TYR A 1 11 ? -11.847 -8.675  2.663   1.00 8.81  ? 10  TYR A C   1 
ATOM   29   O  O   . TYR A 1 11 ? -11.598 -7.918  3.612   1.00 7.96  ? 10  TYR A O   1 
ATOM   30   C  CB  . TYR A 1 11 ? -11.032 -7.834  0.467   1.00 8.98  ? 10  TYR A CB  1 
ATOM   31   C  CG  . TYR A 1 11 ? -11.353 -7.560  -0.986  1.00 8.31  ? 10  TYR A CG  1 
ATOM   32   C  CD1 . TYR A 1 11 ? -11.571 -8.598  -1.881  1.00 8.99  ? 10  TYR A CD1 1 
ATOM   33   C  CD2 . TYR A 1 11 ? -11.590 -6.273  -1.426  1.00 9.24  ? 10  TYR A CD2 1 
ATOM   34   C  CE1 . TYR A 1 11 ? -11.907 -8.367  -3.172  1.00 9.26  ? 10  TYR A CE1 1 
ATOM   35   C  CE2 . TYR A 1 11 ? -11.894 -6.028  -2.728  1.00 10.40 ? 10  TYR A CE2 1 
ATOM   36   C  CZ  . TYR A 1 11 ? -12.065 -7.072  -3.597  1.00 9.65  ? 10  TYR A CZ  1 
ATOM   37   O  OH  . TYR A 1 11 ? -12.419 -6.815  -4.915  1.00 10.91 ? 10  TYR A OH  1 
ATOM   38   N  N   . PRO A 1 12 ? -11.642 -9.999  2.706   1.00 7.39  ? 11  PRO A N   1 
ATOM   39   C  CA  . PRO A 1 12 ? -11.198 -10.635 3.934   1.00 8.15  ? 11  PRO A CA  1 
ATOM   40   C  C   . PRO A 1 12 ? -9.657  -10.580 4.075   1.00 7.96  ? 11  PRO A C   1 
ATOM   41   O  O   . PRO A 1 12 ? -8.943  -11.067 3.180   1.00 8.25  ? 11  PRO A O   1 
ATOM   42   C  CB  . PRO A 1 12 ? -11.711 -12.078 3.793   1.00 9.20  ? 11  PRO A CB  1 
ATOM   43   C  CG  . PRO A 1 12 ? -11.685 -12.337 2.268   1.00 7.43  ? 11  PRO A CG  1 
ATOM   44   C  CD  . PRO A 1 12 ? -12.027 -10.990 1.651   1.00 7.99  ? 11  PRO A CD  1 
ATOM   45   N  N   . ALA A 1 13 ? -9.163  -9.984  5.134   1.00 8.07  ? 12  ALA A N   1 
ATOM   46   C  CA  . ALA A 1 13 ? -7.765  -9.893  5.439   1.00 8.03  ? 12  ALA A CA  1 
ATOM   47   C  C   . ALA A 1 13 ? -7.390  -10.968 6.440   1.00 9.47  ? 12  ALA A C   1 
ATOM   48   O  O   . ALA A 1 13 ? -8.161  -11.268 7.376   1.00 10.23 ? 12  ALA A O   1 
ATOM   49   C  CB  . ALA A 1 13 ? -7.448  -8.514  6.029   1.00 9.34  ? 12  ALA A CB  1 
ATOM   50   N  N   . ILE A 1 14 ? -6.181  -11.469 6.319   1.00 8.14  ? 13  ILE A N   1 
ATOM   51   C  CA  . ILE A 1 14 ? -5.565  -12.317 7.334   1.00 8.43  ? 13  ILE A CA  1 
ATOM   52   C  C   . ILE A 1 14 ? -4.628  -11.456 8.158   1.00 8.01  ? 13  ILE A C   1 
ATOM   53   O  O   . ILE A 1 14 ? -3.662  -10.879 7.631   1.00 8.60  ? 13  ILE A O   1 
ATOM   54   C  CB  . ILE A 1 14 ? -4.792  -13.502 6.725   1.00 7.71  ? 13  ILE A CB  1 
ATOM   55   C  CG1 . ILE A 1 14 ? -5.719  -14.370 5.877   1.00 8.41  ? 13  ILE A CG1 1 
ATOM   56   C  CG2 . ILE A 1 14 ? -4.140  -14.340 7.875   1.00 9.10  ? 13  ILE A CG2 1 
ATOM   57   C  CD1 . ILE A 1 14 ? -5.029  -15.504 5.108   1.00 9.50  ? 13  ILE A CD1 1 
ATOM   58   N  N   . PHE A 1 15 ? -4.954  -11.345 9.438   1.00 7.51  ? 14  PHE A N   1 
ATOM   59   C  CA  . PHE A 1 15 ? -4.128  -10.627 10.415  1.00 7.62  ? 14  PHE A CA  1 
ATOM   60   C  C   . PHE A 1 15 ? -3.265  -11.682 11.076  1.00 8.28  ? 14  PHE A C   1 
ATOM   61   O  O   . PHE A 1 15 ? -3.779  -12.634 11.658  1.00 9.35  ? 14  PHE A O   1 
ATOM   62   C  CB  . PHE A 1 15 ? -5.005  -9.946  11.487  1.00 8.57  ? 14  PHE A CB  1 
ATOM   63   C  CG  . PHE A 1 15 ? -5.573  -8.607  11.073  1.00 8.33  ? 14  PHE A CG  1 
ATOM   64   C  CD1 . PHE A 1 15 ? -6.292  -8.488  9.890   1.00 10.11 ? 14  PHE A CD1 1 
ATOM   65   C  CD2 . PHE A 1 15 ? -5.341  -7.448  11.840  1.00 9.88  ? 14  PHE A CD2 1 
ATOM   66   C  CE1 . PHE A 1 15 ? -6.799  -7.249  9.496   1.00 10.36 ? 14  PHE A CE1 1 
ATOM   67   C  CE2 . PHE A 1 15 ? -5.887  -6.228  11.430  1.00 9.27  ? 14  PHE A CE2 1 
ATOM   68   C  CZ  . PHE A 1 15 ? -6.576  -6.134  10.275  1.00 10.31 ? 14  PHE A CZ  1 
ATOM   69   N  N   . ARG A 1 16 ? -1.963  -11.454 11.119  1.00 8.08  ? 15  ARG A N   1 
ATOM   70   C  CA  . ARG A 1 16 ? -0.997  -12.409 11.676  1.00 8.60  ? 15  ARG A CA  1 
ATOM   71   C  C   . ARG A 1 16 ? -0.205  -11.726 12.792  1.00 8.45  ? 15  ARG A C   1 
ATOM   72   O  O   . ARG A 1 16 ? 0.458   -10.702 12.591  1.00 9.94  ? 15  ARG A O   1 
ATOM   73   C  CB  . ARG A 1 16 ? -0.043  -12.945 10.617  1.00 9.17  ? 15  ARG A CB  1 
ATOM   74   C  CG  . ARG A 1 16 ? 0.880   -14.066 11.105  1.00 11.54 ? 15  ARG A CG  1 
ATOM   75   C  CD  . ARG A 1 16 ? 1.677   -14.699 9.975   1.00 13.46 ? 15  ARG A CD  1 
ATOM   76   N  NE  . ARG A 1 16 ? 2.550   -13.718 9.360   1.00 16.61 ? 15  ARG A NE  1 
ATOM   77   C  CZ  . ARG A 1 16 ? 2.871   -13.695 8.057   1.00 20.01 ? 15  ARG A CZ  1 
ATOM   78   N  NH1 . ARG A 1 16 ? 2.404   -14.618 7.195   1.00 21.95 ? 15  ARG A NH1 1 
ATOM   79   N  NH2 . ARG A 1 16 ? 3.651   -12.729 7.609   1.00 23.21 ? 15  ARG A NH2 1 
ATOM   80   N  N   . ASP A 1 17 ? -0.231  -12.346 13.967  1.00 8.49  ? 16  ASP A N   1 
ATOM   81   C  CA  . ASP A 1 17 ? 0.461   -11.830 15.157  1.00 9.87  ? 16  ASP A CA  1 
ATOM   82   C  C   . ASP A 1 17 ? 1.962   -12.090 15.014  1.00 10.82 ? 16  ASP A C   1 
ATOM   83   O  O   . ASP A 1 17 ? 2.421   -13.239 15.061  1.00 11.09 ? 16  ASP A O   1 
ATOM   84   C  CB  . ASP A 1 17 ? -0.102  -12.567 16.357  1.00 10.16 ? 16  ASP A CB  1 
ATOM   85   C  CG  . ASP A 1 17 ? 0.368   -12.030 17.698  1.00 14.19 ? 16  ASP A CG  1 
ATOM   86   O  OD1 . ASP A 1 17 ? 1.283   -11.184 17.755  1.00 13.29 ? 16  ASP A OD1 1 
ATOM   87   O  OD2 . ASP A 1 17 ? -0.170  -12.548 18.728  1.00 15.63 ? 16  ASP A OD2 1 
ATOM   88   N  N   . GLU A 1 18 ? 2.725   -11.024 14.813  1.00 10.05 ? 17  GLU A N   1 
ATOM   89   C  CA  . GLU A 1 18 ? 4.185   -11.078 14.764  1.00 11.46 ? 17  GLU A CA  1 
ATOM   90   C  C   . GLU A 1 18 ? 4.795   -10.619 16.094  1.00 11.73 ? 17  GLU A C   1 
ATOM   91   O  O   . GLU A 1 18 ? 5.965   -10.163 16.103  1.00 13.62 ? 17  GLU A O   1 
ATOM   92   C  CB  . GLU A 1 18 ? 4.666   -10.207 13.607  1.00 11.40 ? 17  GLU A CB  1 
ATOM   93   C  CG  . GLU A 1 18 ? 4.291   -10.758 12.224  1.00 12.44 ? 17  GLU A CG  1 
ATOM   94   C  CD  . GLU A 1 18 ? 4.999   -12.049 11.926  1.00 18.68 ? 17  GLU A CD  1 
ATOM   95   O  OE1 . GLU A 1 18 ? 6.032   -12.312 12.565  1.00 22.14 ? 17  GLU A OE1 1 
ATOM   96   O  OE2 . GLU A 1 18 ? 4.489   -12.859 11.137  1.00 21.95 ? 17  GLU A OE2 1 
ATOM   97   N  N   . GLY A 1 19 ? 4.034   -10.663 17.184  1.00 11.91 ? 18  GLY A N   1 
ATOM   98   C  CA  . GLY A 1 19 ? 4.592   -10.428 18.525  1.00 13.89 ? 18  GLY A CA  1 
ATOM   99   C  C   . GLY A 1 19 ? 4.601   -8.961  18.897  1.00 14.75 ? 18  GLY A C   1 
ATOM   100  O  O   . GLY A 1 19 ? 3.984   -8.574  19.894  1.00 18.63 ? 18  GLY A O   1 
ATOM   101  N  N   . THR A 1 20 ? 5.271   -8.149  18.090  1.00 13.43 ? 19  THR A N   1 
ATOM   102  C  CA  . THR A 1 20 ? 5.367   -6.723  18.322  1.00 14.03 ? 19  THR A CA  1 
ATOM   103  C  C   . THR A 1 20 ? 4.586   -5.885  17.314  1.00 13.50 ? 19  THR A C   1 
ATOM   104  O  O   . THR A 1 20 ? 4.579   -4.652  17.377  1.00 14.78 ? 19  THR A O   1 
ATOM   105  C  CB  . THR A 1 20 ? 6.826   -6.302  18.302  1.00 13.39 ? 19  THR A CB  1 
ATOM   106  O  OG1 . THR A 1 20 ? 7.405   -6.715  17.073  1.00 14.57 ? 19  THR A OG1 1 
ATOM   107  C  CG2 . THR A 1 20 ? 7.598   -6.968  19.514  1.00 15.02 ? 19  THR A CG2 1 
ATOM   108  N  N   . TYR A 1 21 ? 3.911   -6.556  16.375  1.00 12.97 ? 20  TYR A N   1 
ATOM   109  C  CA  . TYR A 1 21 ? 3.077   -5.874  15.397  1.00 11.94 ? 20  TYR A CA  1 
ATOM   110  C  C   . TYR A 1 21 ? 2.203   -6.917  14.719  1.00 11.07 ? 20  TYR A C   1 
ATOM   111  O  O   . TYR A 1 21 ? 2.401   -8.129  14.953  1.00 11.57 ? 20  TYR A O   1 
ATOM   112  C  CB  . TYR A 1 21 ? 3.889   -5.100  14.318  1.00 12.55 ? 20  TYR A CB  1 
ATOM   113  C  CG  . TYR A 1 21 ? 4.739   -5.952  13.402  1.00 10.73 ? 20  TYR A CG  1 
ATOM   114  C  CD1 . TYR A 1 21 ? 5.995   -6.372  13.805  1.00 12.43 ? 20  TYR A CD1 1 
ATOM   115  C  CD2 . TYR A 1 21 ? 4.292   -6.362  12.146  1.00 13.61 ? 20  TYR A CD2 1 
ATOM   116  C  CE1 . TYR A 1 21 ? 6.772   -7.166  12.990  1.00 12.84 ? 20  TYR A CE1 1 
ATOM   117  C  CE2 . TYR A 1 21 ? 5.070   -7.141  11.328  1.00 13.47 ? 20  TYR A CE2 1 
ATOM   118  C  CZ  . TYR A 1 21 ? 6.314   -7.525  11.746  1.00 16.78 ? 20  TYR A CZ  1 
ATOM   119  O  OH  . TYR A 1 21 ? 7.121   -8.315  10.964  1.00 21.89 ? 20  TYR A OH  1 
ATOM   120  N  N   . TRP A 1 22 ? 1.318   -6.449  13.838  1.00 9.42  ? 21  TRP A N   1 
ATOM   121  C  CA  . TRP A 1 22 ? 0.411   -7.280  13.096  1.00 9.03  ? 21  TRP A CA  1 
ATOM   122  C  C   . TRP A 1 22 ? 0.674   -7.157  11.615  1.00 9.39  ? 21  TRP A C   1 
ATOM   123  O  O   . TRP A 1 22 ? 0.693   -6.041  11.095  1.00 10.57 ? 21  TRP A O   1 
ATOM   124  C  CB  . TRP A 1 22 ? -1.041  -6.848  13.329  1.00 10.25 ? 21  TRP A CB  1 
ATOM   125  C  CG  . TRP A 1 22 ? -1.500  -7.179  14.726  1.00 9.39  ? 21  TRP A CG  1 
ATOM   126  C  CD1 . TRP A 1 22 ? -1.356  -6.430  15.843  1.00 11.87 ? 21  TRP A CD1 1 
ATOM   127  C  CD2 . TRP A 1 22 ? -2.028  -8.420  15.126  1.00 9.11  ? 21  TRP A CD2 1 
ATOM   128  N  NE1 . TRP A 1 22 ? -1.814  -7.147  16.952  1.00 12.91 ? 21  TRP A NE1 1 
ATOM   129  C  CE2 . TRP A 1 22 ? -2.220  -8.375  16.529  1.00 11.94 ? 21  TRP A CE2 1 
ATOM   130  C  CE3 . TRP A 1 22 ? -2.371  -9.577  14.435  1.00 10.87 ? 21  TRP A CE3 1 
ATOM   131  C  CZ2 . TRP A 1 22 ? -2.765  -9.458  17.231  1.00 12.48 ? 21  TRP A CZ2 1 
ATOM   132  C  CZ3 . TRP A 1 22 ? -2.907  -10.632 15.122  1.00 11.41 ? 21  TRP A CZ3 1 
ATOM   133  C  CH2 . TRP A 1 22 ? -3.121  -10.570 16.508  1.00 10.30 ? 21  TRP A CH2 1 
ATOM   134  N  N   A ASP A 1 23 ? 0.881   -8.284  10.952  0.50 8.81  ? 22  ASP A N   1 
ATOM   135  N  N   B ASP A 1 23 ? 0.921   -8.289  10.951  0.50 9.14  ? 22  ASP A N   1 
ATOM   136  C  CA  A ASP A 1 23 ? 1.005   -8.343  9.499   0.50 8.86  ? 22  ASP A CA  1 
ATOM   137  C  CA  B ASP A 1 23 ? 0.966   -8.382  9.474   0.50 9.21  ? 22  ASP A CA  1 
ATOM   138  C  C   A ASP A 1 23 ? -0.364  -8.576  8.892   0.50 8.68  ? 22  ASP A C   1 
ATOM   139  C  C   B ASP A 1 23 ? -0.465  -8.448  8.995   0.50 8.96  ? 22  ASP A C   1 
ATOM   140  O  O   A ASP A 1 23 ? -1.064  -9.479  9.318   0.50 8.43  ? 22  ASP A O   1 
ATOM   141  O  O   B ASP A 1 23 ? -1.342  -9.011  9.667   0.50 7.88  ? 22  ASP A O   1 
ATOM   142  C  CB  A ASP A 1 23 ? 1.861   -9.544  9.151   0.50 9.21  ? 22  ASP A CB  1 
ATOM   143  C  CB  B ASP A 1 23 ? 1.743   -9.644  9.038   0.50 10.72 ? 22  ASP A CB  1 
ATOM   144  C  CG  A ASP A 1 23 ? 3.262   -9.219  8.837   0.50 10.93 ? 22  ASP A CG  1 
ATOM   145  C  CG  B ASP A 1 23 ? 2.052   -9.718  7.498   0.50 10.97 ? 22  ASP A CG  1 
ATOM   146  O  OD1 A ASP A 1 23 ? 3.587   -8.070  8.512   0.50 9.98  ? 22  ASP A OD1 1 
ATOM   147  O  OD1 B ASP A 1 23 ? 1.228   -10.068 6.547   0.50 15.81 ? 22  ASP A OD1 1 
ATOM   148  O  OD2 A ASP A 1 23 ? 4.054   -10.185 8.872   0.50 13.28 ? 22  ASP A OD2 1 
ATOM   149  O  OD2 B ASP A 1 23 ? 3.237   -9.449  7.204   0.50 19.13 ? 22  ASP A OD2 1 
ATOM   150  N  N   . VAL A 1 24 ? -0.717  -7.795  7.866   1.00 8.58  ? 23  VAL A N   1 
ATOM   151  C  CA  . VAL A 1 24 ? -2.016  -7.909  7.230   1.00 9.27  ? 23  VAL A CA  1 
ATOM   152  C  C   . VAL A 1 24 ? -1.807  -8.275  5.766   1.00 9.10  ? 23  VAL A C   1 
ATOM   153  O  O   . VAL A 1 24 ? -1.075  -7.591  5.031   1.00 10.37 ? 23  VAL A O   1 
ATOM   154  C  CB  . VAL A 1 24 ? -2.789  -6.577  7.322   1.00 9.36  ? 23  VAL A CB  1 
ATOM   155  C  CG1 . VAL A 1 24 ? -4.136  -6.777  6.572   1.00 11.61 ? 23  VAL A CG1 1 
ATOM   156  C  CG2 . VAL A 1 24 ? -3.043  -6.182  8.735   1.00 10.81 ? 23  VAL A CG2 1 
ATOM   157  N  N   . ARG A 1 25 ? -2.466  -9.313  5.279   1.00 8.52  ? 24  ARG A N   1 
ATOM   158  C  CA  . ARG A 1 25 ? -2.444  -9.660  3.863   1.00 9.38  ? 24  ARG A CA  1 
ATOM   159  C  C   . ARG A 1 25 ? -3.842  -10.038 3.405   1.00 9.29  ? 24  ARG A C   1 
ATOM   160  O  O   . ARG A 1 25 ? -4.689  -10.506 4.173   1.00 10.06 ? 24  ARG A O   1 
ATOM   161  C  CB  . ARG A 1 25 ? -1.490  -10.805 3.550   1.00 10.68 ? 24  ARG A CB  1 
ATOM   162  C  CG  . ARG A 1 25 ? -1.884  -12.156 4.051   1.00 11.91 ? 24  ARG A CG  1 
ATOM   163  C  CD  . ARG A 1 25 ? -0.746  -13.171 3.907   1.00 12.57 ? 24  ARG A CD  1 
ATOM   164  N  NE  . ARG A 1 25 ? -1.141  -14.564 4.189   1.00 14.72 ? 24  ARG A NE  1 
ATOM   165  C  CZ  . ARG A 1 25 ? -1.195  -15.124 5.395   1.00 15.11 ? 24  ARG A CZ  1 
ATOM   166  N  NH1 . ARG A 1 25 ? -0.877  -14.434 6.489   1.00 12.59 ? 24  ARG A NH1 1 
ATOM   167  N  NH2 . ARG A 1 25 ? -1.528  -16.422 5.476   1.00 16.87 ? 24  ARG A NH2 1 
ATOM   168  N  N   . PHE A 1 26 ? -4.082  -9.818  2.125   1.00 8.32  ? 25  PHE A N   1 
ATOM   169  C  CA  . PHE A 1 26 ? -5.302  -10.185 1.469   1.00 7.95  ? 25  PHE A CA  1 
ATOM   170  C  C   . PHE A 1 26 ? -5.006  -11.203 0.384   1.00 8.01  ? 25  PHE A C   1 
ATOM   171  O  O   . PHE A 1 26 ? -4.431  -10.863 -0.671  1.00 8.59  ? 25  PHE A O   1 
ATOM   172  C  CB  . PHE A 1 26 ? -5.942  -8.963  0.781   1.00 8.40  ? 25  PHE A CB  1 
ATOM   173  C  CG  . PHE A 1 26 ? -6.416  -7.883  1.704   1.00 7.73  ? 25  PHE A CG  1 
ATOM   174  C  CD1 . PHE A 1 26 ? -7.711  -7.868  2.175   1.00 8.95  ? 25  PHE A CD1 1 
ATOM   175  C  CD2 . PHE A 1 26 ? -5.587  -6.843  2.094   1.00 7.14  ? 25  PHE A CD2 1 
ATOM   176  C  CE1 . PHE A 1 26 ? -8.183  -6.824  2.977   1.00 9.17  ? 25  PHE A CE1 1 
ATOM   177  C  CE2 . PHE A 1 26 ? -6.045  -5.830  2.899   1.00 8.40  ? 25  PHE A CE2 1 
ATOM   178  C  CZ  . PHE A 1 26 ? -7.327  -5.821  3.351   1.00 8.78  ? 25  PHE A CZ  1 
ATOM   179  N  N   . PRO A 1 27 ? -5.429  -12.462 0.591   1.00 7.71  ? 26  PRO A N   1 
ATOM   180  C  CA  . PRO A 1 27 ? -5.217  -13.429 -0.510  1.00 7.77  ? 26  PRO A CA  1 
ATOM   181  C  C   . PRO A 1 27 ? -5.805  -13.000 -1.850  1.00 8.39  ? 26  PRO A C   1 
ATOM   182  O  O   . PRO A 1 27 ? -5.259  -13.315 -2.896  1.00 9.49  ? 26  PRO A O   1 
ATOM   183  C  CB  . PRO A 1 27 ? -5.883  -14.696 0.053   1.00 8.92  ? 26  PRO A CB  1 
ATOM   184  C  CG  . PRO A 1 27 ? -5.703  -14.560 1.561   1.00 10.36 ? 26  PRO A CG  1 
ATOM   185  C  CD  . PRO A 1 27 ? -5.894  -13.086 1.838   1.00 8.86  ? 26  PRO A CD  1 
ATOM   186  N  N   . ASP A 1 28 ? -6.894  -12.229 -1.818  1.00 7.87  ? 27  ASP A N   1 
ATOM   187  C  CA  . ASP A 1 28 ? -7.539  -11.788 -3.047  1.00 7.76  ? 27  ASP A CA  1 
ATOM   188  C  C   . ASP A 1 28 ? -6.914  -10.573 -3.675  1.00 7.49  ? 27  ASP A C   1 
ATOM   189  O  O   . ASP A 1 28 ? -7.168  -10.280 -4.854  1.00 8.72  ? 27  ASP A O   1 
ATOM   190  C  CB  . ASP A 1 28 ? -9.016  -11.457 -2.757  1.00 8.34  ? 27  ASP A CB  1 
ATOM   191  C  CG  . ASP A 1 28 ? -9.776  -12.637 -2.213  1.00 8.33  ? 27  ASP A CG  1 
ATOM   192  O  OD1 . ASP A 1 28 ? -9.664  -13.715 -2.817  1.00 9.68  ? 27  ASP A OD1 1 
ATOM   193  O  OD2 . ASP A 1 28 ? -10.517 -12.448 -1.197  1.00 8.99  ? 27  ASP A OD2 1 
ATOM   194  N  N   . VAL A 1 29 ? -6.101  -9.853  -2.884  1.00 7.90  ? 28  VAL A N   1 
ATOM   195  C  CA  . VAL A 1 29 ? -5.525  -8.550  -3.292  1.00 8.94  ? 28  VAL A CA  1 
ATOM   196  C  C   . VAL A 1 29 ? -4.060  -8.475  -2.791  1.00 9.14  ? 28  VAL A C   1 
ATOM   197  O  O   . VAL A 1 29 ? -3.770  -7.763  -1.825  1.00 9.52  ? 28  VAL A O   1 
ATOM   198  C  CB  . VAL A 1 29 ? -6.337  -7.346  -2.763  1.00 8.94  ? 28  VAL A CB  1 
ATOM   199  C  CG1 . VAL A 1 29 ? -5.848  -6.062  -3.463  1.00 10.81 ? 28  VAL A CG1 1 
ATOM   200  C  CG2 . VAL A 1 29 ? -7.866  -7.526  -3.031  1.00 10.43 ? 28  VAL A CG2 1 
ATOM   201  N  N   . PRO A 1 30 ? -3.151  -9.204  -3.449  1.00 10.65 ? 29  PRO A N   1 
ATOM   202  C  CA  . PRO A 1 30 ? -1.788  -9.285  -2.918  1.00 11.55 ? 29  PRO A CA  1 
ATOM   203  C  C   . PRO A 1 30 ? -1.055  -7.957  -2.742  1.00 11.49 ? 29  PRO A C   1 
ATOM   204  O  O   . PRO A 1 30 ? -0.280  -7.822  -1.777  1.00 12.97 ? 29  PRO A O   1 
ATOM   205  C  CB  . PRO A 1 30 ? -1.063  -10.210 -3.882  1.00 12.33 ? 29  PRO A CB  1 
ATOM   206  C  CG  . PRO A 1 30 ? -2.173  -10.968 -4.624  1.00 14.76 ? 29  PRO A CG  1 
ATOM   207  C  CD  . PRO A 1 30 ? -3.382  -10.122 -4.575  1.00 11.04 ? 29  PRO A CD  1 
ATOM   208  N  N   . ALA A 1 31 ? -1.306  -6.973  -3.589  1.00 9.99  ? 30  ALA A N   1 
ATOM   209  C  CA  . ALA A 1 31 ? -0.616  -5.686  -3.437  1.00 10.38 ? 30  ALA A CA  1 
ATOM   210  C  C   . ALA A 1 31 ? -1.069  -4.841  -2.269  1.00 10.94 ? 30  ALA A C   1 
ATOM   211  O  O   . ALA A 1 31 ? -0.492  -3.785  -1.979  1.00 11.48 ? 30  ALA A O   1 
ATOM   212  C  CB  . ALA A 1 31 ? -0.717  -4.878  -4.763  1.00 11.31 ? 30  ALA A CB  1 
ATOM   213  N  N   . ALA A 1 32 ? -2.091  -5.289  -1.541  1.00 9.71  ? 31  ALA A N   1 
ATOM   214  C  CA  . ALA A 1 32 ? -2.646  -4.553  -0.399  1.00 9.62  ? 31  ALA A CA  1 
ATOM   215  C  C   . ALA A 1 32 ? -1.997  -5.012  0.930   1.00 9.52  ? 31  ALA A C   1 
ATOM   216  O  O   . ALA A 1 32 ? -2.489  -4.663  2.011   1.00 10.11 ? 31  ALA A O   1 
ATOM   217  C  CB  . ALA A 1 32 ? -4.156  -4.696  -0.352  1.00 10.26 ? 31  ALA A CB  1 
ATOM   218  N  N   . GLN A 1 33 ? -0.874  -5.699  0.856   1.00 9.85  ? 32  GLN A N   1 
ATOM   219  C  CA  . GLN A 1 33 ? -0.200  -6.116  2.068   1.00 8.84  ? 32  GLN A CA  1 
ATOM   220  C  C   . GLN A 1 33 ? 0.269   -4.905  2.882   1.00 8.72  ? 32  GLN A C   1 
ATOM   221  O  O   . GLN A 1 33 ? 0.848   -3.956  2.338   1.00 10.09 ? 32  GLN A O   1 
ATOM   222  C  CB  . GLN A 1 33 ? 1.005   -6.977  1.706   1.00 10.50 ? 32  GLN A CB  1 
ATOM   223  C  CG  . GLN A 1 33 ? 1.637   -7.627  2.926   1.00 13.73 ? 32  GLN A CG  1 
ATOM   224  C  CD  . GLN A 1 33 ? 2.836   -8.482  2.563   1.00 20.38 ? 32  GLN A CD  1 
ATOM   225  O  OE1 . GLN A 1 33 ? 2.955   -8.988  1.434   1.00 25.74 ? 32  GLN A OE1 1 
ATOM   226  N  NE2 . GLN A 1 33 ? 3.749   -8.610  3.504   1.00 18.69 ? 32  GLN A NE2 1 
ATOM   227  N  N   . THR A 1 34 ? 0.045   -4.952  4.175   1.00 8.26  ? 33  THR A N   1 
ATOM   228  C  CA  . THR A 1 34 ? 0.472   -3.880  5.065   1.00 8.81  ? 33  THR A CA  1 
ATOM   229  C  C   . THR A 1 34 ? 0.693   -4.451  6.461   1.00 9.05  ? 33  THR A C   1 
ATOM   230  O  O   . THR A 1 34 ? 0.834   -5.647  6.633   1.00 9.63  ? 33  THR A O   1 
ATOM   231  C  CB  . THR A 1 34 ? -0.526  -2.662  5.029   1.00 8.53  ? 33  THR A CB  1 
ATOM   232  O  OG1 . THR A 1 34 ? 0.005   -1.556  5.755   1.00 8.63  ? 33  THR A OG1 1 
ATOM   233  C  CG2 . THR A 1 34 ? -1.918  -3.021  5.521   1.00 10.76 ? 33  THR A CG2 1 
ATOM   234  N  N   . PHE A 1 35 ? 0.844   -3.573  7.435   1.00 9.35  ? 34  PHE A N   1 
ATOM   235  C  CA  . PHE A 1 35 ? 1.026   -3.970  8.823   1.00 9.57  ? 34  PHE A CA  1 
ATOM   236  C  C   . PHE A 1 35 ? 0.697   -2.811  9.720   1.00 9.87  ? 34  PHE A C   1 
ATOM   237  O  O   . PHE A 1 35 ? 0.545   -1.672  9.262   1.00 9.41  ? 34  PHE A O   1 
ATOM   238  C  CB  . PHE A 1 35 ? 2.449   -4.493  9.065   1.00 11.16 ? 34  PHE A CB  1 
ATOM   239  C  CG  . PHE A 1 35 ? 3.501   -3.531  8.753   1.00 10.48 ? 34  PHE A CG  1 
ATOM   240  C  CD1 . PHE A 1 35 ? 4.006   -3.413  7.462   1.00 10.98 ? 34  PHE A CD1 1 
ATOM   241  C  CD2 . PHE A 1 35 ? 3.982   -2.689  9.714   1.00 10.59 ? 34  PHE A CD2 1 
ATOM   242  C  CE1 . PHE A 1 35 ? 4.988   -2.496  7.157   1.00 12.72 ? 34  PHE A CE1 1 
ATOM   243  C  CE2 . PHE A 1 35 ? 4.953   -1.754  9.425   1.00 13.21 ? 34  PHE A CE2 1 
ATOM   244  C  CZ  . PHE A 1 35 ? 5.456   -1.660  8.108   1.00 11.60 ? 34  PHE A CZ  1 
ATOM   245  N  N   . GLY A 1 36 ? 0.591   -3.079  11.024  1.00 9.35  ? 35  GLY A N   1 
ATOM   246  C  CA  . GLY A 1 36 ? 0.382   -2.017  11.989  1.00 9.48  ? 35  GLY A CA  1 
ATOM   247  C  C   . GLY A 1 36 ? 0.736   -2.478  13.391  1.00 9.87  ? 35  GLY A C   1 
ATOM   248  O  O   . GLY A 1 36 ? 0.825   -3.687  13.671  1.00 10.38 ? 35  GLY A O   1 
ATOM   249  N  N   . ALA A 1 37 ? 0.946   -1.533  14.294  1.00 9.69  ? 36  ALA A N   1 
ATOM   250  C  CA  . ALA A 1 37 ? 1.380   -1.870  15.631  1.00 10.87 ? 36  ALA A CA  1 
ATOM   251  C  C   . ALA A 1 37 ? 0.307   -2.518  16.468  1.00 11.79 ? 36  ALA A C   1 
ATOM   252  O  O   . ALA A 1 37 ? 0.635   -3.176  17.458  1.00 14.98 ? 36  ALA A O   1 
ATOM   253  C  CB  . ALA A 1 37 ? 1.888   -0.606  16.342  1.00 11.78 ? 36  ALA A CB  1 
ATOM   254  N  N   . SER A 1 38 ? -0.949  -2.243  16.173  1.00 9.90  ? 37  SER A N   1 
ATOM   255  C  CA  . SER A 1 38 ? -2.115  -2.800  16.868  1.00 10.07 ? 37  SER A CA  1 
ATOM   256  C  C   . SER A 1 38 ? -3.090  -3.285  15.858  1.00 9.48  ? 37  SER A C   1 
ATOM   257  O  O   . SER A 1 38 ? -3.008  -2.931  14.686  1.00 9.35  ? 37  SER A O   1 
ATOM   258  C  CB  . SER A 1 38 ? -2.782  -1.719  17.728  1.00 11.94 ? 37  SER A CB  1 
ATOM   259  O  OG  . SER A 1 38 ? -3.316  -0.673  16.930  1.00 12.41 ? 37  SER A OG  1 
ATOM   260  N  N   . VAL A 1 39 ? -4.044  -4.116  16.284  1.00 10.26 ? 38  VAL A N   1 
ATOM   261  C  CA  . VAL A 1 39 ? -5.049  -4.602  15.358  1.00 8.99  ? 38  VAL A CA  1 
ATOM   262  C  C   . VAL A 1 39 ? -5.803  -3.439  14.686  1.00 10.05 ? 38  VAL A C   1 
ATOM   263  O  O   . VAL A 1 39 ? -6.000  -3.419  13.455  1.00 10.15 ? 38  VAL A O   1 
ATOM   264  C  CB  . VAL A 1 39 ? -6.049  -5.552  16.041  1.00 9.26  ? 38  VAL A CB  1 
ATOM   265  C  CG1 . VAL A 1 39 ? -7.191  -5.931  15.110  1.00 10.42 ? 38  VAL A CG1 1 
ATOM   266  C  CG2 . VAL A 1 39 ? -5.320  -6.816  16.525  1.00 11.87 ? 38  VAL A CG2 1 
ATOM   267  N  N   . GLN A 1 40 ? -6.234  -2.454  15.470  1.00 10.68 ? 39  GLN A N   1 
ATOM   268  C  CA  . GLN A 1 40 ? -7.014  -1.395  14.872  1.00 10.52 ? 39  GLN A CA  1 
ATOM   269  C  C   . GLN A 1 40 ? -6.215  -0.525  13.915  1.00 10.03 ? 39  GLN A C   1 
ATOM   270  O  O   . GLN A 1 40 ? -6.716  -0.144  12.866  1.00 11.28 ? 39  GLN A O   1 
ATOM   271  C  CB  . GLN A 1 40 ? -7.683  -0.545  15.926  1.00 11.55 ? 39  GLN A CB  1 
ATOM   272  C  CG  . GLN A 1 40 ? -8.721  0.376   15.327  1.00 14.14 ? 39  GLN A CG  1 
ATOM   273  C  CD  . GLN A 1 40 ? -9.811  -0.371  14.551  1.00 17.96 ? 39  GLN A CD  1 
ATOM   274  O  OE1 . GLN A 1 40 ? -10.512 -1.262  15.102  1.00 20.86 ? 39  GLN A OE1 1 
ATOM   275  N  NE2 . GLN A 1 40 ? -9.924  -0.057  13.250  1.00 17.22 ? 39  GLN A NE2 1 
ATOM   276  N  N   . VAL A 1 41 ? -4.979  -0.197  14.279  1.00 9.17  ? 40  VAL A N   1 
ATOM   277  C  CA  . VAL A 1 41 ? -4.131  0.553   13.361  1.00 8.66  ? 40  VAL A CA  1 
ATOM   278  C  C   . VAL A 1 41 ? -3.900  -0.240  12.070  1.00 8.10  ? 40  VAL A C   1 
ATOM   279  O  O   . VAL A 1 41 ? -3.972  0.301   10.957  1.00 8.93  ? 40  VAL A O   1 
ATOM   280  C  CB  . VAL A 1 41 ? -2.819  0.985   14.031  1.00 9.41  ? 40  VAL A CB  1 
ATOM   281  C  CG1 . VAL A 1 41 ? -1.843  1.571   12.989  1.00 11.33 ? 40  VAL A CG1 1 
ATOM   282  C  CG2 . VAL A 1 41 ? -3.083  2.023   15.168  1.00 11.39 ? 40  VAL A CG2 1 
ATOM   283  N  N   . ALA A 1 42 ? -3.577  -1.530  12.207  1.00 8.12  ? 41  ALA A N   1 
ATOM   284  C  CA  . ALA A 1 42 ? -3.403  -2.394  11.050  1.00 7.97  ? 41  ALA A CA  1 
ATOM   285  C  C   . ALA A 1 42 ? -4.648  -2.409  10.170  1.00 8.90  ? 41  ALA A C   1 
ATOM   286  O  O   . ALA A 1 42 ? -4.536  -2.382  8.940   1.00 8.84  ? 41  ALA A O   1 
ATOM   287  C  CB  . ALA A 1 42 ? -3.018  -3.819  11.490  1.00 8.84  ? 41  ALA A CB  1 
ATOM   288  N  N   . ALA A 1 43 ? -5.848  -2.455  10.768  1.00 9.58  ? 42  ALA A N   1 
ATOM   289  C  CA  . ALA A 1 43 ? -7.085  -2.430  10.035  1.00 9.07  ? 42  ALA A CA  1 
ATOM   290  C  C   . ALA A 1 43 ? -7.315  -1.123  9.290   1.00 8.91  ? 42  ALA A C   1 
ATOM   291  O  O   . ALA A 1 43 ? -7.774  -1.102  8.132   1.00 9.17  ? 42  ALA A O   1 
ATOM   292  C  CB  . ALA A 1 43 ? -8.276  -2.726  10.971  1.00 9.65  ? 42  ALA A CB  1 
ATOM   293  N  N   . ASP A 1 44 ? -6.997  -0.016  9.964   1.00 9.73  ? 43  ASP A N   1 
ATOM   294  C  CA  . ASP A 1 44 ? -7.083  1.300   9.340   1.00 10.28 ? 43  ASP A CA  1 
ATOM   295  C  C   . ASP A 1 44 ? -6.180  1.334   8.102   1.00 9.35  ? 43  ASP A C   1 
ATOM   296  O  O   . ASP A 1 44 ? -6.540  1.815   7.000   1.00 9.71  ? 43  ASP A O   1 
ATOM   297  C  CB  . ASP A 1 44 ? -6.615  2.420   10.288  1.00 10.99 ? 43  ASP A CB  1 
ATOM   298  C  CG  . ASP A 1 44 ? -7.511  2.627   11.498  1.00 15.75 ? 43  ASP A CG  1 
ATOM   299  O  OD1 . ASP A 1 44 ? -8.682  2.182   11.500  1.00 17.47 ? 43  ASP A OD1 1 
ATOM   300  O  OD2 . ASP A 1 44 ? -7.009  3.263   12.480  1.00 18.03 ? 43  ASP A OD2 1 
ATOM   301  N  N   . ASN A 1 45 ? -4.970  0.828   8.276   1.00 8.27  ? 44  ASN A N   1 
ATOM   302  C  CA  . ASN A 1 45 ? -4.009  0.820   7.203   1.00 8.88  ? 44  ASN A CA  1 
ATOM   303  C  C   . ASN A 1 45 ? -4.451  -0.057  6.051   1.00 9.69  ? 44  ASN A C   1 
ATOM   304  O  O   . ASN A 1 45 ? -4.273  0.290   4.870   1.00 9.39  ? 44  ASN A O   1 
ATOM   305  C  CB  . ASN A 1 45 ? -2.644  0.336   7.713   1.00 8.33  ? 44  ASN A CB  1 
ATOM   306  C  CG  . ASN A 1 45 ? -2.021  1.259   8.753   1.00 8.60  ? 44  ASN A CG  1 
ATOM   307  O  OD1 . ASN A 1 45 ? -2.426  2.421   8.917   1.00 8.67  ? 44  ASN A OD1 1 
ATOM   308  N  ND2 . ASN A 1 45 ? -1.005  0.763   9.435   1.00 8.58  ? 44  ASN A ND2 1 
ATOM   309  N  N   . ALA A 1 46 ? -5.023  -1.205  6.400   1.00 9.02  ? 45  ALA A N   1 
ATOM   310  C  CA  . ALA A 1 46 ? -5.532  -2.158  5.412   1.00 9.08  ? 45  ALA A CA  1 
ATOM   311  C  C   . ALA A 1 46 ? -6.590  -1.539  4.492   1.00 9.40  ? 45  ALA A C   1 
ATOM   312  O  O   . ALA A 1 46 ? -6.604  -1.858  3.294   1.00 9.31  ? 45  ALA A O   1 
ATOM   313  C  CB  . ALA A 1 46 ? -6.075  -3.424  6.150   1.00 9.07  ? 45  ALA A CB  1 
ATOM   314  N  N   . ALA A 1 47 ? -7.451  -0.667  5.026   1.00 8.72  ? 46  ALA A N   1 
ATOM   315  C  CA  . ALA A 1 47 ? -8.458  -0.022  4.204   1.00 8.39  ? 46  ALA A CA  1 
ATOM   316  C  C   . ALA A 1 47 ? -7.841  0.851   3.120   1.00 8.42  ? 46  ALA A C   1 
ATOM   317  O  O   . ALA A 1 47 ? -8.246  0.848   1.980   1.00 9.14  ? 46  ALA A O   1 
ATOM   318  C  CB  . ALA A 1 47 ? -9.447  0.788   5.075   1.00 9.66  ? 46  ALA A CB  1 
ATOM   319  N  N   . ASN A 1 48 ? -6.787  1.562   3.517   1.00 8.48  ? 47  ASN A N   1 
ATOM   320  C  CA  . ASN A 1 48 ? -6.030  2.377   2.572   1.00 8.01  ? 47  ASN A CA  1 
ATOM   321  C  C   . ASN A 1 48 ? -5.222  1.551   1.600   1.00 8.11  ? 47  ASN A C   1 
ATOM   322  O  O   . ASN A 1 48 ? -5.150  1.887   0.408   1.00 8.95  ? 47  ASN A O   1 
ATOM   323  C  CB  . ASN A 1 48 ? -5.116  3.332   3.349   1.00 8.50  ? 47  ASN A CB  1 
ATOM   324  C  CG  . ASN A 1 48 ? -5.886  4.493   3.964   1.00 9.44  ? 47  ASN A CG  1 
ATOM   325  O  OD1 . ASN A 1 48 ? -6.822  4.998   3.328   1.00 10.84 ? 47  ASN A OD1 1 
ATOM   326  N  ND2 . ASN A 1 48 ? -5.517  4.922   5.196   1.00 9.42  ? 47  ASN A ND2 1 
ATOM   327  N  N   . ALA A 1 49 ? -4.641  0.445   2.054   1.00 8.42  ? 48  ALA A N   1 
ATOM   328  C  CA  . ALA A 1 49 ? -3.887  -0.439  1.176   1.00 8.60  ? 48  ALA A CA  1 
ATOM   329  C  C   . ALA A 1 49 ? -4.770  -1.052  0.087   1.00 8.95  ? 48  ALA A C   1 
ATOM   330  O  O   . ALA A 1 49 ? -4.335  -1.189  -1.073  1.00 8.74  ? 48  ALA A O   1 
ATOM   331  C  CB  . ALA A 1 49 ? -3.171  -1.569  2.017   1.00 9.81  ? 48  ALA A CB  1 
ATOM   332  N  N   . LEU A 1 50 ? -6.011  -1.407  0.422   1.00 9.34  ? 49  LEU A N   1 
ATOM   333  C  CA  . LEU A 1 50 ? -6.940  -1.900  -0.602  1.00 9.43  ? 49  LEU A CA  1 
ATOM   334  C  C   . LEU A 1 50 ? -7.200  -0.836  -1.683  1.00 9.55  ? 49  LEU A C   1 
ATOM   335  O  O   . LEU A 1 50 ? -7.211  -1.133  -2.875  1.00 11.01 ? 49  LEU A O   1 
ATOM   336  C  CB  . LEU A 1 50 ? -8.267  -2.299  0.009   1.00 10.14 ? 49  LEU A CB  1 
ATOM   337  C  CG  . LEU A 1 50 ? -8.354  -3.614  0.745   1.00 10.47 ? 49  LEU A CG  1 
ATOM   338  C  CD1 . LEU A 1 50 ? -9.766  -3.769  1.394   1.00 10.80 ? 49  LEU A CD1 1 
ATOM   339  C  CD2 . LEU A 1 50 ? -8.070  -4.786  -0.264  1.00 9.86  ? 49  LEU A CD2 1 
ATOM   340  N  N   . ALA A 1 51 ? -7.453  0.405   -1.254  1.00 9.35  ? 50  ALA A N   1 
ATOM   341  C  CA  . ALA A 1 51 ? -7.677  1.483   -2.214  1.00 9.93  ? 50  ALA A CA  1 
ATOM   342  C  C   . ALA A 1 51 ? -6.490  1.634   -3.140  1.00 9.97  ? 50  ALA A C   1 
ATOM   343  O  O   . ALA A 1 51 ? -6.630  1.781   -4.359  1.00 10.43 ? 50  ALA A O   1 
ATOM   344  C  CB  . ALA A 1 51 ? -7.961  2.800   -1.475  1.00 10.11 ? 50  ALA A CB  1 
ATOM   345  N  N   . ILE A 1 52 ? -5.289  1.607   -2.580  1.00 8.73  ? 51  ILE A N   1 
ATOM   346  C  CA  . ILE A 1 52 ? -4.081  1.692   -3.394  1.00 9.19  ? 51  ILE A CA  1 
ATOM   347  C  C   . ILE A 1 52 ? -3.980  0.583   -4.435  1.00 10.25 ? 51  ILE A C   1 
ATOM   348  O  O   . ILE A 1 52 ? -3.743  0.832   -5.635  1.00 10.12 ? 51  ILE A O   1 
ATOM   349  C  CB  . ILE A 1 52 ? -2.809  1.683   -2.504  1.00 9.01  ? 51  ILE A CB  1 
ATOM   350  C  CG1 . ILE A 1 52 ? -2.703  2.995   -1.716  1.00 8.66  ? 51  ILE A CG1 1 
ATOM   351  C  CG2 . ILE A 1 52 ? -1.553  1.378   -3.349  1.00 9.89  ? 51  ILE A CG2 1 
ATOM   352  C  CD1 . ILE A 1 52 ? -1.702  2.955   -0.603  1.00 11.20 ? 51  ILE A CD1 1 
ATOM   353  N  N   . ALA A 1 53 ? -4.181  -0.657  -3.966  1.00 9.49  ? 52  ALA A N   1 
ATOM   354  C  CA  . ALA A 1 53 ? -3.961  -1.828  -4.797  1.00 10.72 ? 52  ALA A CA  1 
ATOM   355  C  C   . ALA A 1 53 ? -4.994  -1.980  -5.881  1.00 10.83 ? 52  ALA A C   1 
ATOM   356  O  O   . ALA A 1 53 ? -4.713  -2.547  -6.961  1.00 12.04 ? 52  ALA A O   1 
ATOM   357  C  CB  . ALA A 1 53 ? -3.978  -3.069  -3.900  1.00 9.89  ? 52  ALA A CB  1 
ATOM   358  N  N   . LEU A 1 54 ? -6.208  -1.505  -5.630  1.00 10.48 ? 53  LEU A N   1 
ATOM   359  C  CA  . LEU A 1 54 ? -7.313  -1.706  -6.578  1.00 10.62 ? 53  LEU A CA  1 
ATOM   360  C  C   . LEU A 1 54 ? -7.565  -0.513  -7.489  1.00 9.68  ? 53  LEU A C   1 
ATOM   361  O  O   . LEU A 1 54 ? -8.470  -0.575  -8.336  1.00 11.30 ? 53  LEU A O   1 
ATOM   362  C  CB  . LEU A 1 54 ? -8.579  -2.075  -5.836  1.00 10.71 ? 53  LEU A CB  1 
ATOM   363  C  CG  . LEU A 1 54 ? -8.440  -3.423  -5.084  1.00 13.05 ? 53  LEU A CG  1 
ATOM   364  C  CD1 . LEU A 1 54 ? -9.578  -3.577  -4.076  1.00 14.44 ? 53  LEU A CD1 1 
ATOM   365  C  CD2 . LEU A 1 54 ? -8.368  -4.583  -6.077  1.00 14.90 ? 53  LEU A CD2 1 
ATOM   366  N  N   . PHE A 1 55 ? -6.726  0.510   -7.392  1.00 11.11 ? 54  PHE A N   1 
ATOM   367  C  CA  . PHE A 1 55 ? -6.844  1.712   -8.242  1.00 11.15 ? 54  PHE A CA  1 
ATOM   368  C  C   . PHE A 1 55 ? -6.784  1.309   -9.696  1.00 12.54 ? 54  PHE A C   1 
ATOM   369  O  O   . PHE A 1 55 ? -5.820  0.682   -10.149 1.00 12.97 ? 54  PHE A O   1 
ATOM   370  C  CB  . PHE A 1 55 ? -5.704  2.688   -7.914  1.00 11.66 ? 54  PHE A CB  1 
ATOM   371  C  CG  . PHE A 1 55 ? -5.716  3.961   -8.723  1.00 11.40 ? 54  PHE A CG  1 
ATOM   372  C  CD1 . PHE A 1 55 ? -6.773  4.824   -8.624  1.00 12.23 ? 54  PHE A CD1 1 
ATOM   373  C  CD2 . PHE A 1 55 ? -4.667  4.268   -9.571  1.00 13.18 ? 54  PHE A CD2 1 
ATOM   374  C  CE1 . PHE A 1 55 ? -6.768  6.038   -9.348  1.00 13.70 ? 54  PHE A CE1 1 
ATOM   375  C  CE2 . PHE A 1 55 ? -4.659  5.456   -10.320 1.00 13.03 ? 54  PHE A CE2 1 
ATOM   376  C  CZ  . PHE A 1 55 ? -5.718  6.342   -10.170 1.00 12.00 ? 54  PHE A CZ  1 
ATOM   377  N  N   . GLU A 1 56 ? -7.818  1.689   -10.437 1.00 12.28 ? 55  GLU A N   1 
ATOM   378  C  CA  . GLU A 1 56 ? -7.932  1.444   -11.887 1.00 12.71 ? 55  GLU A CA  1 
ATOM   379  C  C   . GLU A 1 56 ? -7.892  -0.062  -12.269 1.00 13.00 ? 55  GLU A C   1 
ATOM   380  O  O   . GLU A 1 56 ? -7.527  -0.423  -13.411 1.00 15.63 ? 55  GLU A O   1 
ATOM   381  C  CB  . GLU A 1 56 ? -6.906  2.308   -12.652 1.00 13.60 ? 55  GLU A CB  1 
ATOM   382  C  CG  . GLU A 1 56 ? -7.233  3.796   -12.500 1.00 14.74 ? 55  GLU A CG  1 
ATOM   383  C  CD  . GLU A 1 56 ? -6.353  4.747   -13.333 1.00 19.59 ? 55  GLU A CD  1 
ATOM   384  O  OE1 . GLU A 1 56 ? -5.235  4.347   -13.745 1.00 23.47 ? 55  GLU A OE1 1 
ATOM   385  O  OE2 . GLU A 1 56 ? -6.769  5.918   -13.546 1.00 21.79 ? 55  GLU A OE2 1 
ATOM   386  N  N   A GLN A 1 57 ? -8.167  -0.910  -11.290 0.70 13.51 ? 56  GLN A N   1 
ATOM   387  N  N   B GLN A 1 57 ? -8.423  -0.913  -11.381 0.30 13.07 ? 56  GLN A N   1 
ATOM   388  C  CA  A GLN A 1 57 ? -8.169  -2.342  -11.498 0.70 13.30 ? 56  GLN A CA  1 
ATOM   389  C  CA  B GLN A 1 57 ? -8.499  -2.383  -11.588 0.30 12.69 ? 56  GLN A CA  1 
ATOM   390  C  C   A GLN A 1 57 ? -9.615  -2.782  -11.488 0.70 12.67 ? 56  GLN A C   1 
ATOM   391  C  C   B GLN A 1 57 ? -9.926  -2.937  -11.577 0.30 12.24 ? 56  GLN A C   1 
ATOM   392  O  O   A GLN A 1 57 ? -10.492 -2.159  -10.893 0.70 12.87 ? 56  GLN A O   1 
ATOM   393  O  O   B GLN A 1 57 ? -10.763 -2.465  -10.804 0.30 11.66 ? 56  GLN A O   1 
ATOM   394  C  CB  A GLN A 1 57 ? -7.428  -3.082  -10.376 0.70 14.57 ? 56  GLN A CB  1 
ATOM   395  C  CB  B GLN A 1 57 ? -7.783  -3.106  -10.445 0.30 13.31 ? 56  GLN A CB  1 
ATOM   396  C  CG  A GLN A 1 57 ? -5.985  -2.689  -10.180 0.70 17.44 ? 56  GLN A CG  1 
ATOM   397  C  CG  B GLN A 1 57 ? -6.367  -2.681  -10.214 0.30 14.38 ? 56  GLN A CG  1 
ATOM   398  C  CD  A GLN A 1 57 ? -5.067  -3.102  -11.313 0.70 21.61 ? 56  GLN A CD  1 
ATOM   399  C  CD  B GLN A 1 57 ? -5.463  -3.078  -11.347 0.30 16.08 ? 56  GLN A CD  1 
ATOM   400  O  OE1 A GLN A 1 57 ? -5.500  -3.644  -12.333 0.70 24.58 ? 56  GLN A OE1 1 
ATOM   401  O  OE1 B GLN A 1 57 ? -5.280  -4.268  -11.625 0.30 17.04 ? 56  GLN A OE1 1 
ATOM   402  N  NE2 A GLN A 1 57 ? -3.777  -2.851  -11.136 0.70 24.99 ? 56  GLN A NE2 1 
ATOM   403  N  NE2 B GLN A 1 57 ? -4.883  -2.087  -12.017 0.30 16.43 ? 56  GLN A NE2 1 
ATOM   404  N  N   A SER A 1 58 ? -9.872  -3.907  -12.141 0.50 12.62 ? 57  SER A N   1 
ATOM   405  N  N   B SER A 1 58 ? -10.204 -3.982  -12.362 0.50 12.38 ? 57  SER A N   1 
ATOM   406  C  CA  A SER A 1 58 ? -11.145 -4.597  -11.963 0.50 12.54 ? 57  SER A CA  1 
ATOM   407  C  CA  B SER A 1 58 ? -11.406 -4.757  -12.102 0.50 12.18 ? 57  SER A CA  1 
ATOM   408  C  C   A SER A 1 58 ? -11.173 -5.161  -10.541 0.50 12.60 ? 57  SER A C   1 
ATOM   409  C  C   B SER A 1 58 ? -11.292 -5.390  -10.720 0.50 12.55 ? 57  SER A C   1 
ATOM   410  O  O   A SER A 1 58 ? -10.121 -5.454  -9.948  0.50 11.89 ? 57  SER A O   1 
ATOM   411  O  O   B SER A 1 58 ? -10.271 -5.975  -10.364 0.50 13.06 ? 57  SER A O   1 
ATOM   412  C  CB  A SER A 1 58 ? -11.306 -5.702  -13.008 0.50 13.44 ? 57  SER A CB  1 
ATOM   413  C  CB  B SER A 1 58 ? -11.631 -5.804  -13.196 0.50 12.44 ? 57  SER A CB  1 
ATOM   414  O  OG  A SER A 1 58 ? -10.427 -6.760  -12.704 0.50 15.74 ? 57  SER A OG  1 
ATOM   415  O  OG  B SER A 1 58 ? -11.679 -5.148  -14.434 0.50 12.52 ? 57  SER A OG  1 
ATOM   416  N  N   . LEU A 1 59 ? -12.354 -5.247  -9.943  1.00 11.86 ? 58  LEU A N   1 
ATOM   417  C  CA  . LEU A 1 59 ? -12.399 -5.749  -8.582  1.00 11.72 ? 58  LEU A CA  1 
ATOM   418  C  C   . LEU A 1 59 ? -12.556 -7.272  -8.572  1.00 11.62 ? 58  LEU A C   1 
ATOM   419  O  O   . LEU A 1 59 ? -13.488 -7.811  -9.157  1.00 13.72 ? 58  LEU A O   1 
ATOM   420  C  CB  . LEU A 1 59 ? -13.531 -5.082  -7.813  1.00 12.82 ? 58  LEU A CB  1 
ATOM   421  C  CG  . LEU A 1 59 ? -13.462 -3.560  -7.639  1.00 14.90 ? 58  LEU A CG  1 
ATOM   422  C  CD1 . LEU A 1 59 ? -14.742 -3.115  -6.885  1.00 19.22 ? 58  LEU A CD1 1 
ATOM   423  C  CD2 . LEU A 1 59 ? -12.209 -3.073  -6.885  1.00 18.40 ? 58  LEU A CD2 1 
ATOM   424  N  N   . PRO A 1 60 ? -11.604 -7.976  -7.960  1.00 10.33 ? 59  PRO A N   1 
ATOM   425  C  CA  . PRO A 1 60 ? -11.715 -9.446  -7.903  1.00 11.27 ? 59  PRO A CA  1 
ATOM   426  C  C   . PRO A 1 60 ? -12.820 -9.848  -6.970  1.00 11.58 ? 59  PRO A C   1 
ATOM   427  O  O   . PRO A 1 60 ? -13.243 -9.042  -6.153  1.00 11.88 ? 59  PRO A O   1 
ATOM   428  C  CB  . PRO A 1 60 ? -10.365 -9.878  -7.337  1.00 11.94 ? 59  PRO A CB  1 
ATOM   429  C  CG  . PRO A 1 60 ? -9.866  -8.712  -6.628  1.00 13.18 ? 59  PRO A CG  1 
ATOM   430  C  CD  . PRO A 1 60 ? -10.378 -7.505  -7.298  1.00 11.56 ? 59  PRO A CD  1 
ATOM   431  N  N   . PRO A 1 61 ? -13.303 -11.081 -7.087  1.00 10.62 ? 60  PRO A N   1 
ATOM   432  C  CA  . PRO A 1 61 ? -14.253 -11.552 -6.112  1.00 11.34 ? 60  PRO A CA  1 
ATOM   433  C  C   . PRO A 1 61 ? -13.575 -11.681 -4.762  1.00 10.94 ? 60  PRO A C   1 
ATOM   434  O  O   . PRO A 1 61 ? -12.348 -11.845 -4.660  1.00 11.77 ? 60  PRO A O   1 
ATOM   435  C  CB  . PRO A 1 61 ? -14.671 -12.919 -6.673  1.00 10.81 ? 60  PRO A CB  1 
ATOM   436  C  CG  . PRO A 1 61 ? -13.447 -13.419 -7.374  1.00 11.59 ? 60  PRO A CG  1 
ATOM   437  C  CD  . PRO A 1 61 ? -12.891 -12.149 -8.018  1.00 12.50 ? 60  PRO A CD  1 
ATOM   438  N  N   . ALA A 1 62 ? -14.372 -11.560 -3.708  1.00 10.62 ? 61  ALA A N   1 
ATOM   439  C  CA  . ALA A 1 62 ? -13.892 -11.860 -2.374  1.00 9.66  ? 61  ALA A CA  1 
ATOM   440  C  C   . ALA A 1 62 ? -13.955 -13.361 -2.128  1.00 8.72  ? 61  ALA A C   1 
ATOM   441  O  O   . ALA A 1 62 ? -14.950 -14.019 -2.441  1.00 9.61  ? 61  ALA A O   1 
ATOM   442  C  CB  . ALA A 1 62 ? -14.742 -11.133 -1.338  1.00 9.54  ? 61  ALA A CB  1 
ATOM   443  N  N   . SER A 1 63 ? -12.892 -13.935 -1.558  1.00 9.17  ? 62  SER A N   1 
ATOM   444  C  CA  . SER A 1 63 ? -12.906 -15.299 -1.110  1.00 9.02  ? 62  SER A CA  1 
ATOM   445  C  C   . SER A 1 63 ? -13.783 -15.468 0.142   1.00 9.65  ? 62  SER A C   1 
ATOM   446  O  O   . SER A 1 63 ? -13.874 -14.581 0.984   1.00 10.55 ? 62  SER A O   1 
ATOM   447  C  CB  . SER A 1 63 ? -11.497 -15.751 -0.743  1.00 9.91  ? 62  SER A CB  1 
ATOM   448  O  OG  . SER A 1 63 ? -10.710 -15.947 -1.879  1.00 12.01 ? 62  SER A OG  1 
ATOM   449  N  N   . ASP A 1 64 ? -14.415 -16.631 0.240   1.00 9.40  ? 63  ASP A N   1 
ATOM   450  C  CA  . ASP A 1 64 ? -15.071 -17.044 1.480   1.00 10.02 ? 63  ASP A CA  1 
ATOM   451  C  C   . ASP A 1 64 ? -14.014 -17.635 2.435   1.00 10.54 ? 63  ASP A C   1 
ATOM   452  O  O   . ASP A 1 64 ? -13.429 -18.685 2.146   1.00 10.44 ? 63  ASP A O   1 
ATOM   453  C  CB  . ASP A 1 64 ? -16.142 -18.060 1.171   1.00 9.62  ? 63  ASP A CB  1 
ATOM   454  C  CG  . ASP A 1 64 ? -16.969 -18.409 2.384   1.00 14.27 ? 63  ASP A CG  1 
ATOM   455  O  OD1 . ASP A 1 64 ? -16.491 -18.230 3.518   1.00 13.09 ? 63  ASP A OD1 1 
ATOM   456  O  OD2 . ASP A 1 64 ? -18.122 -18.863 2.175   1.00 19.23 ? 63  ASP A OD2 1 
ATOM   457  N  N   . PRO A 1 65 ? -13.723 -16.935 3.561   1.00 10.78 ? 64  PRO A N   1 
ATOM   458  C  CA  . PRO A 1 65 ? -12.663 -17.393 4.426   1.00 12.13 ? 64  PRO A CA  1 
ATOM   459  C  C   . PRO A 1 65 ? -12.936 -18.679 5.163   1.00 12.94 ? 64  PRO A C   1 
ATOM   460  O  O   . PRO A 1 65 ? -12.007 -19.227 5.759   1.00 13.28 ? 64  PRO A O   1 
ATOM   461  C  CB  . PRO A 1 65 ? -12.469 -16.227 5.401   1.00 13.06 ? 64  PRO A CB  1 
ATOM   462  C  CG  . PRO A 1 65 ? -13.546 -15.319 5.219   1.00 14.78 ? 64  PRO A CG  1 
ATOM   463  C  CD  . PRO A 1 65 ? -14.350 -15.701 4.036   1.00 11.23 ? 64  PRO A CD  1 
ATOM   464  N  N   . GLN A 1 66 ? -14.160 -19.215 5.093   1.00 12.77 ? 65  GLN A N   1 
ATOM   465  C  CA  . GLN A 1 66 ? -14.419 -20.485 5.788   1.00 14.01 ? 65  GLN A CA  1 
ATOM   466  C  C   . GLN A 1 66 ? -13.594 -21.612 5.203   1.00 14.26 ? 65  GLN A C   1 
ATOM   467  O  O   . GLN A 1 66 ? -13.375 -22.612 5.879   1.00 16.11 ? 65  GLN A O   1 
ATOM   468  C  CB  . GLN A 1 66 ? -15.907 -20.839 5.864   1.00 15.09 ? 65  GLN A CB  1 
ATOM   469  C  CG  . GLN A 1 66 ? -16.497 -21.329 4.562   1.00 15.12 ? 65  GLN A CG  1 
ATOM   470  C  CD  . GLN A 1 66 ? -17.963 -21.668 4.701   1.00 18.93 ? 65  GLN A CD  1 
ATOM   471  O  OE1 . GLN A 1 66 ? -18.290 -22.575 5.452   1.00 22.93 ? 65  GLN A OE1 1 
ATOM   472  N  NE2 . GLN A 1 66 ? -18.839 -20.937 4.025   1.00 19.27 ? 65  GLN A NE2 1 
ATOM   473  N  N   . TYR A 1 67 ? -13.115 -21.485 3.961   1.00 12.77 ? 66  TYR A N   1 
ATOM   474  C  CA  . TYR A 1 67 ? -12.329 -22.519 3.313   1.00 13.31 ? 66  TYR A CA  1 
ATOM   475  C  C   . TYR A 1 67 ? -10.835 -22.372 3.542   1.00 13.63 ? 66  TYR A C   1 
ATOM   476  O  O   . TYR A 1 67 ? -10.050 -23.176 3.069   1.00 16.16 ? 66  TYR A O   1 
ATOM   477  C  CB  . TYR A 1 67 ? -12.651 -22.555 1.805   1.00 13.44 ? 66  TYR A CB  1 
ATOM   478  C  CG  . TYR A 1 67 ? -14.152 -22.760 1.558   1.00 13.61 ? 66  TYR A CG  1 
ATOM   479  C  CD1 . TYR A 1 67 ? -14.798 -23.904 2.021   1.00 16.57 ? 66  TYR A CD1 1 
ATOM   480  C  CD2 . TYR A 1 67 ? -14.922 -21.793 0.923   1.00 11.69 ? 66  TYR A CD2 1 
ATOM   481  C  CE1 . TYR A 1 67 ? -16.156 -24.091 1.816   1.00 16.76 ? 66  TYR A CE1 1 
ATOM   482  C  CE2 . TYR A 1 67 ? -16.287 -21.979 0.707   1.00 13.47 ? 66  TYR A CE2 1 
ATOM   483  C  CZ  . TYR A 1 67 ? -16.894 -23.101 1.180   1.00 15.50 ? 66  TYR A CZ  1 
ATOM   484  O  OH  . TYR A 1 67 ? -18.242 -23.317 0.959   1.00 14.94 ? 66  TYR A OH  1 
ATOM   485  N  N   . TRP A 1 68 ? -10.435 -21.334 4.259   1.00 13.65 ? 67  TRP A N   1 
ATOM   486  C  CA  . TRP A 1 68 ? -9.038  -21.144 4.539   1.00 13.75 ? 67  TRP A CA  1 
ATOM   487  C  C   . TRP A 1 68 ? -8.568  -21.992 5.707   1.00 15.36 ? 67  TRP A C   1 
ATOM   488  O  O   . TRP A 1 68 ? -9.281  -22.194 6.654   1.00 17.78 ? 67  TRP A O   1 
ATOM   489  C  CB  . TRP A 1 68 ? -8.760  -19.666 4.825   1.00 12.99 ? 67  TRP A CB  1 
ATOM   490  C  CG  . TRP A 1 68 ? -8.914  -18.747 3.660   1.00 12.20 ? 67  TRP A CG  1 
ATOM   491  C  CD1 . TRP A 1 68 ? -8.991  -19.084 2.320   1.00 14.12 ? 67  TRP A CD1 1 
ATOM   492  C  CD2 . TRP A 1 68 ? -8.930  -17.314 3.706   1.00 11.49 ? 67  TRP A CD2 1 
ATOM   493  N  NE1 . TRP A 1 68 ? -9.070  -17.947 1.562   1.00 14.48 ? 67  TRP A NE1 1 
ATOM   494  C  CE2 . TRP A 1 68 ? -9.002  -16.846 2.386   1.00 11.21 ? 67  TRP A CE2 1 
ATOM   495  C  CE3 . TRP A 1 68 ? -8.880  -16.392 4.747   1.00 11.81 ? 67  TRP A CE3 1 
ATOM   496  C  CZ2 . TRP A 1 68 ? -9.092  -15.492 2.090   1.00 10.84 ? 67  TRP A CZ2 1 
ATOM   497  C  CZ3 . TRP A 1 68 ? -8.915  -15.063 4.458   1.00 11.97 ? 67  TRP A CZ3 1 
ATOM   498  C  CH2 . TRP A 1 68 ? -9.004  -14.616 3.148   1.00 11.64 ? 67  TRP A CH2 1 
ATOM   499  N  N   . ARG A 1 69 ? -7.312  -22.389 5.633   1.00 16.65 ? 68  ARG A N   1 
ATOM   500  C  CA  . ARG A 1 69 ? -6.602  -22.994 6.747   1.00 17.23 ? 68  ARG A CA  1 
ATOM   501  C  C   . ARG A 1 69 ? -5.681  -21.913 7.298   1.00 16.73 ? 68  ARG A C   1 
ATOM   502  O  O   . ARG A 1 69 ? -4.887  -21.301 6.554   1.00 20.49 ? 68  ARG A O   1 
ATOM   503  C  CB  . ARG A 1 69 ? -5.747  -24.188 6.252   1.00 18.92 ? 68  ARG A CB  1 
ATOM   504  N  N   . LEU A 1 70 ? -5.885  -21.567 8.561   1.00 14.19 ? 69  LEU A N   1 
ATOM   505  C  CA  . LEU A 1 70 ? -5.116  -20.480 9.186   1.00 12.91 ? 69  LEU A CA  1 
ATOM   506  C  C   . LEU A 1 70 ? -4.188  -21.026 10.246  1.00 12.19 ? 69  LEU A C   1 
ATOM   507  O  O   . LEU A 1 70 ? -4.538  -21.967 10.966  1.00 13.84 ? 69  LEU A O   1 
ATOM   508  C  CB  . LEU A 1 70 ? -6.073  -19.475 9.831   1.00 12.97 ? 69  LEU A CB  1 
ATOM   509  C  CG  . LEU A 1 70 ? -7.055  -18.783 8.857   1.00 14.77 ? 69  LEU A CG  1 
ATOM   510  C  CD1 . LEU A 1 70 ? -8.028  -17.910 9.683   1.00 18.74 ? 69  LEU A CD1 1 
ATOM   511  C  CD2 . LEU A 1 70 ? -6.323  -18.015 7.783   1.00 15.07 ? 69  LEU A CD2 1 
ATOM   512  N  N   . ALA A 1 71 ? -3.084  -20.351 10.448  1.00 10.47 ? 70  ALA A N   1 
ATOM   513  C  CA  . ALA A 1 71 ? -2.182  -20.633 11.552  1.00 9.86  ? 70  ALA A CA  1 
ATOM   514  C  C   . ALA A 1 71 ? -2.763  -20.126 12.860  1.00 9.35  ? 70  ALA A C   1 
ATOM   515  O  O   . ALA A 1 71 ? -3.671  -19.283 12.899  1.00 9.33  ? 70  ALA A O   1 
ATOM   516  C  CB  . ALA A 1 71 ? -0.809  -19.977 11.318  1.00 9.97  ? 70  ALA A CB  1 
ATOM   517  N  N   . SER A 1 72 ? -2.230  -20.616 13.966  1.00 8.95  ? 71  SER A N   1 
ATOM   518  C  CA  . SER A 1 72 ? -2.706  -20.194 15.282  1.00 8.63  ? 71  SER A CA  1 
ATOM   519  C  C   . SER A 1 72 ? -2.456  -18.717 15.557  1.00 9.53  ? 71  SER A C   1 
ATOM   520  O  O   . SER A 1 72 ? -3.115  -18.138 16.441  1.00 10.15 ? 71  SER A O   1 
ATOM   521  C  CB  . SER A 1 72 ? -2.020  -21.034 16.367  1.00 9.73  ? 71  SER A CB  1 
ATOM   522  O  OG  . SER A 1 72 ? -0.692  -20.657 16.613  1.00 10.58 ? 71  SER A OG  1 
ATOM   523  N  N   . THR A 1 73 ? -1.536  -18.102 14.822  1.00 8.70  ? 72  THR A N   1 
ATOM   524  C  CA  . THR A 1 73 ? -1.237  -16.700 14.948  1.00 9.05  ? 72  THR A CA  1 
ATOM   525  C  C   . THR A 1 73 ? -2.179  -15.808 14.132  1.00 8.19  ? 72  THR A C   1 
ATOM   526  O  O   . THR A 1 73 ? -2.055  -14.576 14.153  1.00 8.32  ? 72  THR A O   1 
ATOM   527  C  CB  . THR A 1 73 ? 0.201   -16.466 14.467  1.00 9.29  ? 72  THR A CB  1 
ATOM   528  O  OG1 . THR A 1 73 ? 0.287   -17.035 13.157  1.00 9.90  ? 72  THR A OG1 1 
ATOM   529  C  CG2 . THR A 1 73 ? 1.253   -17.146 15.461  1.00 12.97 ? 72  THR A CG2 1 
ATOM   530  N  N   . GLU A 1 74 ? -3.116  -16.405 13.373  1.00 7.42  ? 73  GLU A N   1 
ATOM   531  C  CA  . GLU A 1 74 ? -3.859  -15.687 12.340  1.00 7.91  ? 73  GLU A CA  1 
ATOM   532  C  C   . GLU A 1 74 ? -5.352  -15.665 12.599  1.00 8.21  ? 73  GLU A C   1 
ATOM   533  O  O   . GLU A 1 74 ? -5.950  -16.661 13.042  1.00 8.92  ? 73  GLU A O   1 
ATOM   534  C  CB  . GLU A 1 74 ? -3.653  -16.356 10.974  1.00 8.76  ? 73  GLU A CB  1 
ATOM   535  C  CG  . GLU A 1 74 ? -2.252  -16.201 10.466  1.00 9.19  ? 73  GLU A CG  1 
ATOM   536  C  CD  . GLU A 1 74 ? -1.966  -16.997 9.183   1.00 9.33  ? 73  GLU A CD  1 
ATOM   537  O  OE1 . GLU A 1 74 ? -2.615  -18.030 8.905   1.00 11.30 ? 73  GLU A OE1 1 
ATOM   538  O  OE2 . GLU A 1 74 ? -1.074  -16.498 8.437   1.00 11.04 ? 73  GLU A OE2 1 
ATOM   539  N  N   . PHE A 1 75 ? -5.970  -14.505 12.261  1.00 7.64  ? 74  PHE A N   1 
ATOM   540  C  CA  . PHE A 1 75 ? -7.426  -14.427 12.224  1.00 7.72  ? 74  PHE A CA  1 
ATOM   541  C  C   . PHE A 1 75 ? -7.867  -13.494 11.118  1.00 8.59  ? 74  PHE A C   1 
ATOM   542  O  O   . PHE A 1 75 ? -7.119  -12.643 10.653  1.00 7.83  ? 74  PHE A O   1 
ATOM   543  C  CB  . PHE A 1 75 ? -8.042  -14.058 13.601  1.00 8.04  ? 74  PHE A CB  1 
ATOM   544  C  CG  . PHE A 1 75 ? -7.865  -12.619 14.024  1.00 7.71  ? 74  PHE A CG  1 
ATOM   545  C  CD1 . PHE A 1 75 ? -6.667  -12.146 14.526  1.00 7.35  ? 74  PHE A CD1 1 
ATOM   546  C  CD2 . PHE A 1 75 ? -8.935  -11.749 13.978  1.00 8.04  ? 74  PHE A CD2 1 
ATOM   547  C  CE1 . PHE A 1 75 ? -6.527  -10.818 14.905  1.00 9.01  ? 74  PHE A CE1 1 
ATOM   548  C  CE2 . PHE A 1 75 ? -8.814  -10.441 14.386  1.00 9.08  ? 74  PHE A CE2 1 
ATOM   549  C  CZ  . PHE A 1 75 ? -7.617  -9.975  14.852  1.00 8.69  ? 74  PHE A CZ  1 
ATOM   550  N  N   . VAL A 1 76 ? -9.098  -13.681 10.692  1.00 7.81  ? 75  VAL A N   1 
ATOM   551  C  CA  . VAL A 1 76 ? -9.666  -12.928 9.560   1.00 7.94  ? 75  VAL A CA  1 
ATOM   552  C  C   . VAL A 1 76 ? -10.465 -11.719 10.026  1.00 8.13  ? 75  VAL A C   1 
ATOM   553  O  O   . VAL A 1 76 ? -11.297 -11.821 10.968  1.00 8.44  ? 75  VAL A O   1 
ATOM   554  C  CB  . VAL A 1 76 ? -10.567 -13.857 8.720   1.00 8.50  ? 75  VAL A CB  1 
ATOM   555  C  CG1 . VAL A 1 76 ? -11.298 -13.054 7.599   1.00 12.15 ? 75  VAL A CG1 1 
ATOM   556  C  CG2 . VAL A 1 76 ? -9.721  -14.983 8.093   1.00 13.60 ? 75  VAL A CG2 1 
ATOM   557  N  N   . VAL A 1 77 ? -10.262 -10.588 9.357   1.00 8.77  ? 76  VAL A N   1 
ATOM   558  C  CA  . VAL A 1 77 ? -11.079 -9.392  9.554   1.00 8.14  ? 76  VAL A CA  1 
ATOM   559  C  C   . VAL A 1 77 ? -11.528 -8.944  8.164   1.00 8.47  ? 76  VAL A C   1 
ATOM   560  O  O   . VAL A 1 77 ? -10.704 -8.792  7.257   1.00 8.68  ? 76  VAL A O   1 
ATOM   561  C  CB  . VAL A 1 77 ? -10.261 -8.282  10.228  1.00 7.60  ? 76  VAL A CB  1 
ATOM   562  C  CG1 . VAL A 1 77 ? -11.107 -7.037  10.460  1.00 10.98 ? 76  VAL A CG1 1 
ATOM   563  C  CG2 . VAL A 1 77 ? -9.642  -8.783  11.556  1.00 9.87  ? 76  VAL A CG2 1 
ATOM   564  N  N   . TRP A 1 78 ? -12.810 -8.671  8.017   1.00 8.07  ? 77  TRP A N   1 
ATOM   565  C  CA  . TRP A 1 78 ? -13.317 -8.055  6.786   1.00 8.25  ? 77  TRP A CA  1 
ATOM   566  C  C   . TRP A 1 78 ? -12.987 -6.570  6.787   1.00 8.23  ? 77  TRP A C   1 
ATOM   567  O  O   . TRP A 1 78 ? -13.410 -5.857  7.707   1.00 8.96  ? 77  TRP A O   1 
ATOM   568  C  CB  . TRP A 1 78 ? -14.830 -8.278  6.620   1.00 8.64  ? 77  TRP A CB  1 
ATOM   569  C  CG  . TRP A 1 78 ? -15.172 -9.650  6.213   1.00 8.95  ? 77  TRP A CG  1 
ATOM   570  C  CD1 . TRP A 1 78 ? -15.489 -10.702 7.016   1.00 10.99 ? 77  TRP A CD1 1 
ATOM   571  C  CD2 . TRP A 1 78 ? -15.241 -10.138 4.867   1.00 8.89  ? 77  TRP A CD2 1 
ATOM   572  N  NE1 . TRP A 1 78 ? -15.764 -11.825 6.250   1.00 14.13 ? 77  TRP A NE1 1 
ATOM   573  C  CE2 . TRP A 1 78 ? -15.613 -11.488 4.929   1.00 10.40 ? 77  TRP A CE2 1 
ATOM   574  C  CE3 . TRP A 1 78 ? -15.082 -9.536  3.623   1.00 10.27 ? 77  TRP A CE3 1 
ATOM   575  C  CZ2 . TRP A 1 78 ? -15.800 -12.269 3.789   1.00 9.91  ? 77  TRP A CZ2 1 
ATOM   576  C  CZ3 . TRP A 1 78 ? -15.233 -10.290 2.501   1.00 12.08 ? 77  TRP A CZ3 1 
ATOM   577  C  CH2 . TRP A 1 78 ? -15.575 -11.660 2.589   1.00 10.48 ? 77  TRP A CH2 1 
ATOM   578  N  N   . ILE A 1 79 ? -12.310 -6.096  5.748   1.00 7.17  ? 78  ILE A N   1 
ATOM   579  C  CA  . ILE A 1 79 ? -11.862 -4.709  5.654   1.00 8.28  ? 78  ILE A CA  1 
ATOM   580  C  C   . ILE A 1 79 ? -12.601 -4.020  4.501   1.00 8.22  ? 78  ILE A C   1 
ATOM   581  O  O   . ILE A 1 79 ? -12.671 -4.555  3.388   1.00 7.87  ? 78  ILE A O   1 
ATOM   582  C  CB  . ILE A 1 79 ? -10.343 -4.627  5.388   1.00 8.48  ? 78  ILE A CB  1 
ATOM   583  C  CG1 . ILE A 1 79 ? -9.561  -5.317  6.539   1.00 8.87  ? 78  ILE A CG1 1 
ATOM   584  C  CG2 . ILE A 1 79 ? -9.881  -3.156  5.214   1.00 9.35  ? 78  ILE A CG2 1 
ATOM   585  C  CD1 . ILE A 1 79 ? -9.707  -4.642  7.924   1.00 9.54  ? 78  ILE A CD1 1 
ATOM   586  N  N   . THR A 1 80 ? -13.164 -2.849  4.779   1.00 8.72  ? 79  THR A N   1 
ATOM   587  C  CA  . THR A 1 80 ? -13.796 -2.011  3.758   1.00 9.65  ? 79  THR A CA  1 
ATOM   588  C  C   . THR A 1 80 ? -12.773 -1.093  3.089   1.00 9.94  ? 79  THR A C   1 
ATOM   589  O  O   . THR A 1 80 ? -12.030 -0.358  3.764   1.00 10.70 ? 79  THR A O   1 
ATOM   590  C  CB  . THR A 1 80 ? -14.922 -1.215  4.394   1.00 10.41 ? 79  THR A CB  1 
ATOM   591  O  OG1 . THR A 1 80 ? -15.893 -2.108  4.950   1.00 12.37 ? 79  THR A OG1 1 
ATOM   592  C  CG2 . THR A 1 80 ? -15.591 -0.283  3.341   1.00 11.71 ? 79  THR A CG2 1 
HETATM 593  N  N   . MSE A 1 81 ? -12.713 -1.129  1.746   1.00 9.32  ? 80  MSE A N   1 
HETATM 594  C  CA  . MSE A 1 81 ? -11.801 -0.300  1.005   1.00 10.96 ? 80  MSE A CA  1 
HETATM 595  C  C   . MSE A 1 81 ? -12.064 1.197   1.254   1.00 11.63 ? 80  MSE A C   1 
HETATM 596  O  O   . MSE A 1 81 ? -13.207 1.623   1.154   1.00 11.86 ? 80  MSE A O   1 
HETATM 597  C  CB  . MSE A 1 81 ? -11.961 -0.619  -0.483  1.00 11.82 ? 80  MSE A CB  1 
HETATM 598  C  CG  . MSE A 1 81 ? -10.996 0.134   -1.369  1.00 8.92  ? 80  MSE A CG  1 
HETATM 599  SE SE  . MSE A 1 81 ? -11.373 -0.134  -3.242  0.75 17.27 ? 80  MSE A SE  1 
HETATM 600  C  CE  . MSE A 1 81 ? -12.893 0.984   -3.234  1.00 17.10 ? 80  MSE A CE  1 
ATOM   601  N  N   . ALA A 1 82 ? -10.995 1.957   1.504   1.00 11.39 ? 81  ALA A N   1 
ATOM   602  C  CA  . ALA A 1 82 ? -11.079 3.416   1.582   1.00 12.15 ? 81  ALA A CA  1 
ATOM   603  C  C   . ALA A 1 82 ? -11.532 3.973   0.238   1.00 12.40 ? 81  ALA A C   1 
ATOM   604  O  O   . ALA A 1 82 ? -11.186 3.484   -0.831  1.00 13.61 ? 81  ALA A O   1 
ATOM   605  C  CB  . ALA A 1 82 ? -9.708  3.997   2.003   1.00 12.47 ? 81  ALA A CB  1 
ATOM   606  N  N   . ASP A 1 83 ? -12.314 5.030   0.285   1.00 14.09 ? 82  ASP A N   1 
ATOM   607  C  CA  . ASP A 1 83 ? -12.796 5.651   -0.953  1.00 15.48 ? 82  ASP A CA  1 
ATOM   608  C  C   . ASP A 1 83 ? -13.149 7.080   -0.632  1.00 15.69 ? 82  ASP A C   1 
ATOM   609  O  O   . ASP A 1 83 ? -14.320 7.428   -0.410  1.00 17.25 ? 82  ASP A O   1 
ATOM   610  C  CB  . ASP A 1 83 ? -14.000 4.876   -1.461  1.00 15.50 ? 82  ASP A CB  1 
ATOM   611  C  CG  . ASP A 1 83 ? -14.458 5.300   -2.821  1.00 19.57 ? 82  ASP A CG  1 
ATOM   612  O  OD1 . ASP A 1 83 ? -13.899 6.230   -3.438  1.00 24.13 ? 82  ASP A OD1 1 
ATOM   613  O  OD2 . ASP A 1 83 ? -15.435 4.661   -3.269  1.00 22.21 ? 82  ASP A OD2 1 
ATOM   614  N  N   . VAL A 1 84 ? -12.120 7.920   -0.593  1.00 15.90 ? 83  VAL A N   1 
ATOM   615  C  CA  . VAL A 1 84 ? -12.306 9.330   -0.248  1.00 15.74 ? 83  VAL A CA  1 
ATOM   616  C  C   . VAL A 1 84 ? -12.441 10.137  -1.513  1.00 16.73 ? 83  VAL A C   1 
ATOM   617  O  O   . VAL A 1 84 ? -11.635 9.988   -2.444  1.00 18.02 ? 83  VAL A O   1 
ATOM   618  C  CB  . VAL A 1 84 ? -11.102 9.852   0.592   1.00 15.38 ? 83  VAL A CB  1 
ATOM   619  C  CG1 . VAL A 1 84 ? -11.298 11.344  0.960   1.00 15.02 ? 83  VAL A CG1 1 
ATOM   620  C  CG2 . VAL A 1 84 ? -10.888 8.989   1.855   1.00 16.00 ? 83  VAL A CG2 1 
ATOM   621  N  N   . GLN A 1 85 ? -13.461 10.990  -1.558  1.00 16.40 ? 84  GLN A N   1 
ATOM   622  C  CA  . GLN A 1 85 ? -13.746 11.807  -2.740  1.00 16.02 ? 84  GLN A CA  1 
ATOM   623  C  C   . GLN A 1 85 ? -13.928 13.240  -2.273  1.00 15.10 ? 84  GLN A C   1 
ATOM   624  O  O   . GLN A 1 85 ? -14.539 13.459  -1.237  1.00 15.68 ? 84  GLN A O   1 
ATOM   625  C  CB  . GLN A 1 85 ? -15.007 11.290  -3.417  1.00 16.56 ? 84  GLN A CB  1 
ATOM   626  C  CG  . GLN A 1 85 ? -14.821 9.913   -4.054  1.00 19.01 ? 84  GLN A CG  1 
ATOM   627  C  CD  . GLN A 1 85 ? -16.140 9.283   -4.469  1.00 23.70 ? 84  GLN A CD  1 
ATOM   628  O  OE1 . GLN A 1 85 ? -16.983 9.944   -5.058  1.00 26.02 ? 84  GLN A OE1 1 
ATOM   629  N  NE2 . GLN A 1 85 ? -16.307 7.989   -4.181  1.00 27.27 ? 84  GLN A NE2 1 
ATOM   630  N  N   . PHE A 1 86 ? -13.349 14.209  -2.991  1.00 13.32 ? 85  PHE A N   1 
ATOM   631  C  CA  . PHE A 1 86 ? -13.355 15.608  -2.537  1.00 13.40 ? 85  PHE A CA  1 
ATOM   632  C  C   . PHE A 1 86 ? -14.162 16.560  -3.397  1.00 12.82 ? 85  PHE A C   1 
ATOM   633  O  O   . PHE A 1 86 ? -14.445 17.699  -2.996  1.00 12.83 ? 85  PHE A O   1 
ATOM   634  C  CB  . PHE A 1 86 ? -11.915 16.159  -2.501  1.00 13.60 ? 85  PHE A CB  1 
ATOM   635  C  CG  . PHE A 1 86 ? -11.023 15.463  -1.516  1.00 13.98 ? 85  PHE A CG  1 
ATOM   636  C  CD1 . PHE A 1 86 ? -11.004 15.872  -0.178  1.00 14.45 ? 85  PHE A CD1 1 
ATOM   637  C  CD2 . PHE A 1 86 ? -10.210 14.388  -1.910  1.00 13.03 ? 85  PHE A CD2 1 
ATOM   638  C  CE1 . PHE A 1 86 ? -10.146 15.270  0.736   1.00 14.44 ? 85  PHE A CE1 1 
ATOM   639  C  CE2 . PHE A 1 86 ? -9.374  13.790  -1.027  1.00 14.56 ? 85  PHE A CE2 1 
ATOM   640  C  CZ  . PHE A 1 86 ? -9.350  14.224  0.316   1.00 14.96 ? 85  PHE A CZ  1 
ATOM   641  N  N   . GLY A 1 87 ? -14.487 16.132  -4.609  1.00 12.32 ? 86  GLY A N   1 
ATOM   642  C  CA  . GLY A 1 87 ? -15.046 17.033  -5.568  1.00 12.08 ? 86  GLY A CA  1 
ATOM   643  C  C   . GLY A 1 87 ? -16.566 16.960  -5.632  1.00 13.01 ? 86  GLY A C   1 
ATOM   644  O  O   . GLY A 1 87 ? -17.185 16.150  -4.915  1.00 13.86 ? 86  GLY A O   1 
ATOM   645  N  N   . PRO A 1 88 ? -17.154 17.766  -6.508  1.00 14.07 ? 87  PRO A N   1 
ATOM   646  C  CA  . PRO A 1 88 ? -18.578 17.710  -6.807  1.00 15.09 ? 87  PRO A CA  1 
ATOM   647  C  C   . PRO A 1 88 ? -18.993 16.298  -7.205  1.00 16.95 ? 87  PRO A C   1 
ATOM   648  O  O   . PRO A 1 88 ? -18.223 15.547  -7.815  1.00 16.75 ? 87  PRO A O   1 
ATOM   649  C  CB  . PRO A 1 88 ? -18.731 18.680  -7.972  1.00 14.99 ? 87  PRO A CB  1 
ATOM   650  C  CG  . PRO A 1 88 ? -17.594 19.647  -7.803  1.00 15.32 ? 87  PRO A CG  1 
ATOM   651  C  CD  . PRO A 1 88 ? -16.471 18.799  -7.293  1.00 14.27 ? 87  PRO A CD  1 
ATOM   652  N  N   . GLY A 1 89 ? -20.192 15.919  -6.790  1.00 17.92 ? 88  GLY A N   1 
ATOM   653  C  CA  . GLY A 1 89 ? -20.738 14.653  -7.192  1.00 19.72 ? 88  GLY A CA  1 
ATOM   654  C  C   . GLY A 1 89 ? -20.229 13.473  -6.398  1.00 21.25 ? 88  GLY A C   1 
ATOM   655  O  O   . GLY A 1 89 ? -20.373 12.335  -6.841  1.00 22.55 ? 88  GLY A O   1 
ATOM   656  N  N   . ALA A 1 90 ? -19.619 13.726  -5.242  1.00 22.47 ? 89  ALA A N   1 
ATOM   657  C  CA  . ALA A 1 90 ? -19.096 12.651  -4.401  1.00 23.59 ? 89  ALA A CA  1 
ATOM   658  C  C   . ALA A 1 90 ? -20.228 11.710  -3.974  1.00 24.37 ? 89  ALA A C   1 
ATOM   659  O  O   . ALA A 1 90 ? -20.040 10.471  -3.921  1.00 26.35 ? 89  ALA A O   1 
ATOM   660  C  CB  . ALA A 1 90 ? -18.374 13.231  -3.179  1.00 23.69 ? 89  ALA A CB  1 
ATOM   661  N  N   . GLU B 1 8  ? 9.382   -7.442  -11.723 1.00 22.36 ? 7   GLU B N   1 
ATOM   662  C  CA  . GLU B 1 8  ? 8.802   -6.376  -10.829 1.00 21.84 ? 7   GLU B CA  1 
ATOM   663  C  C   . GLU B 1 8  ? 9.792   -5.934  -9.736  1.00 20.30 ? 7   GLU B C   1 
ATOM   664  O  O   . GLU B 1 8  ? 10.375  -6.758  -9.045  1.00 22.13 ? 7   GLU B O   1 
ATOM   665  C  CB  . GLU B 1 8  ? 7.493   -6.866  -10.176 1.00 22.57 ? 7   GLU B CB  1 
ATOM   666  N  N   . VAL B 1 9  ? 9.924   -4.627  -9.577  1.00 16.57 ? 8   VAL B N   1 
ATOM   667  C  CA  . VAL B 1 9  ? 10.825  -3.994  -8.612  1.00 14.04 ? 8   VAL B CA  1 
ATOM   668  C  C   . VAL B 1 9  ? 9.894   -3.292  -7.636  1.00 12.10 ? 8   VAL B C   1 
ATOM   669  O  O   . VAL B 1 9  ? 9.018   -2.530  -8.096  1.00 12.06 ? 8   VAL B O   1 
ATOM   670  C  CB  . VAL B 1 9  ? 11.654  -2.994  -9.378  1.00 13.65 ? 8   VAL B CB  1 
ATOM   671  C  CG1 . VAL B 1 9  ? 12.461  -2.109  -8.465  1.00 14.60 ? 8   VAL B CG1 1 
ATOM   672  C  CG2 . VAL B 1 9  ? 12.537  -3.762  -10.407 1.00 14.36 ? 8   VAL B CG2 1 
ATOM   673  N  N   . LYS B 1 10 ? 10.029  -3.574  -6.345  1.00 11.09 ? 9   LYS B N   1 
ATOM   674  C  CA  . LYS B 1 10 ? 9.104   -3.037  -5.327  1.00 11.20 ? 9   LYS B CA  1 
ATOM   675  C  C   . LYS B 1 10 ? 9.887   -2.473  -4.159  1.00 11.07 ? 9   LYS B C   1 
ATOM   676  O  O   . LYS B 1 10 ? 10.885  -3.064  -3.737  1.00 10.65 ? 9   LYS B O   1 
ATOM   677  C  CB  . LYS B 1 10 ? 8.136   -4.096  -4.786  1.00 13.92 ? 9   LYS B CB  1 
ATOM   678  C  CG  . LYS B 1 10 ? 7.299   -4.836  -5.807  1.00 18.31 ? 9   LYS B CG  1 
ATOM   679  C  CD  . LYS B 1 10 ? 6.457   -5.921  -5.109  1.00 19.53 ? 9   LYS B CD  1 
ATOM   680  C  CE  . LYS B 1 10 ? 5.597   -6.674  -6.097  1.00 22.75 ? 9   LYS B CE  1 
ATOM   681  N  NZ  . LYS B 1 10 ? 4.733   -7.748  -5.501  1.00 25.11 ? 9   LYS B NZ  1 
ATOM   682  N  N   . TYR B 1 11 ? 9.406   -1.340  -3.626  1.00 9.63  ? 10  TYR B N   1 
ATOM   683  C  CA  . TYR B 1 11 ? 9.993   -0.745  -2.451  1.00 9.16  ? 10  TYR B CA  1 
ATOM   684  C  C   . TYR B 1 11 ? 8.901   -0.363  -1.459  1.00 9.44  ? 10  TYR B C   1 
ATOM   685  O  O   . TYR B 1 11 ? 7.800   0.050   -1.839  1.00 9.54  ? 10  TYR B O   1 
ATOM   686  C  CB  . TYR B 1 11 ? 10.801  0.513   -2.804  1.00 9.81  ? 10  TYR B CB  1 
ATOM   687  C  CG  . TYR B 1 11 ? 12.077  0.209   -3.549  1.00 9.14  ? 10  TYR B CG  1 
ATOM   688  C  CD1 . TYR B 1 11 ? 13.232  -0.077  -2.871  1.00 9.62  ? 10  TYR B CD1 1 
ATOM   689  C  CD2 . TYR B 1 11 ? 12.118  0.180   -4.943  1.00 10.03 ? 10  TYR B CD2 1 
ATOM   690  C  CE1 . TYR B 1 11 ? 14.421  -0.384  -3.541  1.00 10.90 ? 10  TYR B CE1 1 
ATOM   691  C  CE2 . TYR B 1 11 ? 13.279  -0.114  -5.608  1.00 9.94  ? 10  TYR B CE2 1 
ATOM   692  C  CZ  . TYR B 1 11 ? 14.427  -0.417  -4.907  1.00 10.13 ? 10  TYR B CZ  1 
ATOM   693  O  OH  . TYR B 1 11 ? 15.591  -0.723  -5.579  1.00 10.90 ? 10  TYR B OH  1 
ATOM   694  N  N   . PRO B 1 12 ? 9.245   -0.429  -0.163  1.00 8.60  ? 11  PRO B N   1 
ATOM   695  C  CA  . PRO B 1 12 ? 8.318   0.032   0.860   1.00 9.60  ? 11  PRO B CA  1 
ATOM   696  C  C   . PRO B 1 12 ? 8.255   1.554   0.899   1.00 9.13  ? 11  PRO B C   1 
ATOM   697  O  O   . PRO B 1 12 ? 9.300   2.231   0.948   1.00 9.78  ? 11  PRO B O   1 
ATOM   698  C  CB  . PRO B 1 12 ? 8.910   -0.529  2.138   1.00 9.16  ? 11  PRO B CB  1 
ATOM   699  C  CG  . PRO B 1 12 ? 10.402  -0.617  1.880   1.00 9.75  ? 11  PRO B CG  1 
ATOM   700  C  CD  . PRO B 1 12 ? 10.484  -0.979  0.420   1.00 9.05  ? 11  PRO B CD  1 
ATOM   701  N  N   . ALA B 1 13 ? 7.039   2.078   0.880   1.00 9.19  ? 12  ALA B N   1 
ATOM   702  C  CA  . ALA B 1 13 ? 6.767   3.510   0.940   1.00 9.25  ? 12  ALA B CA  1 
ATOM   703  C  C   . ALA B 1 13 ? 6.044   3.859   2.218   1.00 9.59  ? 12  ALA B C   1 
ATOM   704  O  O   . ALA B 1 13 ? 5.118   3.143   2.610   1.00 10.48 ? 12  ALA B O   1 
ATOM   705  C  CB  . ALA B 1 13 ? 5.908   3.951   -0.261  1.00 9.86  ? 12  ALA B CB  1 
ATOM   706  N  N   . ILE B 1 14 ? 6.407   4.997   2.804   1.00 8.43  ? 13  ILE B N   1 
ATOM   707  C  CA  . ILE B 1 14 ? 5.656   5.555   3.920   1.00 8.48  ? 13  ILE B CA  1 
ATOM   708  C  C   . ILE B 1 14 ? 4.676   6.579   3.397   1.00 9.31  ? 13  ILE B C   1 
ATOM   709  O  O   . ILE B 1 14 ? 5.053   7.575   2.741   1.00 9.03  ? 13  ILE B O   1 
ATOM   710  C  CB  . ILE B 1 14 ? 6.577   6.185   4.942   1.00 8.39  ? 13  ILE B CB  1 
ATOM   711  C  CG1 . ILE B 1 14 ? 7.610   5.191   5.438   1.00 9.78  ? 13  ILE B CG1 1 
ATOM   712  C  CG2 . ILE B 1 14 ? 5.699   6.729   6.089   1.00 10.84 ? 13  ILE B CG2 1 
ATOM   713  C  CD1 . ILE B 1 14 ? 8.688   5.812   6.361   1.00 11.03 ? 13  ILE B CD1 1 
ATOM   714  N  N   . PHE B 1 15 ? 3.397   6.314   3.644   1.00 8.87  ? 14  PHE B N   1 
ATOM   715  C  CA  . PHE B 1 15 ? 2.283   7.206   3.338   1.00 8.28  ? 14  PHE B CA  1 
ATOM   716  C  C   . PHE B 1 15 ? 1.914   7.993   4.570   1.00 9.01  ? 14  PHE B C   1 
ATOM   717  O  O   . PHE B 1 15 ? 1.605   7.399   5.589   1.00 10.08 ? 14  PHE B O   1 
ATOM   718  C  CB  . PHE B 1 15 ? 1.050   6.416   2.841   1.00 7.93  ? 14  PHE B CB  1 
ATOM   719  C  CG  . PHE B 1 15 ? 1.159   5.940   1.422   1.00 9.13  ? 14  PHE B CG  1 
ATOM   720  C  CD1 . PHE B 1 15 ? 2.070   4.981   1.051   1.00 10.06 ? 14  PHE B CD1 1 
ATOM   721  C  CD2 . PHE B 1 15 ? 0.333   6.481   0.450   1.00 13.31 ? 14  PHE B CD2 1 
ATOM   722  C  CE1 . PHE B 1 15 ? 2.196   4.588   -0.297  1.00 11.73 ? 14  PHE B CE1 1 
ATOM   723  C  CE2 . PHE B 1 15 ? 0.451   6.053   -0.888  1.00 12.40 ? 14  PHE B CE2 1 
ATOM   724  C  CZ  . PHE B 1 15 ? 1.377   5.133   -1.224  1.00 12.39 ? 14  PHE B CZ  1 
ATOM   725  N  N   A ARG B 1 16 ? 1.886   9.315   4.453   0.60 8.46  ? 15  ARG B N   1 
ATOM   726  N  N   B ARG B 1 16 ? 1.958   9.321   4.481   0.40 9.00  ? 15  ARG B N   1 
ATOM   727  C  CA  A ARG B 1 16 ? 1.580   10.212  5.572   0.60 8.09  ? 15  ARG B CA  1 
ATOM   728  C  CA  B ARG B 1 16 ? 1.556   10.185  5.599   0.40 8.96  ? 15  ARG B CA  1 
ATOM   729  C  C   A ARG B 1 16 ? 0.336   11.020  5.255   0.60 8.82  ? 15  ARG B C   1 
ATOM   730  C  C   B ARG B 1 16 ? 0.335   11.011  5.257   0.40 9.23  ? 15  ARG B C   1 
ATOM   731  O  O   A ARG B 1 16 ? 0.297   11.751  4.255   0.60 9.49  ? 15  ARG B O   1 
ATOM   732  O  O   B ARG B 1 16 ? 0.314   11.744  4.261   0.40 9.70  ? 15  ARG B O   1 
ATOM   733  C  CB  A ARG B 1 16 ? 2.764   11.144  5.875   0.60 8.96  ? 15  ARG B CB  1 
ATOM   734  C  CB  B ARG B 1 16 ? 2.674   11.118  6.068   0.40 9.49  ? 15  ARG B CB  1 
ATOM   735  C  CG  A ARG B 1 16 ? 2.509   12.139  6.999   0.60 9.13  ? 15  ARG B CG  1 
ATOM   736  C  CG  B ARG B 1 16 ? 2.292   11.847  7.349   0.40 11.12 ? 15  ARG B CG  1 
ATOM   737  C  CD  A ARG B 1 16 ? 3.677   13.074  7.250   0.60 12.85 ? 15  ARG B CD  1 
ATOM   738  C  CD  B ARG B 1 16 ? 3.416   12.621  7.986   0.40 13.31 ? 15  ARG B CD  1 
ATOM   739  N  NE  A ARG B 1 16 ? 4.789   12.369  7.900   0.60 14.88 ? 15  ARG B NE  1 
ATOM   740  N  NE  B ARG B 1 16 ? 3.966   13.640  7.104   0.40 14.67 ? 15  ARG B NE  1 
ATOM   741  C  CZ  A ARG B 1 16 ? 5.963   12.937  8.186   0.60 20.40 ? 15  ARG B CZ  1 
ATOM   742  C  CZ  B ARG B 1 16 ? 5.187   13.582  6.576   0.40 17.73 ? 15  ARG B CZ  1 
ATOM   743  N  NH1 A ARG B 1 16 ? 6.187   14.198  7.855   0.60 22.73 ? 15  ARG B NH1 1 
ATOM   744  N  NH1 B ARG B 1 16 ? 5.990   12.567  6.842   0.40 19.17 ? 15  ARG B NH1 1 
ATOM   745  N  NH2 A ARG B 1 16 ? 6.922   12.244  8.792   0.60 20.57 ? 15  ARG B NH2 1 
ATOM   746  N  NH2 B ARG B 1 16 ? 5.615   14.550  5.784   0.40 19.38 ? 15  ARG B NH2 1 
ATOM   747  N  N   . ASP B 1 17 ? -0.673  10.901  6.112   1.00 9.20  ? 16  ASP B N   1 
ATOM   748  C  CA  . ASP B 1 17 ? -1.964  11.611  5.947   1.00 9.84  ? 16  ASP B CA  1 
ATOM   749  C  C   . ASP B 1 17 ? -1.830  13.058  6.376   1.00 11.00 ? 16  ASP B C   1 
ATOM   750  O  O   . ASP B 1 17 ? -1.626  13.358  7.567   1.00 11.04 ? 16  ASP B O   1 
ATOM   751  C  CB  . ASP B 1 17 ? -2.971  10.912  6.864   1.00 11.12 ? 16  ASP B CB  1 
ATOM   752  C  CG  . ASP B 1 17 ? -4.409  11.372  6.688   1.00 14.70 ? 16  ASP B CG  1 
ATOM   753  O  OD1 . ASP B 1 17 ? -4.717  12.314  5.942   1.00 16.38 ? 16  ASP B OD1 1 
ATOM   754  O  OD2 . ASP B 1 17 ? -5.250  10.721  7.351   1.00 19.51 ? 16  ASP B OD2 1 
ATOM   755  N  N   . GLU B 1 18 ? -1.956  13.970  5.418   1.00 10.30 ? 17  GLU B N   1 
ATOM   756  C  CA  . GLU B 1 18 ? -1.967  15.397  5.686   1.00 11.47 ? 17  GLU B CA  1 
ATOM   757  C  C   . GLU B 1 18 ? -3.366  16.005  5.557   1.00 12.07 ? 17  GLU B C   1 
ATOM   758  O  O   . GLU B 1 18 ? -3.509  17.206  5.350   1.00 12.72 ? 17  GLU B O   1 
ATOM   759  C  CB  . GLU B 1 18 ? -0.974  16.101  4.770   1.00 11.06 ? 17  GLU B CB  1 
ATOM   760  C  CG  . GLU B 1 18 ? 0.463   15.643  4.966   1.00 13.71 ? 17  GLU B CG  1 
ATOM   761  C  CD  . GLU B 1 18 ? 1.111   16.169  6.240   1.00 19.84 ? 17  GLU B CD  1 
ATOM   762  O  OE1 . GLU B 1 18 ? 0.453   16.878  7.050   1.00 21.35 ? 17  GLU B OE1 1 
ATOM   763  O  OE2 . GLU B 1 18 ? 2.309   15.885  6.399   1.00 24.80 ? 17  GLU B OE2 1 
ATOM   764  N  N   . GLY B 1 19 ? -4.383  15.161  5.567   1.00 13.58 ? 18  GLY B N   1 
ATOM   765  C  CA  . GLY B 1 19 ? -5.794  15.639  5.612   1.00 14.57 ? 18  GLY B CA  1 
ATOM   766  C  C   . GLY B 1 19 ? -6.330  15.866  4.218   1.00 15.22 ? 18  GLY B C   1 
ATOM   767  O  O   . GLY B 1 19 ? -7.116  15.076  3.685   1.00 18.04 ? 18  GLY B O   1 
ATOM   768  N  N   . THR B 1 20 ? -5.824  16.890  3.581   1.00 13.63 ? 19  THR B N   1 
ATOM   769  C  CA  . THR B 1 20 ? -6.265  17.229  2.239   1.00 13.84 ? 19  THR B CA  1 
ATOM   770  C  C   . THR B 1 20 ? -5.417  16.552  1.177   1.00 12.35 ? 19  THR B C   1 
ATOM   771  O  O   . THR B 1 20 ? -5.723  16.643  -0.021  1.00 11.97 ? 19  THR B O   1 
ATOM   772  C  CB  . THR B 1 20 ? -6.219  18.738  2.035   1.00 13.85 ? 19  THR B CB  1 
ATOM   773  O  OG1 . THR B 1 20 ? -4.928  19.229  2.383   1.00 14.59 ? 19  THR B OG1 1 
ATOM   774  C  CG2 . THR B 1 20 ? -7.281  19.480  2.857   1.00 16.03 ? 19  THR B CG2 1 
ATOM   775  N  N   . TYR B 1 21 ? -4.335  15.876  1.588   1.00 10.41 ? 20  TYR B N   1 
ATOM   776  C  CA  . TYR B 1 21 ? -3.501  15.140  0.649   1.00 9.12  ? 20  TYR B CA  1 
ATOM   777  C  C   . TYR B 1 21 ? -2.649  14.135  1.420   1.00 9.28  ? 20  TYR B C   1 
ATOM   778  O  O   . TYR B 1 21 ? -2.649  14.147  2.651   1.00 9.86  ? 20  TYR B O   1 
ATOM   779  C  CB  . TYR B 1 21 ? -2.612  16.082  -0.155  1.00 9.48  ? 20  TYR B CB  1 
ATOM   780  C  CG  . TYR B 1 21 ? -1.539  16.771  0.644   1.00 8.42  ? 20  TYR B CG  1 
ATOM   781  C  CD1 . TYR B 1 21 ? -1.824  17.849  1.451   1.00 10.56 ? 20  TYR B CD1 1 
ATOM   782  C  CD2 . TYR B 1 21 ? -0.240  16.304  0.602   1.00 9.54  ? 20  TYR B CD2 1 
ATOM   783  C  CE1 . TYR B 1 21 ? -0.832  18.459  2.202   1.00 10.09 ? 20  TYR B CE1 1 
ATOM   784  C  CE2 . TYR B 1 21 ? 0.767   16.923  1.347   1.00 11.87 ? 20  TYR B CE2 1 
ATOM   785  C  CZ  . TYR B 1 21 ? 0.441   17.984  2.145   1.00 11.97 ? 20  TYR B CZ  1 
ATOM   786  O  OH  . TYR B 1 21 ? 1.419   18.611  2.927   1.00 15.26 ? 20  TYR B OH  1 
ATOM   787  N  N   . TRP B 1 22 ? -1.913  13.308  0.674   1.00 8.60  ? 21  TRP B N   1 
ATOM   788  C  CA  . TRP B 1 22 ? -0.998  12.325  1.197   1.00 9.46  ? 21  TRP B CA  1 
ATOM   789  C  C   . TRP B 1 22 ? 0.385   12.607  0.689   1.00 9.46  ? 21  TRP B C   1 
ATOM   790  O  O   . TRP B 1 22 ? 0.567   12.960  -0.495  1.00 8.98  ? 21  TRP B O   1 
ATOM   791  C  CB  . TRP B 1 22 ? -1.433  10.927  0.707   1.00 9.65  ? 21  TRP B CB  1 
ATOM   792  C  CG  . TRP B 1 22 ? -2.655  10.445  1.391   1.00 10.00 ? 21  TRP B CG  1 
ATOM   793  C  CD1 . TRP B 1 22 ? -3.946  10.757  1.093   1.00 12.14 ? 21  TRP B CD1 1 
ATOM   794  C  CD2 . TRP B 1 22 ? -2.700  9.627   2.575   1.00 9.93  ? 21  TRP B CD2 1 
ATOM   795  N  NE1 . TRP B 1 22 ? -4.802  10.179  2.007   1.00 13.46 ? 21  TRP B NE1 1 
ATOM   796  C  CE2 . TRP B 1 22 ? -4.057  9.474   2.927   1.00 12.57 ? 21  TRP B CE2 1 
ATOM   797  C  CE3 . TRP B 1 22 ? -1.722  9.032   3.377   1.00 12.26 ? 21  TRP B CE3 1 
ATOM   798  C  CZ2 . TRP B 1 22 ? -4.461  8.700   4.028   1.00 12.46 ? 21  TRP B CZ2 1 
ATOM   799  C  CZ3 . TRP B 1 22 ? -2.137  8.270   4.455   1.00 12.02 ? 21  TRP B CZ3 1 
ATOM   800  C  CH2 . TRP B 1 22 ? -3.494  8.135   4.778   1.00 12.83 ? 21  TRP B CH2 1 
ATOM   801  N  N   . ASP B 1 23 ? 1.360   12.506  1.576   1.00 9.46  ? 22  ASP B N   1 
ATOM   802  C  CA  . ASP B 1 23 ? 2.794   12.677  1.347   1.00 10.40 ? 22  ASP B CA  1 
ATOM   803  C  C   . ASP B 1 23 ? 3.390   11.284  1.327   1.00 10.40 ? 22  ASP B C   1 
ATOM   804  O  O   . ASP B 1 23 ? 3.214   10.538  2.275   1.00 11.00 ? 22  ASP B O   1 
ATOM   805  C  CB  . ASP B 1 23 ? 3.326   13.566  2.468   1.00 10.85 ? 22  ASP B CB  1 
ATOM   806  C  CG  . ASP B 1 23 ? 4.809   13.790  2.437   1.00 15.66 ? 22  ASP B CG  1 
ATOM   807  O  OD1 . ASP B 1 23 ? 5.560   12.798  2.261   1.00 15.68 ? 22  ASP B OD1 1 
ATOM   808  O  OD2 . ASP B 1 23 ? 5.218   14.968  2.663   1.00 15.91 ? 22  ASP B OD2 1 
ATOM   809  N  N   . VAL B 1 24 ? 4.051   10.906  0.236   1.00 9.35  ? 23  VAL B N   1 
ATOM   810  C  CA  . VAL B 1 24 ? 4.611   9.554   0.070   1.00 9.70  ? 23  VAL B CA  1 
ATOM   811  C  C   . VAL B 1 24 ? 6.112   9.629   -0.081  1.00 9.76  ? 23  VAL B C   1 
ATOM   812  O  O   . VAL B 1 24 ? 6.608   10.370  -0.942  1.00 11.24 ? 23  VAL B O   1 
ATOM   813  C  CB  . VAL B 1 24 ? 4.030   8.865   -1.152  1.00 10.75 ? 23  VAL B CB  1 
ATOM   814  C  CG1 . VAL B 1 24 ? 4.530   7.414   -1.250  1.00 11.14 ? 23  VAL B CG1 1 
ATOM   815  C  CG2 . VAL B 1 24 ? 2.500   8.906   -1.128  1.00 12.40 ? 23  VAL B CG2 1 
ATOM   816  N  N   A ARG B 1 25 ? 6.845   8.867   0.719   0.60 10.34 ? 24  ARG B N   1 
ATOM   817  N  N   B ARG B 1 25 ? 6.830   8.861   0.744   0.40 10.69 ? 24  ARG B N   1 
ATOM   818  C  CA  A ARG B 1 25 ? 8.286   8.835   0.562   0.60 9.70  ? 24  ARG B CA  1 
ATOM   819  C  CA  B ARG B 1 25 ? 8.297   8.860   0.784   0.40 10.66 ? 24  ARG B CA  1 
ATOM   820  C  C   A ARG B 1 25 ? 8.825   7.422   0.685   0.60 9.60  ? 24  ARG B C   1 
ATOM   821  C  C   B ARG B 1 25 ? 8.806   7.414   0.691   0.40 10.18 ? 24  ARG B C   1 
ATOM   822  O  O   A ARG B 1 25 ? 8.267   6.560   1.370   0.60 10.73 ? 24  ARG B O   1 
ATOM   823  O  O   B ARG B 1 25 ? 8.155   6.490   1.191   0.40 11.12 ? 24  ARG B O   1 
ATOM   824  C  CB  A ARG B 1 25 ? 8.988   9.724   1.582   0.60 9.78  ? 24  ARG B CB  1 
ATOM   825  C  CB  B ARG B 1 25 ? 8.799   9.492   2.097   0.40 11.06 ? 24  ARG B CB  1 
ATOM   826  C  CG  A ARG B 1 25 ? 8.908   9.243   3.024   0.60 9.69  ? 24  ARG B CG  1 
ATOM   827  C  CG  B ARG B 1 25 ? 8.427   10.964  2.224   0.40 12.50 ? 24  ARG B CG  1 
ATOM   828  C  CD  A ARG B 1 25 ? 9.306   10.335  3.991   0.60 11.11 ? 24  ARG B CD  1 
ATOM   829  C  CD  B ARG B 1 25 ? 8.579   11.572  3.618   0.40 13.41 ? 24  ARG B CD  1 
ATOM   830  N  NE  A ARG B 1 25 ? 9.554   9.865   5.336   0.60 13.59 ? 24  ARG B NE  1 
ATOM   831  N  NE  B ARG B 1 25 ? 7.942   12.882  3.676   0.40 16.31 ? 24  ARG B NE  1 
ATOM   832  C  CZ  A ARG B 1 25 ? 8.629   9.674   6.279   0.60 12.76 ? 24  ARG B CZ  1 
ATOM   833  C  CZ  B ARG B 1 25 ? 8.219   13.816  4.572   0.40 16.61 ? 24  ARG B CZ  1 
ATOM   834  N  NH1 A ARG B 1 25 ? 7.304   9.840   6.062   0.60 9.50  ? 24  ARG B NH1 1 
ATOM   835  N  NH1 B ARG B 1 25 ? 9.154   13.617  5.502   0.40 15.45 ? 24  ARG B NH1 1 
ATOM   836  N  NH2 A ARG B 1 25 ? 9.069   9.300   7.468   0.60 14.37 ? 24  ARG B NH2 1 
ATOM   837  N  NH2 B ARG B 1 25 ? 7.570   14.977  4.518   0.40 18.75 ? 24  ARG B NH2 1 
ATOM   838  N  N   . PHE B 1 26 ? 9.956   7.222   0.053   1.00 9.86  ? 25  PHE B N   1 
ATOM   839  C  CA  . PHE B 1 26 ? 10.655  5.943   0.052   1.00 8.39  ? 25  PHE B CA  1 
ATOM   840  C  C   . PHE B 1 26 ? 12.005  6.120   0.758   1.00 8.45  ? 25  PHE B C   1 
ATOM   841  O  O   . PHE B 1 26 ? 12.923  6.731   0.201   1.00 9.05  ? 25  PHE B O   1 
ATOM   842  C  CB  . PHE B 1 26 ? 10.952  5.502   -1.403  1.00 9.28  ? 25  PHE B CB  1 
ATOM   843  C  CG  . PHE B 1 26 ? 9.753   5.153   -2.203  1.00 8.11  ? 25  PHE B CG  1 
ATOM   844  C  CD1 . PHE B 1 26 ? 9.252   3.855   -2.172  1.00 9.52  ? 25  PHE B CD1 1 
ATOM   845  C  CD2 . PHE B 1 26 ? 9.096   6.123   -2.979  1.00 8.44  ? 25  PHE B CD2 1 
ATOM   846  C  CE1 . PHE B 1 26 ? 8.158   3.510   -2.945  1.00 7.95  ? 25  PHE B CE1 1 
ATOM   847  C  CE2 . PHE B 1 26 ? 8.007   5.774   -3.736  1.00 9.55  ? 25  PHE B CE2 1 
ATOM   848  C  CZ  . PHE B 1 26 ? 7.539   4.486   -3.742  1.00 9.61  ? 25  PHE B CZ  1 
ATOM   849  N  N   . PRO B 1 27 ? 12.146  5.561   1.953   1.00 8.88  ? 26  PRO B N   1 
ATOM   850  C  CA  . PRO B 1 27 ? 13.459  5.617   2.604   1.00 9.60  ? 26  PRO B CA  1 
ATOM   851  C  C   . PRO B 1 27 ? 14.610  5.102   1.722   1.00 9.24  ? 26  PRO B C   1 
ATOM   852  O  O   . PRO B 1 27 ? 15.728  5.612   1.837   1.00 10.99 ? 26  PRO B O   1 
ATOM   853  C  CB  . PRO B 1 27 ? 13.260  4.725   3.806   1.00 9.76  ? 26  PRO B CB  1 
ATOM   854  C  CG  . PRO B 1 27 ? 11.854  5.005   4.188   1.00 10.61 ? 26  PRO B CG  1 
ATOM   855  C  CD  . PRO B 1 27 ? 11.160  4.923   2.826   1.00 10.15 ? 26  PRO B CD  1 
ATOM   856  N  N   . ASP B 1 28 ? 14.345  4.103   0.876   1.00 9.10  ? 27  ASP B N   1 
ATOM   857  C  CA  . ASP B 1 28 ? 15.388  3.555   0.016   1.00 9.97  ? 27  ASP B CA  1 
ATOM   858  C  C   . ASP B 1 28 ? 15.662  4.337   -1.252  1.00 9.79  ? 27  ASP B C   1 
ATOM   859  O  O   . ASP B 1 28 ? 16.667  4.068   -1.933  1.00 11.07 ? 27  ASP B O   1 
ATOM   860  C  CB  . ASP B 1 28 ? 15.037  2.112   -0.342  1.00 9.10  ? 27  ASP B CB  1 
ATOM   861  C  CG  . ASP B 1 28 ? 14.881  1.251   0.865   1.00 10.86 ? 27  ASP B CG  1 
ATOM   862  O  OD1 . ASP B 1 28 ? 15.775  1.269   1.757   1.00 11.85 ? 27  ASP B OD1 1 
ATOM   863  O  OD2 . ASP B 1 28 ? 13.892  0.504   0.949   1.00 10.84 ? 27  ASP B OD2 1 
ATOM   864  N  N   . VAL B 1 29 ? 14.766  5.246   -1.598  1.00 9.92  ? 28  VAL B N   1 
ATOM   865  C  CA  . VAL B 1 29 ? 14.818  5.987   -2.866  1.00 9.78  ? 28  VAL B CA  1 
ATOM   866  C  C   . VAL B 1 29 ? 14.364  7.407   -2.567  1.00 11.08 ? 28  VAL B C   1 
ATOM   867  O  O   . VAL B 1 29 ? 13.279  7.826   -2.916  1.00 10.74 ? 28  VAL B O   1 
ATOM   868  C  CB  . VAL B 1 29 ? 13.939  5.334   -3.955  1.00 9.62  ? 28  VAL B CB  1 
ATOM   869  C  CG1 . VAL B 1 29 ? 14.230  6.005   -5.344  1.00 9.27  ? 28  VAL B CG1 1 
ATOM   870  C  CG2 . VAL B 1 29 ? 14.180  3.796   -4.056  1.00 10.54 ? 28  VAL B CG2 1 
ATOM   871  N  N   . PRO B 1 30 ? 15.238  8.180   -1.927  1.00 13.02 ? 29  PRO B N   1 
ATOM   872  C  CA  . PRO B 1 30 ? 14.808  9.499   -1.452  1.00 14.84 ? 29  PRO B CA  1 
ATOM   873  C  C   . PRO B 1 30 ? 14.389  10.500  -2.517  1.00 13.89 ? 29  PRO B C   1 
ATOM   874  O  O   . PRO B 1 30 ? 13.560  11.357  -2.262  1.00 17.13 ? 29  PRO B O   1 
ATOM   875  C  CB  . PRO B 1 30 ? 16.033  10.037  -0.720  1.00 15.60 ? 29  PRO B CB  1 
ATOM   876  C  CG  . PRO B 1 30 ? 16.878  8.853   -0.422  1.00 17.43 ? 29  PRO B CG  1 
ATOM   877  C  CD  . PRO B 1 30 ? 16.582  7.818   -1.463  1.00 13.89 ? 29  PRO B CD  1 
ATOM   878  N  N   . ALA B 1 31 ? 14.857  10.349  -3.736  1.00 12.77 ? 30  ALA B N   1 
ATOM   879  C  CA  . ALA B 1 31 ? 14.454  11.266  -4.787  1.00 12.95 ? 30  ALA B CA  1 
ATOM   880  C  C   . ALA B 1 31 ? 13.030  11.053  -5.253  1.00 13.60 ? 30  ALA B C   1 
ATOM   881  O  O   . ALA B 1 31 ? 12.519  11.869  -6.014  1.00 15.72 ? 30  ALA B O   1 
ATOM   882  C  CB  . ALA B 1 31 ? 15.403  11.100  -5.995  1.00 13.99 ? 30  ALA B CB  1 
ATOM   883  N  N   . ALA B 1 32 ? 12.389  9.956   -4.834  1.00 11.01 ? 31  ALA B N   1 
ATOM   884  C  CA  . ALA B 1 32 ? 11.056  9.566   -5.319  1.00 11.36 ? 31  ALA B CA  1 
ATOM   885  C  C   . ALA B 1 32 ? 9.879   10.063  -4.449  1.00 11.75 ? 31  ALA B C   1 
ATOM   886  O  O   . ALA B 1 32 ? 8.783   9.542   -4.568  1.00 12.88 ? 31  ALA B O   1 
ATOM   887  C  CB  . ALA B 1 32 ? 10.965  8.048   -5.552  1.00 11.64 ? 31  ALA B CB  1 
ATOM   888  N  N   A GLN B 1 33 ? 10.089  11.068  -3.616  0.30 10.48 ? 32  GLN B N   1 
ATOM   889  N  N   B GLN B 1 33 ? 10.096  11.121  -3.688  0.70 11.07 ? 32  GLN B N   1 
ATOM   890  C  CA  A GLN B 1 33 ? 8.977   11.589  -2.849  0.30 9.77  ? 32  GLN B CA  1 
ATOM   891  C  CA  B GLN B 1 33 ? 9.057   11.795  -2.903  0.70 11.40 ? 32  GLN B CA  1 
ATOM   892  C  C   A GLN B 1 33 ? 7.916   12.027  -3.852  0.30 9.56  ? 32  GLN B C   1 
ATOM   893  C  C   B GLN B 1 33 ? 7.915   12.267  -3.785  0.70 10.95 ? 32  GLN B C   1 
ATOM   894  O  O   A GLN B 1 33 ? 8.204   12.361  -5.011  0.30 8.71  ? 32  GLN B O   1 
ATOM   895  O  O   B GLN B 1 33 ? 8.154   13.002  -4.757  0.70 11.08 ? 32  GLN B O   1 
ATOM   896  C  CB  A GLN B 1 33 ? 9.399   12.732  -1.916  0.30 9.60  ? 32  GLN B CB  1 
ATOM   897  C  CB  B GLN B 1 33 ? 9.683   13.036  -2.242  0.70 11.97 ? 32  GLN B CB  1 
ATOM   898  C  CG  A GLN B 1 33 ? 8.279   13.248  -1.020  0.30 8.72  ? 32  GLN B CG  1 
ATOM   899  C  CG  B GLN B 1 33 ? 8.721   13.994  -1.542  0.70 13.82 ? 32  GLN B CG  1 
ATOM   900  C  CD  A GLN B 1 33 ? 8.708   14.375  -0.099  0.30 9.33  ? 32  GLN B CD  1 
ATOM   901  C  CD  B GLN B 1 33 ? 8.187   13.451  -0.246  0.70 17.46 ? 32  GLN B CD  1 
ATOM   902  O  OE1 A GLN B 1 33 ? 9.826   14.900  -0.195  0.30 11.99 ? 32  GLN B OE1 1 
ATOM   903  O  OE1 B GLN B 1 33 ? 8.940   13.199  0.700   0.70 20.01 ? 32  GLN B OE1 1 
ATOM   904  N  NE2 A GLN B 1 33 ? 7.817   14.750  0.810   0.30 9.19  ? 32  GLN B NE2 1 
ATOM   905  N  NE2 B GLN B 1 33 ? 6.885   13.287  -0.173  0.70 14.53 ? 32  GLN B NE2 1 
ATOM   906  N  N   . THR B 1 34 ? 6.673   11.940  -3.419  1.00 9.56  ? 33  THR B N   1 
ATOM   907  C  CA  . THR B 1 34 ? 5.551   12.384  -4.213  1.00 9.19  ? 33  THR B CA  1 
ATOM   908  C  C   . THR B 1 34 ? 4.326   12.639  -3.353  1.00 8.51  ? 33  THR B C   1 
ATOM   909  O  O   . THR B 1 34 ? 4.365   12.521  -2.130  1.00 8.68  ? 33  THR B O   1 
ATOM   910  C  CB  . THR B 1 34 ? 5.297   11.389  -5.363  1.00 10.85 ? 33  THR B CB  1 
ATOM   911  O  OG1 . THR B 1 34 ? 4.470   12.013  -6.362  1.00 11.54 ? 33  THR B OG1 1 
ATOM   912  C  CG2 . THR B 1 34 ? 4.643   10.107  -4.865  1.00 11.93 ? 33  THR B CG2 1 
ATOM   913  N  N   . PHE B 1 35 ? 3.215   13.009  -3.996  1.00 8.52  ? 34  PHE B N   1 
ATOM   914  C  CA  . PHE B 1 35 ? 2.021   13.521  -3.354  1.00 8.08  ? 34  PHE B CA  1 
ATOM   915  C  C   . PHE B 1 35 ? 0.800   13.143  -4.154  1.00 8.03  ? 34  PHE B C   1 
ATOM   916  O  O   . PHE B 1 35 ? 0.890   13.008  -5.371  1.00 8.65  ? 34  PHE B O   1 
ATOM   917  C  CB  . PHE B 1 35 ? 2.055   15.056  -3.259  1.00 8.58  ? 34  PHE B CB  1 
ATOM   918  C  CG  . PHE B 1 35 ? 3.278   15.570  -2.583  1.00 9.61  ? 34  PHE B CG  1 
ATOM   919  C  CD1 . PHE B 1 35 ? 3.320   15.675  -1.195  1.00 12.47 ? 34  PHE B CD1 1 
ATOM   920  C  CD2 . PHE B 1 35 ? 4.416   15.813  -3.330  1.00 9.83  ? 34  PHE B CD2 1 
ATOM   921  C  CE1 . PHE B 1 35 ? 4.498   16.108  -0.557  1.00 13.22 ? 34  PHE B CE1 1 
ATOM   922  C  CE2 . PHE B 1 35 ? 5.565   16.232  -2.688  1.00 11.91 ? 34  PHE B CE2 1 
ATOM   923  C  CZ  . PHE B 1 35 ? 5.587   16.370  -1.314  1.00 11.86 ? 34  PHE B CZ  1 
ATOM   924  N  N   . GLY B 1 36 ? -0.339  13.085  -3.503  1.00 8.35  ? 35  GLY B N   1 
ATOM   925  C  CA  . GLY B 1 36 ? -1.622  12.978  -4.225  1.00 7.70  ? 35  GLY B CA  1 
ATOM   926  C  C   . GLY B 1 36 ? -2.742  13.286  -3.262  1.00 7.70  ? 35  GLY B C   1 
ATOM   927  O  O   . GLY B 1 36 ? -2.557  13.118  -2.061  1.00 8.62  ? 35  GLY B O   1 
ATOM   928  N  N   . ALA B 1 37 ? -3.902  13.717  -3.755  1.00 7.21  ? 36  ALA B N   1 
ATOM   929  C  CA  . ALA B 1 37 ? -4.987  14.059  -2.822  1.00 7.26  ? 36  ALA B CA  1 
ATOM   930  C  C   . ALA B 1 37 ? -5.564  12.829  -2.116  1.00 8.36  ? 36  ALA B C   1 
ATOM   931  O  O   . ALA B 1 37 ? -5.952  12.909  -0.944  1.00 9.57  ? 36  ALA B O   1 
ATOM   932  C  CB  . ALA B 1 37 ? -6.102  14.853  -3.537  1.00 8.07  ? 36  ALA B CB  1 
ATOM   933  N  N   . SER B 1 38 ? -5.734  11.758  -2.880  1.00 9.29  ? 37  SER B N   1 
ATOM   934  C  CA  . SER B 1 38 ? -6.187  10.472  -2.360  1.00 8.59  ? 37  SER B CA  1 
ATOM   935  C  C   . SER B 1 38 ? -5.031  9.502   -2.248  1.00 8.56  ? 37  SER B C   1 
ATOM   936  O  O   . SER B 1 38 ? -4.004  9.633   -2.940  1.00 8.60  ? 37  SER B O   1 
ATOM   937  C  CB  . SER B 1 38 ? -7.233  9.886   -3.251  1.00 9.84  ? 37  SER B CB  1 
ATOM   938  O  OG  . SER B 1 38 ? -6.695  9.547   -4.515  1.00 11.22 ? 37  SER B OG  1 
ATOM   939  N  N   A VAL B 1 39 ? -5.176  8.511   -1.366  0.60 9.22  ? 38  VAL B N   1 
ATOM   940  N  N   B VAL B 1 39 ? -5.199  8.518   -1.390  0.40 9.10  ? 38  VAL B N   1 
ATOM   941  C  CA  A VAL B 1 39 ? -4.121  7.503   -1.238  0.60 8.66  ? 38  VAL B CA  1 
ATOM   942  C  CA  B VAL B 1 39 ? -4.143  7.568   -1.200  0.40 8.96  ? 38  VAL B CA  1 
ATOM   943  C  C   A VAL B 1 39 ? -3.849  6.818   -2.570  0.60 8.83  ? 38  VAL B C   1 
ATOM   944  C  C   B VAL B 1 39 ? -3.865  6.802   -2.511  0.40 8.97  ? 38  VAL B C   1 
ATOM   945  O  O   A VAL B 1 39 ? -2.704  6.509   -2.897  0.60 9.91  ? 38  VAL B O   1 
ATOM   946  O  O   B VAL B 1 39 ? -2.710  6.484   -2.794  0.40 9.41  ? 38  VAL B O   1 
ATOM   947  C  CB  A VAL B 1 39 ? -4.365  6.391   -0.144  0.60 9.87  ? 38  VAL B CB  1 
ATOM   948  C  CB  B VAL B 1 39 ? -4.452  6.646   -0.017  0.40 9.34  ? 38  VAL B CB  1 
ATOM   949  C  CG1 A VAL B 1 39 ? -4.185  6.952   1.214   0.60 11.65 ? 38  VAL B CG1 1 
ATOM   950  C  CG1 B VAL B 1 39 ? -3.153  6.214   0.628   0.40 7.76  ? 38  VAL B CG1 1 
ATOM   951  C  CG2 A VAL B 1 39 ? -5.711  5.645   -0.291  0.60 4.45  ? 38  VAL B CG2 1 
ATOM   952  C  CG2 B VAL B 1 39 ? -5.276  7.377   0.976   0.40 12.15 ? 38  VAL B CG2 1 
ATOM   953  N  N   . GLN B 1 40 ? -4.910  6.503   -3.287  1.00 8.48  ? 39  GLN B N   1 
ATOM   954  C  CA  . GLN B 1 40 ? -4.751  5.751   -4.520  1.00 9.86  ? 39  GLN B CA  1 
ATOM   955  C  C   . GLN B 1 40 ? -4.010  6.516   -5.611  1.00 8.63  ? 39  GLN B C   1 
ATOM   956  O  O   . GLN B 1 40 ? -3.175  5.959   -6.325  1.00 9.27  ? 39  GLN B O   1 
ATOM   957  C  CB  . GLN B 1 40 ? -6.060  5.156   -5.004  1.00 11.52 ? 39  GLN B CB  1 
ATOM   958  C  CG  . GLN B 1 40 ? -7.092  6.135   -5.372  1.00 12.33 ? 39  GLN B CG  1 
ATOM   959  C  CD  . GLN B 1 40 ? -8.034  6.525   -4.261  1.00 12.44 ? 39  GLN B CD  1 
ATOM   960  O  OE1 . GLN B 1 40 ? -7.754  6.434   -3.071  1.00 11.69 ? 39  GLN B OE1 1 
ATOM   961  N  NE2 . GLN B 1 40 ? -9.245  6.974   -4.680  1.00 15.46 ? 39  GLN B NE2 1 
ATOM   962  N  N   . VAL B 1 41 ? -4.286  7.816   -5.743  1.00 9.23  ? 40  VAL B N   1 
ATOM   963  C  CA  . VAL B 1 41 ? -3.576  8.629   -6.710  1.00 8.29  ? 40  VAL B CA  1 
ATOM   964  C  C   . VAL B 1 41 ? -2.129  8.879   -6.236  1.00 7.81  ? 40  VAL B C   1 
ATOM   965  O  O   . VAL B 1 41 ? -1.167  8.822   -7.007  1.00 8.60  ? 40  VAL B O   1 
ATOM   966  C  CB  . VAL B 1 41 ? -4.295  9.964   -6.990  1.00 9.08  ? 40  VAL B CB  1 
ATOM   967  C  CG1 . VAL B 1 41 ? -3.395  10.984  -7.772  1.00 10.72 ? 40  VAL B CG1 1 
ATOM   968  C  CG2 . VAL B 1 41 ? -5.604  9.671   -7.780  1.00 10.27 ? 40  VAL B CG2 1 
ATOM   969  N  N   . ALA B 1 42 ? -1.946  9.131   -4.953  1.00 7.64  ? 41  ALA B N   1 
ATOM   970  C  CA  . ALA B 1 42 ? -0.616  9.268   -4.404  1.00 7.43  ? 41  ALA B CA  1 
ATOM   971  C  C   . ALA B 1 42 ? 0.249   8.026   -4.713  1.00 7.89  ? 41  ALA B C   1 
ATOM   972  O  O   . ALA B 1 42 ? 1.407   8.130   -5.083  1.00 8.78  ? 41  ALA B O   1 
ATOM   973  C  CB  . ALA B 1 42 ? -0.670  9.556   -2.868  1.00 8.05  ? 41  ALA B CB  1 
ATOM   974  N  N   . ALA B 1 43 ? -0.344  6.852   -4.530  1.00 8.44  ? 42  ALA B N   1 
ATOM   975  C  CA  . ALA B 1 43 ? 0.382   5.616   -4.816  1.00 8.24  ? 42  ALA B CA  1 
ATOM   976  C  C   . ALA B 1 43 ? 0.714   5.434   -6.286  1.00 8.98  ? 42  ALA B C   1 
ATOM   977  O  O   . ALA B 1 43 ? 1.808   4.943   -6.639  1.00 8.47  ? 42  ALA B O   1 
ATOM   978  C  CB  . ALA B 1 43 ? -0.415  4.389   -4.312  1.00 9.33  ? 42  ALA B CB  1 
ATOM   979  N  N   . ASP B 1 44 ? -0.211  5.800   -7.168  1.00 8.68  ? 43  ASP B N   1 
ATOM   980  C  CA  . ASP B 1 44 ? 0.076   5.757   -8.586  1.00 9.94  ? 43  ASP B CA  1 
ATOM   981  C  C   . ASP B 1 44 ? 1.255   6.690   -8.935  1.00 9.52  ? 43  ASP B C   1 
ATOM   982  O  O   . ASP B 1 44 ? 2.205   6.351   -9.680  1.00 8.68  ? 43  ASP B O   1 
ATOM   983  C  CB  . ASP B 1 44 ? -1.181  6.124   -9.394  1.00 10.83 ? 43  ASP B CB  1 
ATOM   984  C  CG  . ASP B 1 44 ? -0.977  5.911   -10.884 1.00 13.77 ? 43  ASP B CG  1 
ATOM   985  O  OD1 . ASP B 1 44 ? -0.719  4.730   -11.250 1.00 16.66 ? 43  ASP B OD1 1 
ATOM   986  O  OD2 . ASP B 1 44 ? -1.067  6.864   -11.649 1.00 16.17 ? 43  ASP B OD2 1 
ATOM   987  N  N   . ASN B 1 45 ? 1.209   7.892   -8.371  1.00 8.59  ? 44  ASN B N   1 
ATOM   988  C  CA  . ASN B 1 45 ? 2.302   8.824   -8.512  1.00 8.32  ? 44  ASN B CA  1 
ATOM   989  C  C   . ASN B 1 45 ? 3.622   8.261   -7.997  1.00 7.90  ? 44  ASN B C   1 
ATOM   990  O  O   . ASN B 1 45 ? 4.698   8.513   -8.557  1.00 9.14  ? 44  ASN B O   1 
ATOM   991  C  CB  . ASN B 1 45 ? 1.955   10.161  -7.869  1.00 7.62  ? 44  ASN B CB  1 
ATOM   992  C  CG  . ASN B 1 45 ? 0.912   10.920  -8.657  1.00 9.12  ? 44  ASN B CG  1 
ATOM   993  O  OD1 . ASN B 1 45 ? 0.740   10.667  -9.885  1.00 10.89 ? 44  ASN B OD1 1 
ATOM   994  N  ND2 . ASN B 1 45 ? 0.220   11.861  -8.012  1.00 8.86  ? 44  ASN B ND2 1 
ATOM   995  N  N   . ALA B 1 46 ? 3.537   7.496   -6.906  1.00 8.37  ? 45  ALA B N   1 
ATOM   996  C  CA  . ALA B 1 46 ? 4.731   6.904   -6.308  1.00 8.87  ? 45  ALA B CA  1 
ATOM   997  C  C   . ALA B 1 46 ? 5.331   5.838   -7.208  1.00 8.54  ? 45  ALA B C   1 
ATOM   998  O  O   . ALA B 1 46 ? 6.553   5.774   -7.317  1.00 9.40  ? 45  ALA B O   1 
ATOM   999  C  CB  . ALA B 1 46 ? 4.391   6.329   -4.909  1.00 9.42  ? 45  ALA B CB  1 
ATOM   1000 N  N   . ALA B 1 47 ? 4.492   5.043   -7.883  1.00 8.39  ? 46  ALA B N   1 
ATOM   1001 C  CA  . ALA B 1 47 ? 5.002   4.084   -8.854  1.00 8.03  ? 46  ALA B CA  1 
ATOM   1002 C  C   . ALA B 1 47 ? 5.802   4.797   -9.960  1.00 8.66  ? 46  ALA B C   1 
ATOM   1003 O  O   . ALA B 1 47 ? 6.880   4.325   -10.387 1.00 8.98  ? 46  ALA B O   1 
ATOM   1004 C  CB  . ALA B 1 47 ? 3.887   3.269   -9.454  1.00 9.12  ? 46  ALA B CB  1 
ATOM   1005 N  N   . ASN B 1 48 ? 5.263   5.910   -10.437 1.00 8.70  ? 47  ASN B N   1 
ATOM   1006 C  CA  . ASN B 1 48 ? 5.939   6.663   -11.473 1.00 7.97  ? 47  ASN B CA  1 
ATOM   1007 C  C   . ASN B 1 48 ? 7.204   7.355   -10.971 1.00 8.48  ? 47  ASN B C   1 
ATOM   1008 O  O   . ASN B 1 48 ? 8.181   7.465   -11.697 1.00 8.31  ? 47  ASN B O   1 
ATOM   1009 C  CB  . ASN B 1 48 ? 4.986   7.670   -12.094 1.00 7.82  ? 47  ASN B CB  1 
ATOM   1010 C  CG  . ASN B 1 48 ? 3.785   7.023   -12.742 1.00 9.03  ? 47  ASN B CG  1 
ATOM   1011 O  OD1 . ASN B 1 48 ? 3.726   5.821   -13.001 1.00 11.68 ? 47  ASN B OD1 1 
ATOM   1012 N  ND2 . ASN B 1 48 ? 2.757   7.874   -12.993 1.00 11.74 ? 47  ASN B ND2 1 
ATOM   1013 N  N   . ALA B 1 49 ? 7.157   7.868   -9.739  1.00 8.16  ? 48  ALA B N   1 
ATOM   1014 C  CA  . ALA B 1 49 ? 8.316   8.545   -9.115  1.00 8.71  ? 48  ALA B CA  1 
ATOM   1015 C  C   . ALA B 1 49 ? 9.471   7.568   -8.995  1.00 8.39  ? 48  ALA B C   1 
ATOM   1016 O  O   . ALA B 1 49 ? 10.604  7.949   -9.250  1.00 9.20  ? 48  ALA B O   1 
ATOM   1017 C  CB  . ALA B 1 49 ? 7.924   9.110   -7.743  1.00 9.62  ? 48  ALA B CB  1 
ATOM   1018 N  N   . LEU B 1 50 ? 9.185   6.325   -8.582  1.00 9.05  ? 49  LEU B N   1 
ATOM   1019 C  CA  . LEU B 1 50 ? 10.244  5.293   -8.555  1.00 9.20  ? 49  LEU B CA  1 
ATOM   1020 C  C   . LEU B 1 50 ? 10.842  5.121   -9.950  1.00 8.59  ? 49  LEU B C   1 
ATOM   1021 O  O   . LEU B 1 50 ? 12.044  4.979   -10.121 1.00 9.25  ? 49  LEU B O   1 
ATOM   1022 C  CB  . LEU B 1 50 ? 9.691   3.945   -8.089  1.00 10.33 ? 49  LEU B CB  1 
ATOM   1023 C  CG  . LEU B 1 50 ? 9.404   3.755   -6.617  1.00 10.54 ? 49  LEU B CG  1 
ATOM   1024 C  CD1 . LEU B 1 50 ? 8.779   2.355   -6.433  1.00 11.08 ? 49  LEU B CD1 1 
ATOM   1025 C  CD2 . LEU B 1 50 ? 10.692  3.876   -5.775  1.00 11.35 ? 49  LEU B CD2 1 
ATOM   1026 N  N   . ALA B 1 51 ? 9.954   5.021   -10.951 1.00 8.15  ? 50  ALA B N   1 
ATOM   1027 C  CA  . ALA B 1 51 ? 10.423  4.787   -12.323 1.00 7.90  ? 50  ALA B CA  1 
ATOM   1028 C  C   . ALA B 1 51 ? 11.365  5.899   -12.804 1.00 7.70  ? 50  ALA B C   1 
ATOM   1029 O  O   . ALA B 1 51 ? 12.357  5.660   -13.522 1.00 8.78  ? 50  ALA B O   1 
ATOM   1030 C  CB  . ALA B 1 51 ? 9.237   4.609   -13.284 1.00 10.06 ? 50  ALA B CB  1 
ATOM   1031 N  N   . ILE B 1 52 ? 11.000  7.127   -12.484 1.00 7.52  ? 51  ILE B N   1 
ATOM   1032 C  CA  . ILE B 1 52 ? 11.816  8.297   -12.862 1.00 7.73  ? 51  ILE B CA  1 
ATOM   1033 C  C   . ILE B 1 52 ? 13.124  8.332   -12.083 1.00 8.94  ? 51  ILE B C   1 
ATOM   1034 O  O   . ILE B 1 52 ? 14.198  8.515   -12.666 1.00 8.79  ? 51  ILE B O   1 
ATOM   1035 C  CB  . ILE B 1 52 ? 10.988  9.608   -12.636 1.00 8.43  ? 51  ILE B CB  1 
ATOM   1036 C  CG1 . ILE B 1 52 ? 9.836   9.619   -13.603 1.00 8.70  ? 51  ILE B CG1 1 
ATOM   1037 C  CG2 . ILE B 1 52 ? 11.858  10.846  -12.798 1.00 10.50 ? 51  ILE B CG2 1 
ATOM   1038 C  CD1 . ILE B 1 52 ? 8.742   10.676  -13.211 1.00 9.74  ? 51  ILE B CD1 1 
ATOM   1039 N  N   . ALA B 1 53 ? 13.051  8.130   -10.764 1.00 8.22  ? 52  ALA B N   1 
ATOM   1040 C  CA  . ALA B 1 53 ? 14.245  8.240   -9.929  1.00 8.77  ? 52  ALA B CA  1 
ATOM   1041 C  C   . ALA B 1 53 ? 15.268  7.144   -10.226 1.00 9.53  ? 52  ALA B C   1 
ATOM   1042 O  O   . ALA B 1 53 ? 16.452  7.379   -10.065 1.00 11.77 ? 52  ALA B O   1 
ATOM   1043 C  CB  . ALA B 1 53 ? 13.844  8.211   -8.421  1.00 9.36  ? 52  ALA B CB  1 
ATOM   1044 N  N   . LEU B 1 54 ? 14.777  5.963   -10.608 1.00 9.30  ? 53  LEU B N   1 
ATOM   1045 C  CA  . LEU B 1 54 ? 15.633  4.782   -10.818 1.00 9.72  ? 53  LEU B CA  1 
ATOM   1046 C  C   . LEU B 1 54 ? 15.833  4.453   -12.300 1.00 9.08  ? 53  LEU B C   1 
ATOM   1047 O  O   . LEU B 1 54 ? 16.389  3.404   -12.628 1.00 9.67  ? 53  LEU B O   1 
ATOM   1048 C  CB  . LEU B 1 54 ? 15.072  3.597   -10.071 1.00 10.38 ? 53  LEU B CB  1 
ATOM   1049 C  CG  . LEU B 1 54 ? 15.094  3.716   -8.538  1.00 12.22 ? 53  LEU B CG  1 
ATOM   1050 C  CD1 . LEU B 1 54 ? 14.335  2.516   -7.933  1.00 14.44 ? 53  LEU B CD1 1 
ATOM   1051 C  CD2 . LEU B 1 54 ? 16.525  3.939   -8.005  1.00 13.86 ? 53  LEU B CD2 1 
ATOM   1052 N  N   . PHE B 1 55 ? 15.450  5.360   -13.190 1.00 8.62  ? 54  PHE B N   1 
ATOM   1053 C  CA  . PHE B 1 55 ? 15.481  5.102   -14.638 1.00 8.67  ? 54  PHE B CA  1 
ATOM   1054 C  C   . PHE B 1 55 ? 16.876  4.723   -15.107 1.00 8.46  ? 54  PHE B C   1 
ATOM   1055 O  O   . PHE B 1 55 ? 17.812  5.518   -15.013 1.00 8.01  ? 54  PHE B O   1 
ATOM   1056 C  CB  . PHE B 1 55 ? 14.976  6.316   -15.426 1.00 9.23  ? 54  PHE B CB  1 
ATOM   1057 C  CG  . PHE B 1 55 ? 14.991  6.103   -16.924 1.00 7.25  ? 54  PHE B CG  1 
ATOM   1058 C  CD1 . PHE B 1 55 ? 14.048  5.289   -17.513 1.00 8.19  ? 54  PHE B CD1 1 
ATOM   1059 C  CD2 . PHE B 1 55 ? 15.889  6.769   -17.728 1.00 9.47  ? 54  PHE B CD2 1 
ATOM   1060 C  CE1 . PHE B 1 55 ? 14.054  5.103   -18.916 1.00 9.88  ? 54  PHE B CE1 1 
ATOM   1061 C  CE2 . PHE B 1 55 ? 15.915  6.599   -19.112 1.00 8.59  ? 54  PHE B CE2 1 
ATOM   1062 C  CZ  . PHE B 1 55 ? 14.972  5.778   -19.694 1.00 7.93  ? 54  PHE B CZ  1 
ATOM   1063 N  N   . GLU B 1 56 ? 17.016  3.467   -15.553 1.00 8.25  ? 55  GLU B N   1 
ATOM   1064 C  CA  . GLU B 1 56 ? 18.285  2.921   -16.067 1.00 7.83  ? 55  GLU B CA  1 
ATOM   1065 C  C   . GLU B 1 56 ? 19.428  3.069   -15.056 1.00 9.61  ? 55  GLU B C   1 
ATOM   1066 O  O   . GLU B 1 56 ? 20.580  3.252   -15.441 1.00 11.28 ? 55  GLU B O   1 
ATOM   1067 C  CB  . GLU B 1 56 ? 18.606  3.533   -17.431 1.00 7.58  ? 55  GLU B CB  1 
ATOM   1068 C  CG  . GLU B 1 56 ? 17.461  3.223   -18.400 1.00 6.88  ? 55  GLU B CG  1 
ATOM   1069 C  CD  . GLU B 1 56 ? 17.696  3.669   -19.808 1.00 8.46  ? 55  GLU B CD  1 
ATOM   1070 O  OE1 . GLU B 1 56 ? 18.628  4.432   -20.109 1.00 8.14  ? 55  GLU B OE1 1 
ATOM   1071 O  OE2 . GLU B 1 56 ? 16.918  3.222   -20.716 1.00 7.67  ? 55  GLU B OE2 1 
ATOM   1072 N  N   A GLN B 1 57 ? 19.106  2.971   -13.776 0.50 10.31 ? 56  GLN B N   1 
ATOM   1073 N  N   B GLN B 1 57 ? 19.073  2.998   -13.771 0.50 10.20 ? 56  GLN B N   1 
ATOM   1074 C  CA  A GLN B 1 57 ? 20.128  3.049   -12.743 0.50 11.22 ? 56  GLN B CA  1 
ATOM   1075 C  CA  B GLN B 1 57 ? 20.019  3.093   -12.650 0.50 11.25 ? 56  GLN B CA  1 
ATOM   1076 C  C   A GLN B 1 57 ? 20.102  1.784   -11.899 0.50 11.65 ? 56  GLN B C   1 
ATOM   1077 C  C   B GLN B 1 57 ? 20.132  1.739   -11.956 0.50 11.54 ? 56  GLN B C   1 
ATOM   1078 O  O   A GLN B 1 57 ? 19.106  1.028   -11.894 0.50 11.56 ? 56  GLN B O   1 
ATOM   1079 O  O   B GLN B 1 57 ? 19.248  0.878   -12.098 0.50 11.66 ? 56  GLN B O   1 
ATOM   1080 C  CB  A GLN B 1 57 ? 19.889  4.275   -11.877 0.50 11.92 ? 56  GLN B CB  1 
ATOM   1081 C  CB  B GLN B 1 57 ? 19.494  4.074   -11.595 0.50 11.44 ? 56  GLN B CB  1 
ATOM   1082 C  CG  A GLN B 1 57 ? 20.126  5.544   -12.624 0.50 12.97 ? 56  GLN B CG  1 
ATOM   1083 C  CG  B GLN B 1 57 ? 19.332  5.501   -12.087 0.50 14.06 ? 56  GLN B CG  1 
ATOM   1084 C  CD  A GLN B 1 57 ? 19.560  6.750   -11.940 0.50 18.20 ? 56  GLN B CD  1 
ATOM   1085 C  CD  B GLN B 1 57 ? 20.636  6.097   -12.536 0.50 17.28 ? 56  GLN B CD  1 
ATOM   1086 O  OE1 A GLN B 1 57 ? 20.096  7.213   -10.942 0.50 22.24 ? 56  GLN B OE1 1 
ATOM   1087 O  OE1 B GLN B 1 57 ? 21.607  6.081   -11.795 0.50 20.59 ? 56  GLN B OE1 1 
ATOM   1088 N  NE2 A GLN B 1 57 ? 18.490  7.287   -12.485 0.50 17.78 ? 56  GLN B NE2 1 
ATOM   1089 N  NE2 B GLN B 1 57 ? 20.670  6.625   -13.750 0.50 20.46 ? 56  GLN B NE2 1 
ATOM   1090 N  N   . SER B 1 58 ? 21.196  1.580   -11.170 1.00 13.17 ? 57  SER B N   1 
ATOM   1091 C  CA  . SER B 1 58 ? 21.311  0.446   -10.267 1.00 13.61 ? 57  SER B CA  1 
ATOM   1092 C  C   . SER B 1 58 ? 20.233  0.531   -9.200  1.00 13.27 ? 57  SER B C   1 
ATOM   1093 O  O   . SER B 1 58 ? 19.903  1.601   -8.733  1.00 14.23 ? 57  SER B O   1 
ATOM   1094 C  CB  . SER B 1 58 ? 22.681  0.467   -9.598  1.00 14.96 ? 57  SER B CB  1 
ATOM   1095 O  OG  . SER B 1 58 ? 23.690  0.359   -10.570 1.00 20.38 ? 57  SER B OG  1 
ATOM   1096 N  N   . LEU B 1 59 ? 19.672  -0.607  -8.840  1.00 12.94 ? 58  LEU B N   1 
ATOM   1097 C  CA  . LEU B 1 59 ? 18.591  -0.661  -7.858  1.00 12.48 ? 58  LEU B CA  1 
ATOM   1098 C  C   . LEU B 1 59 ? 19.148  -0.813  -6.437  1.00 13.38 ? 58  LEU B C   1 
ATOM   1099 O  O   . LEU B 1 59 ? 19.860  -1.771  -6.154  1.00 12.73 ? 58  LEU B O   1 
ATOM   1100 C  CB  . LEU B 1 59 ? 17.651  -1.807  -8.192  1.00 13.46 ? 58  LEU B CB  1 
ATOM   1101 C  CG  . LEU B 1 59 ? 16.994  -1.683  -9.583  1.00 14.62 ? 58  LEU B CG  1 
ATOM   1102 C  CD1 . LEU B 1 59 ? 16.113  -2.907  -9.804  1.00 18.55 ? 58  LEU B CD1 1 
ATOM   1103 C  CD2 . LEU B 1 59 ? 16.153  -0.398  -9.812  1.00 16.89 ? 58  LEU B CD2 1 
ATOM   1104 N  N   . PRO B 1 60 ? 18.841  0.131   -5.547  1.00 12.58 ? 59  PRO B N   1 
ATOM   1105 C  CA  . PRO B 1 60 ? 19.268  -0.028  -4.144  1.00 13.57 ? 59  PRO B CA  1 
ATOM   1106 C  C   . PRO B 1 60 ? 18.535  -1.184  -3.473  1.00 13.97 ? 59  PRO B C   1 
ATOM   1107 O  O   . PRO B 1 60 ? 17.456  -1.586  -3.916  1.00 13.28 ? 59  PRO B O   1 
ATOM   1108 C  CB  . PRO B 1 60 ? 18.881  1.296   -3.500  1.00 14.47 ? 59  PRO B CB  1 
ATOM   1109 C  CG  . PRO B 1 60 ? 17.816  1.819   -4.335  1.00 15.20 ? 59  PRO B CG  1 
ATOM   1110 C  CD  . PRO B 1 60 ? 18.069  1.368   -5.750  1.00 13.28 ? 59  PRO B CD  1 
ATOM   1111 N  N   . PRO B 1 61 ? 19.118  -1.742  -2.405  1.00 14.50 ? 60  PRO B N   1 
ATOM   1112 C  CA  . PRO B 1 61 ? 18.376  -2.744  -1.674  1.00 14.46 ? 60  PRO B CA  1 
ATOM   1113 C  C   . PRO B 1 61 ? 17.130  -2.161  -1.064  1.00 13.98 ? 60  PRO B C   1 
ATOM   1114 O  O   . PRO B 1 61 ? 17.097  -0.972  -0.696  1.00 15.62 ? 60  PRO B O   1 
ATOM   1115 C  CB  . PRO B 1 61 ? 19.331  -3.156  -0.539  1.00 14.50 ? 60  PRO B CB  1 
ATOM   1116 C  CG  . PRO B 1 61 ? 20.650  -2.587  -0.886  1.00 16.54 ? 60  PRO B CG  1 
ATOM   1117 C  CD  . PRO B 1 61 ? 20.478  -1.526  -1.877  1.00 15.86 ? 60  PRO B CD  1 
ATOM   1118 N  N   . ALA B 1 62 ? 16.102  -2.993  -0.975  1.00 13.26 ? 61  ALA B N   1 
ATOM   1119 C  CA  . ALA B 1 62 ? 14.873  -2.629  -0.271  1.00 12.81 ? 61  ALA B CA  1 
ATOM   1120 C  C   . ALA B 1 62 ? 14.978  -2.952  1.218   1.00 12.97 ? 61  ALA B C   1 
ATOM   1121 O  O   . ALA B 1 62 ? 15.430  -4.046  1.604   1.00 14.40 ? 61  ALA B O   1 
ATOM   1122 C  CB  . ALA B 1 62 ? 13.695  -3.369  -0.844  1.00 13.31 ? 61  ALA B CB  1 
ATOM   1123 N  N   . SER B 1 63 ? 14.596  -1.988  2.036   1.00 11.61 ? 62  SER B N   1 
ATOM   1124 C  CA  . SER B 1 63 ? 14.571  -2.158  3.494   1.00 12.45 ? 62  SER B CA  1 
ATOM   1125 C  C   . SER B 1 63 ? 13.406  -3.002  3.946   1.00 11.89 ? 62  SER B C   1 
ATOM   1126 O  O   . SER B 1 63 ? 12.378  -3.114  3.260   1.00 11.77 ? 62  SER B O   1 
ATOM   1127 C  CB  . SER B 1 63 ? 14.448  -0.793  4.200   1.00 12.49 ? 62  SER B CB  1 
ATOM   1128 O  OG  . SER B 1 63 ? 15.622  -0.030  4.003   1.00 15.80 ? 62  SER B OG  1 
ATOM   1129 N  N   A ASP B 1 64 ? 13.576  -3.622  5.113   0.50 11.50 ? 63  ASP B N   1 
ATOM   1130 N  N   B ASP B 1 64 ? 13.552  -3.554  5.151   0.50 11.57 ? 63  ASP B N   1 
ATOM   1131 C  CA  A ASP B 1 64 ? 12.450  -4.203  5.871   0.50 11.48 ? 63  ASP B CA  1 
ATOM   1132 C  CA  B ASP B 1 64 ? 12.442  -4.203  5.878   0.50 11.57 ? 63  ASP B CA  1 
ATOM   1133 C  C   A ASP B 1 64 ? 11.779  -3.099  6.691   0.50 11.57 ? 63  ASP B C   1 
ATOM   1134 C  C   B ASP B 1 64 ? 11.718  -3.191  6.774   0.50 11.39 ? 63  ASP B C   1 
ATOM   1135 O  O   A ASP B 1 64 ? 12.405  -2.549  7.600   0.50 11.63 ? 63  ASP B O   1 
ATOM   1136 O  O   B ASP B 1 64 ? 12.239  -2.799  7.817   0.50 11.26 ? 63  ASP B O   1 
ATOM   1137 C  CB  A ASP B 1 64 ? 12.957  -5.267  6.838   0.50 11.70 ? 63  ASP B CB  1 
ATOM   1138 C  CB  B ASP B 1 64 ? 12.995  -5.324  6.745   0.50 11.83 ? 63  ASP B CB  1 
ATOM   1139 C  CG  A ASP B 1 64 ? 13.391  -6.546  6.141   0.50 11.85 ? 63  ASP B CG  1 
ATOM   1140 C  CG  B ASP B 1 64 ? 11.914  -6.110  7.445   0.50 12.92 ? 63  ASP B CG  1 
ATOM   1141 O  OD1 A ASP B 1 64 ? 13.017  -6.774  4.976   0.50 14.84 ? 63  ASP B OD1 1 
ATOM   1142 O  OD1 B ASP B 1 64 ? 10.756  -5.645  7.503   0.50 15.00 ? 63  ASP B OD1 1 
ATOM   1143 O  OD2 A ASP B 1 64 ? 14.076  -7.356  6.798   0.50 17.44 ? 63  ASP B OD2 1 
ATOM   1144 O  OD2 B ASP B 1 64 ? 12.230  -7.214  7.953   0.50 15.98 ? 63  ASP B OD2 1 
ATOM   1145 N  N   . PRO B 1 65 ? 10.523  -2.752  6.377   1.00 11.28 ? 64  PRO B N   1 
ATOM   1146 C  CA  . PRO B 1 65 ? 9.921   -1.600  6.984   1.00 11.73 ? 64  PRO B CA  1 
ATOM   1147 C  C   . PRO B 1 65 ? 9.378   -1.801  8.412   1.00 12.73 ? 64  PRO B C   1 
ATOM   1148 O  O   . PRO B 1 65 ? 9.016   -0.826  9.061   1.00 12.29 ? 64  PRO B O   1 
ATOM   1149 C  CB  . PRO B 1 65 ? 8.792   -1.264  6.010   1.00 12.22 ? 64  PRO B CB  1 
ATOM   1150 C  CG  . PRO B 1 65 ? 8.377   -2.615  5.506   1.00 12.73 ? 64  PRO B CG  1 
ATOM   1151 C  CD  . PRO B 1 65 ? 9.662   -3.317  5.307   1.00 10.93 ? 64  PRO B CD  1 
ATOM   1152 N  N   A GLN B 1 66 ? 9.254   -3.026  8.871   0.50 13.08 ? 65  GLN B N   1 
ATOM   1153 N  N   B GLN B 1 66 ? 9.306   -3.074  8.852   0.50 13.45 ? 65  GLN B N   1 
ATOM   1154 C  CA  A GLN B 1 66 ? 8.729   -3.210  10.205  0.50 13.87 ? 65  GLN B CA  1 
ATOM   1155 C  CA  B GLN B 1 66 ? 8.918   -3.449  10.243  0.50 14.60 ? 65  GLN B CA  1 
ATOM   1156 C  C   A GLN B 1 66 ? 9.756   -2.739  11.298  0.50 13.58 ? 65  GLN B C   1 
ATOM   1157 C  C   B GLN B 1 66 ? 9.742   -2.669  11.267  0.50 13.82 ? 65  GLN B C   1 
ATOM   1158 O  O   A GLN B 1 66 ? 9.422   -2.707  12.504  0.50 14.95 ? 65  GLN B O   1 
ATOM   1159 O  O   B GLN B 1 66 ? 9.265   -2.358  12.375  0.50 15.07 ? 65  GLN B O   1 
ATOM   1160 C  CB  A GLN B 1 66 ? 8.273   -4.669  10.358  0.50 13.95 ? 65  GLN B CB  1 
ATOM   1161 C  CB  B GLN B 1 66 ? 9.068   -4.993  10.529  0.50 15.19 ? 65  GLN B CB  1 
ATOM   1162 C  CG  A GLN B 1 66 ? 7.355   -5.152  9.217   0.50 16.32 ? 65  GLN B CG  1 
ATOM   1163 C  CG  B GLN B 1 66 ? 10.511  -5.491  10.828  0.50 17.85 ? 65  GLN B CG  1 
ATOM   1164 C  CD  A GLN B 1 66 ? 8.097   -5.704  7.981   0.50 17.78 ? 65  GLN B CD  1 
ATOM   1165 C  CD  B GLN B 1 66 ? 10.626  -6.954  11.326  0.50 19.36 ? 65  GLN B CD  1 
ATOM   1166 O  OE1 A GLN B 1 66 ? 7.499   -6.385  7.142   0.50 19.55 ? 65  GLN B OE1 1 
ATOM   1167 O  OE1 B GLN B 1 66 ? 10.499  -7.247  12.529  0.50 20.52 ? 65  GLN B OE1 1 
ATOM   1168 N  NE2 A GLN B 1 66 ? 9.401   -5.447  7.891   0.50 15.01 ? 65  GLN B NE2 1 
ATOM   1169 N  NE2 B GLN B 1 66 ? 10.929  -7.864  10.403  0.50 20.44 ? 65  GLN B NE2 1 
ATOM   1170 N  N   . TYR B 1 67 ? 10.983  -2.376  10.900  1.00 13.93 ? 66  TYR B N   1 
ATOM   1171 C  CA  . TYR B 1 67 ? 11.970  -1.804  11.833  1.00 14.14 ? 66  TYR B CA  1 
ATOM   1172 C  C   . TYR B 1 67 ? 11.763  -0.311  12.072  1.00 13.91 ? 66  TYR B C   1 
ATOM   1173 O  O   . TYR B 1 67 ? 12.409  0.266   12.959  1.00 15.32 ? 66  TYR B O   1 
ATOM   1174 C  CB  . TYR B 1 67 ? 13.395  -2.056  11.342  1.00 14.54 ? 66  TYR B CB  1 
ATOM   1175 C  CG  . TYR B 1 67 ? 13.834  -3.494  11.480  1.00 16.25 ? 66  TYR B CG  1 
ATOM   1176 C  CD1 . TYR B 1 67 ? 14.344  -3.963  12.679  1.00 18.54 ? 66  TYR B CD1 1 
ATOM   1177 C  CD2 . TYR B 1 67 ? 13.754  -4.381  10.396  1.00 16.59 ? 66  TYR B CD2 1 
ATOM   1178 C  CE1 . TYR B 1 67 ? 14.755  -5.277  12.817  1.00 20.25 ? 66  TYR B CE1 1 
ATOM   1179 C  CE2 . TYR B 1 67 ? 14.150  -5.708  10.522  1.00 20.45 ? 66  TYR B CE2 1 
ATOM   1180 C  CZ  . TYR B 1 67 ? 14.656  -6.144  11.742  1.00 20.27 ? 66  TYR B CZ  1 
ATOM   1181 O  OH  . TYR B 1 67 ? 15.072  -7.454  11.921  1.00 23.18 ? 66  TYR B OH  1 
ATOM   1182 N  N   . TRP B 1 68 ? 10.859  0.319   11.350  1.00 12.05 ? 67  TRP B N   1 
ATOM   1183 C  CA  . TRP B 1 68 ? 10.592  1.756   11.476  1.00 11.77 ? 67  TRP B CA  1 
ATOM   1184 C  C   . TRP B 1 68 ? 9.540   2.054   12.534  1.00 12.48 ? 67  TRP B C   1 
ATOM   1185 O  O   . TRP B 1 68 ? 8.614   1.288   12.765  1.00 14.18 ? 67  TRP B O   1 
ATOM   1186 C  CB  . TRP B 1 68 ? 10.176  2.347   10.157  1.00 11.28 ? 67  TRP B CB  1 
ATOM   1187 C  CG  . TRP B 1 68 ? 11.154  2.119   9.043   1.00 10.11 ? 67  TRP B CG  1 
ATOM   1188 C  CD1 . TRP B 1 68 ? 12.528  1.974   9.136   1.00 15.25 ? 67  TRP B CD1 1 
ATOM   1189 C  CD2 . TRP B 1 68 ? 10.838  2.021   7.658   1.00 10.19 ? 67  TRP B CD2 1 
ATOM   1190 N  NE1 . TRP B 1 68 ? 13.058  1.782   7.887   1.00 13.88 ? 67  TRP B NE1 1 
ATOM   1191 C  CE2 . TRP B 1 68 ? 12.054  1.801   6.962   1.00 11.74 ? 67  TRP B CE2 1 
ATOM   1192 C  CE3 . TRP B 1 68 ? 9.646   2.109   6.920   1.00 11.74 ? 67  TRP B CE3 1 
ATOM   1193 C  CZ2 . TRP B 1 68 ? 12.095  1.665   5.589   1.00 13.16 ? 67  TRP B CZ2 1 
ATOM   1194 C  CZ3 . TRP B 1 68 ? 9.724   2.003   5.528   1.00 13.52 ? 67  TRP B CZ3 1 
ATOM   1195 C  CH2 . TRP B 1 68 ? 10.937  1.750   4.902   1.00 13.37 ? 67  TRP B CH2 1 
ATOM   1196 N  N   . ARG B 1 69 ? 9.701   3.189   13.208  1.00 10.89 ? 68  ARG B N   1 
ATOM   1197 C  CA  . ARG B 1 69 ? 8.650   3.727   14.068  1.00 10.84 ? 68  ARG B CA  1 
ATOM   1198 C  C   . ARG B 1 69 ? 7.901   4.776   13.288  1.00 11.85 ? 68  ARG B C   1 
ATOM   1199 O  O   . ARG B 1 69 ? 8.456   5.805   12.911  1.00 14.09 ? 68  ARG B O   1 
ATOM   1200 C  CB  . ARG B 1 69 ? 9.258   4.374   15.324  1.00 12.23 ? 68  ARG B CB  1 
ATOM   1201 C  CG  . ARG B 1 69 ? 8.222   5.071   16.216  1.00 15.03 ? 68  ARG B CG  1 
ATOM   1202 C  CD  . ARG B 1 69 ? 7.255   4.161   16.893  1.00 20.48 ? 68  ARG B CD  1 
ATOM   1203 N  NE  . ARG B 1 69 ? 7.832   3.592   18.079  1.00 20.31 ? 68  ARG B NE  1 
ATOM   1204 C  CZ  . ARG B 1 69 ? 7.954   4.219   19.260  1.00 19.74 ? 68  ARG B CZ  1 
ATOM   1205 N  NH1 . ARG B 1 69 ? 7.480   5.458   19.486  1.00 19.57 ? 68  ARG B NH1 1 
ATOM   1206 N  NH2 . ARG B 1 69 ? 8.562   3.582   20.225  1.00 18.63 ? 68  ARG B NH2 1 
ATOM   1207 N  N   . LEU B 1 70 ? 6.630   4.489   13.031  1.00 11.01 ? 69  LEU B N   1 
ATOM   1208 C  CA  . LEU B 1 70 ? 5.780   5.349   12.253  1.00 11.89 ? 69  LEU B CA  1 
ATOM   1209 C  C   . LEU B 1 70 ? 4.949   6.284   13.127  1.00 11.68 ? 69  LEU B C   1 
ATOM   1210 O  O   . LEU B 1 70 ? 4.564   5.928   14.243  1.00 13.44 ? 69  LEU B O   1 
ATOM   1211 C  CB  . LEU B 1 70 ? 4.835   4.478   11.420  1.00 11.79 ? 69  LEU B CB  1 
ATOM   1212 C  CG  . LEU B 1 70 ? 5.532   3.547   10.434  1.00 13.24 ? 69  LEU B CG  1 
ATOM   1213 C  CD1 . LEU B 1 70 ? 4.450   2.739   9.649   1.00 15.23 ? 69  LEU B CD1 1 
ATOM   1214 C  CD2 . LEU B 1 70 ? 6.419   4.286   9.498   1.00 12.71 ? 69  LEU B CD2 1 
ATOM   1215 N  N   . ALA B 1 71 ? 4.635   7.447   12.582  1.00 11.63 ? 70  ALA B N   1 
ATOM   1216 C  CA  . ALA B 1 71 ? 3.671   8.368   13.188  1.00 11.67 ? 70  ALA B CA  1 
ATOM   1217 C  C   . ALA B 1 71 ? 2.256   7.796   13.111  1.00 10.81 ? 70  ALA B C   1 
ATOM   1218 O  O   . ALA B 1 71 ? 1.967   6.901   12.309  1.00 9.16  ? 70  ALA B O   1 
ATOM   1219 C  CB  . ALA B 1 71 ? 3.719   9.689   12.491  1.00 12.87 ? 70  ALA B CB  1 
ATOM   1220 N  N   . SER B 1 72 ? 1.365   8.330   13.949  1.00 10.72 ? 71  SER B N   1 
ATOM   1221 C  CA  . SER B 1 72 ? -0.044  7.915   13.954  1.00 10.93 ? 71  SER B CA  1 
ATOM   1222 C  C   . SER B 1 72 ? -0.736  8.153   12.602  1.00 9.90  ? 71  SER B C   1 
ATOM   1223 O  O   . SER B 1 72 ? -1.724  7.491   12.306  1.00 11.41 ? 71  SER B O   1 
ATOM   1224 C  CB  . SER B 1 72 ? -0.802  8.665   15.064  1.00 11.84 ? 71  SER B CB  1 
ATOM   1225 O  OG  . SER B 1 72 ? -0.851  10.043  14.771  1.00 16.93 ? 71  SER B OG  1 
ATOM   1226 N  N   . THR B 1 73 ? -0.212  9.051   11.790  1.00 9.76  ? 72  THR B N   1 
ATOM   1227 C  CA  . THR B 1 73 ? -0.754  9.395   10.509  1.00 10.42 ? 72  THR B CA  1 
ATOM   1228 C  C   . THR B 1 73 ? -0.106  8.632   9.343   1.00 9.81  ? 72  THR B C   1 
ATOM   1229 O  O   . THR B 1 73 ? -0.437  8.884   8.178   1.00 9.85  ? 72  THR B O   1 
ATOM   1230 C  CB  . THR B 1 73 ? -0.494  10.887  10.261  1.00 11.43 ? 72  THR B CB  1 
ATOM   1231 O  OG1 . THR B 1 73 ? 0.896   11.145  10.461  1.00 14.82 ? 72  THR B OG1 1 
ATOM   1232 C  CG2 . THR B 1 73 ? -1.377  11.760  11.162  1.00 14.55 ? 72  THR B CG2 1 
ATOM   1233 N  N   . GLU B 1 74 ? 0.770   7.678   9.642   1.00 8.13  ? 73  GLU B N   1 
ATOM   1234 C  CA  . GLU B 1 74 ? 1.548   6.977   8.656   1.00 8.56  ? 73  GLU B CA  1 
ATOM   1235 C  C   . GLU B 1 74 ? 1.236   5.498   8.552   1.00 8.79  ? 73  GLU B C   1 
ATOM   1236 O  O   . GLU B 1 74 ? 0.962   4.824   9.557   1.00 9.19  ? 73  GLU B O   1 
ATOM   1237 C  CB  . GLU B 1 74 ? 3.054   7.182   8.923   1.00 8.83  ? 73  GLU B CB  1 
ATOM   1238 C  CG  . GLU B 1 74 ? 3.530   8.563   8.629   1.00 9.65  ? 73  GLU B CG  1 
ATOM   1239 C  CD  . GLU B 1 74 ? 4.968   8.828   9.020   1.00 12.81 ? 73  GLU B CD  1 
ATOM   1240 O  OE1 . GLU B 1 74 ? 5.516   8.153   9.900   1.00 12.55 ? 73  GLU B OE1 1 
ATOM   1241 O  OE2 . GLU B 1 74 ? 5.549   9.781   8.411   1.00 13.76 ? 73  GLU B OE2 1 
ATOM   1242 N  N   . PHE B 1 75 ? 1.437   4.962   7.354   1.00 8.68  ? 74  PHE B N   1 
ATOM   1243 C  CA  . PHE B 1 75 ? 1.440   3.517   7.119   1.00 9.11  ? 74  PHE B CA  1 
ATOM   1244 C  C   . PHE B 1 75 ? 2.361   3.173   5.974   1.00 9.11  ? 74  PHE B C   1 
ATOM   1245 O  O   . PHE B 1 75 ? 2.764   4.049   5.187   1.00 9.61  ? 74  PHE B O   1 
ATOM   1246 C  CB  . PHE B 1 75 ? 0.034   2.962   6.851   1.00 9.40  ? 74  PHE B CB  1 
ATOM   1247 C  CG  . PHE B 1 75 ? -0.547  3.325   5.534   1.00 10.36 ? 74  PHE B CG  1 
ATOM   1248 C  CD1 . PHE B 1 75 ? -1.272  4.475   5.361   1.00 10.63 ? 74  PHE B CD1 1 
ATOM   1249 C  CD2 . PHE B 1 75 ? -0.373  2.515   4.435   1.00 13.00 ? 74  PHE B CD2 1 
ATOM   1250 C  CE1 . PHE B 1 75 ? -1.813  4.834   4.139   1.00 12.06 ? 74  PHE B CE1 1 
ATOM   1251 C  CE2 . PHE B 1 75 ? -0.898  2.904   3.185   1.00 14.25 ? 74  PHE B CE2 1 
ATOM   1252 C  CZ  . PHE B 1 75 ? -1.623  4.041   3.054   1.00 14.14 ? 74  PHE B CZ  1 
ATOM   1253 N  N   . VAL B 1 76 ? 2.722   1.895   5.866   1.00 9.85  ? 75  VAL B N   1 
ATOM   1254 C  CA  . VAL B 1 76 ? 3.547   1.395   4.788   1.00 9.93  ? 75  VAL B CA  1 
ATOM   1255 C  C   . VAL B 1 76 ? 2.818   0.398   3.906   1.00 9.92  ? 75  VAL B C   1 
ATOM   1256 O  O   . VAL B 1 76 ? 2.124   -0.509  4.385   1.00 10.38 ? 75  VAL B O   1 
ATOM   1257 C  CB  . VAL B 1 76 ? 4.808   0.750   5.355   1.00 9.79  ? 75  VAL B CB  1 
ATOM   1258 C  CG1 . VAL B 1 76 ? 5.637   -0.058  4.285   1.00 12.17 ? 75  VAL B CG1 1 
ATOM   1259 C  CG2 . VAL B 1 76 ? 5.665   1.797   6.013   1.00 11.16 ? 75  VAL B CG2 1 
ATOM   1260 N  N   . VAL B 1 77 ? 3.043   0.537   2.598   1.00 9.90  ? 76  VAL B N   1 
ATOM   1261 C  CA  . VAL B 1 77 ? 2.736   -0.522  1.637   1.00 10.20 ? 76  VAL B CA  1 
ATOM   1262 C  C   . VAL B 1 77 ? 3.932   -0.628  0.693   1.00 10.37 ? 76  VAL B C   1 
ATOM   1263 O  O   . VAL B 1 77 ? 4.805   0.260   0.669   1.00 10.21 ? 76  VAL B O   1 
ATOM   1264 C  CB  . VAL B 1 77 ? 1.457   -0.265  0.778   1.00 10.42 ? 76  VAL B CB  1 
ATOM   1265 C  CG1 . VAL B 1 77 ? 0.180   -0.352  1.579   1.00 11.64 ? 76  VAL B CG1 1 
ATOM   1266 C  CG2 . VAL B 1 77 ? 1.560   1.057   0.043   1.00 12.32 ? 76  VAL B CG2 1 
ATOM   1267 N  N   . TRP B 1 78 ? 3.972   -1.686  -0.111  1.00 10.04 ? 77  TRP B N   1 
ATOM   1268 C  CA  . TRP B 1 78 ? 4.999   -1.862  -1.093  1.00 9.68  ? 77  TRP B CA  1 
ATOM   1269 C  C   . TRP B 1 78 ? 4.487   -1.387  -2.436  1.00 9.83  ? 77  TRP B C   1 
ATOM   1270 O  O   . TRP B 1 78 ? 3.436   -1.849  -2.901  1.00 10.95 ? 77  TRP B O   1 
ATOM   1271 C  CB  . TRP B 1 78 ? 5.453   -3.325  -1.157  1.00 9.87  ? 77  TRP B CB  1 
ATOM   1272 C  CG  . TRP B 1 78 ? 6.281   -3.774  0.015   1.00 10.87 ? 77  TRP B CG  1 
ATOM   1273 C  CD1 . TRP B 1 78 ? 7.625   -3.864  0.070   1.00 12.20 ? 77  TRP B CD1 1 
ATOM   1274 C  CD2 . TRP B 1 78 ? 5.804   -4.178  1.313   1.00 12.20 ? 77  TRP B CD2 1 
ATOM   1275 N  NE1 . TRP B 1 78 ? 8.038   -4.285  1.307   1.00 14.02 ? 77  TRP B NE1 1 
ATOM   1276 C  CE2 . TRP B 1 78 ? 6.937   -4.479  2.096   1.00 12.59 ? 77  TRP B CE2 1 
ATOM   1277 C  CE3 . TRP B 1 78 ? 4.533   -4.324  1.882   1.00 13.23 ? 77  TRP B CE3 1 
ATOM   1278 C  CZ2 . TRP B 1 78 ? 6.845   -4.944  3.399   1.00 13.79 ? 77  TRP B CZ2 1 
ATOM   1279 C  CZ3 . TRP B 1 78 ? 4.439   -4.753  3.197   1.00 14.51 ? 77  TRP B CZ3 1 
ATOM   1280 C  CH2 . TRP B 1 78 ? 5.594   -5.058  3.951   1.00 13.66 ? 77  TRP B CH2 1 
ATOM   1281 N  N   . ILE B 1 79 ? 5.242   -0.502  -3.073  1.00 8.84  ? 78  ILE B N   1 
ATOM   1282 C  CA  . ILE B 1 79 ? 4.873   0.070   -4.372  1.00 8.88  ? 78  ILE B CA  1 
ATOM   1283 C  C   . ILE B 1 79 ? 5.799   -0.523  -5.433  1.00 9.13  ? 78  ILE B C   1 
ATOM   1284 O  O   . ILE B 1 79 ? 7.023   -0.562  -5.264  1.00 9.04  ? 78  ILE B O   1 
ATOM   1285 C  CB  . ILE B 1 79 ? 5.019   1.597   -4.359  1.00 8.74  ? 78  ILE B CB  1 
ATOM   1286 C  CG1 . ILE B 1 79 ? 4.114   2.224   -3.284  1.00 9.57  ? 78  ILE B CG1 1 
ATOM   1287 C  CG2 . ILE B 1 79 ? 4.778   2.216   -5.743  1.00 9.33  ? 78  ILE B CG2 1 
ATOM   1288 C  CD1 . ILE B 1 79 ? 2.649   2.130   -3.587  1.00 11.41 ? 78  ILE B CD1 1 
ATOM   1289 N  N   . THR B 1 80 ? 5.172   -0.974  -6.522  1.00 8.62  ? 79  THR B N   1 
ATOM   1290 C  CA  . THR B 1 80 ? 5.864   -1.507  -7.692  1.00 8.93  ? 79  THR B CA  1 
ATOM   1291 C  C   . THR B 1 80 ? 6.236   -0.381  -8.641  1.00 8.14  ? 79  THR B C   1 
ATOM   1292 O  O   . THR B 1 80 ? 5.421   0.442   -9.005  1.00 9.71  ? 79  THR B O   1 
ATOM   1293 C  CB  . THR B 1 80 ? 4.994   -2.548  -8.398  1.00 9.75  ? 79  THR B CB  1 
ATOM   1294 O  OG1 . THR B 1 80 ? 4.711   -3.620  -7.482  1.00 12.28 ? 79  THR B OG1 1 
ATOM   1295 C  CG2 . THR B 1 80 ? 5.702   -3.110  -9.628  1.00 10.22 ? 79  THR B CG2 1 
HETATM 1296 N  N   . MSE B 1 81 ? 7.520   -0.306  -8.952  1.00 8.83  ? 80  MSE B N   1 
HETATM 1297 C  CA  . MSE B 1 81 ? 8.022   0.663   -9.919  1.00 8.87  ? 80  MSE B CA  1 
HETATM 1298 C  C   . MSE B 1 81 ? 7.273   0.535   -11.225 1.00 8.98  ? 80  MSE B C   1 
HETATM 1299 O  O   . MSE B 1 81 ? 7.128   -0.573  -11.767 1.00 9.92  ? 80  MSE B O   1 
HETATM 1300 C  CB  . MSE B 1 81 ? 9.502   0.422   -10.133 1.00 8.98  ? 80  MSE B CB  1 
HETATM 1301 C  CG  . MSE B 1 81 ? 10.125  1.429   -11.064 1.00 9.05  ? 80  MSE B CG  1 
HETATM 1302 SE SE  . MSE B 1 81 ? 12.045  1.080   -11.288 0.75 14.64 ? 80  MSE B SE  1 
HETATM 1303 C  CE  . MSE B 1 81 ? 11.905  -0.491  -12.400 1.00 20.40 ? 80  MSE B CE  1 
ATOM   1304 N  N   . ALA B 1 82 ? 6.805   1.649   -11.773 1.00 8.91  ? 81  ALA B N   1 
ATOM   1305 C  CA  . ALA B 1 82 ? 6.164   1.630   -13.079 1.00 8.37  ? 81  ALA B CA  1 
ATOM   1306 C  C   . ALA B 1 82 ? 7.147   1.303   -14.180 1.00 9.70  ? 81  ALA B C   1 
ATOM   1307 O  O   . ALA B 1 82 ? 8.342   1.518   -14.036 1.00 9.76  ? 81  ALA B O   1 
ATOM   1308 C  CB  . ALA B 1 82 ? 5.499   2.974   -13.348 1.00 8.78  ? 81  ALA B CB  1 
ATOM   1309 N  N   . ASP B 1 83 ? 6.604   0.811   -15.276 1.00 11.06 ? 82  ASP B N   1 
ATOM   1310 C  CA  . ASP B 1 83 ? 7.379   0.557   -16.483 1.00 12.57 ? 82  ASP B CA  1 
ATOM   1311 C  C   . ASP B 1 83 ? 7.325   1.772   -17.386 1.00 13.44 ? 82  ASP B C   1 
ATOM   1312 O  O   . ASP B 1 83 ? 6.257   2.313   -17.623 1.00 16.61 ? 82  ASP B O   1 
ATOM   1313 C  CB  . ASP B 1 83 ? 6.800   -0.657  -17.177 1.00 13.92 ? 82  ASP B CB  1 
ATOM   1314 C  CG  . ASP B 1 83 ? 7.592   -1.065  -18.390 1.00 19.01 ? 82  ASP B CG  1 
ATOM   1315 O  OD1 . ASP B 1 83 ? 8.840   -1.124  -18.308 1.00 22.46 ? 82  ASP B OD1 1 
ATOM   1316 O  OD2 . ASP B 1 83 ? 6.933   -1.331  -19.399 1.00 22.90 ? 82  ASP B OD2 1 
ATOM   1317 N  N   . VAL B 1 84 ? 8.481   2.243   -17.814 1.00 13.18 ? 83  VAL B N   1 
ATOM   1318 C  CA  . VAL B 1 84 ? 8.559   3.370   -18.717 1.00 12.93 ? 83  VAL B CA  1 
ATOM   1319 C  C   . VAL B 1 84 ? 8.591   2.874   -20.155 1.00 14.06 ? 83  VAL B C   1 
ATOM   1320 O  O   . VAL B 1 84 ? 9.440   2.061   -20.510 1.00 14.93 ? 83  VAL B O   1 
ATOM   1321 C  CB  . VAL B 1 84 ? 9.850   4.166   -18.468 1.00 13.34 ? 83  VAL B CB  1 
ATOM   1322 C  CG1 . VAL B 1 84 ? 9.953   5.359   -19.431 1.00 14.30 ? 83  VAL B CG1 1 
ATOM   1323 C  CG2 . VAL B 1 84 ? 9.894   4.680   -17.034 1.00 15.28 ? 83  VAL B CG2 1 
ATOM   1324 N  N   A GLN B 1 85 ? 7.675   3.420   -20.954 0.52 14.89 ? 84  GLN B N   1 
ATOM   1325 N  N   B GLN B 1 85 ? 7.670   3.313   -20.994 0.47 14.78 ? 84  GLN B N   1 
ATOM   1326 C  CA  A GLN B 1 85 ? 7.515   3.062   -22.354 0.52 15.43 ? 84  GLN B CA  1 
ATOM   1327 C  CA  B GLN B 1 85 ? 7.830   3.006   -22.404 0.47 15.14 ? 84  GLN B CA  1 
ATOM   1328 C  C   A GLN B 1 85 ? 7.640   4.324   -23.209 0.52 14.01 ? 84  GLN B C   1 
ATOM   1329 C  C   B GLN B 1 85 ? 7.620   4.256   -23.234 0.47 13.96 ? 84  GLN B C   1 
ATOM   1330 O  O   A GLN B 1 85 ? 7.306   5.427   -22.759 0.52 14.16 ? 84  GLN B O   1 
ATOM   1331 O  O   B GLN B 1 85 ? 7.019   5.252   -22.824 0.47 14.68 ? 84  GLN B O   1 
ATOM   1332 C  CB  A GLN B 1 85 ? 6.170   2.356   -22.579 0.52 16.74 ? 84  GLN B CB  1 
ATOM   1333 C  CB  B GLN B 1 85 ? 6.961   1.832   -22.897 0.47 15.84 ? 84  GLN B CB  1 
ATOM   1334 C  CG  A GLN B 1 85 ? 6.138   0.897   -22.056 0.52 20.29 ? 84  GLN B CG  1 
ATOM   1335 C  CG  B GLN B 1 85 ? 6.947   0.594   -21.972 0.47 18.84 ? 84  GLN B CG  1 
ATOM   1336 C  CD  A GLN B 1 85 ? 7.121   -0.077  -22.777 0.52 22.75 ? 84  GLN B CD  1 
ATOM   1337 C  CD  B GLN B 1 85 ? 8.156   -0.346  -22.133 0.47 22.86 ? 84  GLN B CD  1 
ATOM   1338 O  OE1 A GLN B 1 85 ? 7.268   -0.062  -24.003 0.52 26.01 ? 84  GLN B OE1 1 
ATOM   1339 O  OE1 B GLN B 1 85 ? 9.299   0.095   -22.221 0.47 25.83 ? 84  GLN B OE1 1 
ATOM   1340 N  NE2 A GLN B 1 85 ? 7.784   -0.935  -21.989 0.52 26.47 ? 84  GLN B NE2 1 
ATOM   1341 N  NE2 B GLN B 1 85 ? 7.891   -1.653  -22.137 0.47 23.68 ? 84  GLN B NE2 1 
ATOM   1342 N  N   . PHE B 1 86 ? 8.176   4.166   -24.414 1.00 12.99 ? 85  PHE B N   1 
ATOM   1343 C  CA  . PHE B 1 86 ? 8.264   5.261   -25.343 1.00 12.50 ? 85  PHE B CA  1 
ATOM   1344 C  C   . PHE B 1 86 ? 7.416   4.908   -26.535 1.00 13.55 ? 85  PHE B C   1 
ATOM   1345 O  O   . PHE B 1 86 ? 7.583   3.841   -27.116 1.00 16.57 ? 85  PHE B O   1 
ATOM   1346 C  CB  . PHE B 1 86 ? 9.719   5.421   -25.792 1.00 11.90 ? 85  PHE B CB  1 
ATOM   1347 C  CG  . PHE B 1 86 ? 10.624  5.835   -24.691 1.00 12.83 ? 85  PHE B CG  1 
ATOM   1348 C  CD1 . PHE B 1 86 ? 10.778  7.153   -24.386 1.00 11.45 ? 85  PHE B CD1 1 
ATOM   1349 C  CD2 . PHE B 1 86 ? 11.232  4.901   -23.872 1.00 17.00 ? 85  PHE B CD2 1 
ATOM   1350 C  CE1 . PHE B 1 86 ? 11.556  7.560   -23.330 1.00 13.03 ? 85  PHE B CE1 1 
ATOM   1351 C  CE2 . PHE B 1 86 ? 12.012  5.304   -22.804 1.00 16.86 ? 85  PHE B CE2 1 
ATOM   1352 C  CZ  . PHE B 1 86 ? 12.185  6.643   -22.537 1.00 15.11 ? 85  PHE B CZ  1 
ATOM   1353 N  N   . GLY B 1 87 ? 6.536   5.815   -26.902 1.00 14.48 ? 86  GLY B N   1 
ATOM   1354 C  CA  . GLY B 1 87 ? 5.687   5.613   -28.079 1.00 15.54 ? 86  GLY B CA  1 
ATOM   1355 C  C   . GLY B 1 87 ? 5.788   6.792   -29.005 1.00 16.96 ? 86  GLY B C   1 
ATOM   1356 O  O   . GLY B 1 87 ? 6.358   7.795   -28.667 1.00 15.28 ? 86  GLY B O   1 
ATOM   1357 N  N   . PRO B 1 88 ? 5.234   6.672   -30.211 1.00 18.32 ? 87  PRO B N   1 
ATOM   1358 C  CA  . PRO B 1 88 ? 5.342   7.724   -31.196 1.00 19.38 ? 87  PRO B CA  1 
ATOM   1359 C  C   . PRO B 1 88 ? 4.749   9.028   -30.679 1.00 20.28 ? 87  PRO B C   1 
ATOM   1360 O  O   . PRO B 1 88 ? 3.689   9.041   -30.045 1.00 22.55 ? 87  PRO B O   1 
ATOM   1361 C  CB  . PRO B 1 88 ? 4.561   7.157   -32.400 1.00 19.46 ? 87  PRO B CB  1 
ATOM   1362 C  CG  . PRO B 1 88 ? 3.666   6.118   -31.835 1.00 21.06 ? 87  PRO B CG  1 
ATOM   1363 C  CD  . PRO B 1 88 ? 4.403   5.539   -30.676 1.00 19.57 ? 87  PRO B CD  1 
ATOM   1364 N  N   . GLY B 1 89 ? 5.441   10.140  -30.926 1.00 20.04 ? 88  GLY B N   1 
ATOM   1365 C  CA  . GLY B 1 89 ? 4.977   11.420  -30.452 1.00 20.37 ? 88  GLY B CA  1 
ATOM   1366 C  C   . GLY B 1 89 ? 3.823   11.939  -31.313 1.00 22.56 ? 88  GLY B C   1 
ATOM   1367 O  O   . GLY B 1 89 ? 3.652   11.464  -32.451 1.00 24.42 ? 88  GLY B O   1 
HETATM 1368 S  S   . SO4 C 2 .  ? -12.724 13.314  -6.439  0.50 14.51 ? 97  SO4 A S   1 
HETATM 1369 O  O1  . SO4 C 2 .  ? -11.926 13.783  -5.292  1.00 22.62 ? 97  SO4 A O1  1 
HETATM 1370 O  O2  . SO4 C 2 .  ? -12.781 11.885  -6.454  1.00 25.24 ? 97  SO4 A O2  1 
HETATM 1371 O  O3  . SO4 C 2 .  ? -12.168 13.815  -7.704  1.00 21.09 ? 97  SO4 A O3  1 
HETATM 1372 O  O4  . SO4 C 2 .  ? -14.056 13.885  -6.273  1.00 24.47 ? 97  SO4 A O4  1 
HETATM 1373 C  C1  A GOL D 3 .  ? -15.155 -12.481 10.397  0.50 26.01 ? 98  GOL A C1  1 
HETATM 1374 C  C1  B GOL D 3 .  ? -14.692 -12.623 9.958   0.50 21.72 ? 98  GOL A C1  1 
HETATM 1375 O  O1  A GOL D 3 .  ? -14.041 -11.639 10.102  0.50 26.22 ? 98  GOL A O1  1 
HETATM 1376 O  O1  B GOL D 3 .  ? -15.739 -11.803 10.372  0.50 13.37 ? 98  GOL A O1  1 
HETATM 1377 C  C2  A GOL D 3 .  ? -14.667 -13.864 10.829  0.50 26.87 ? 98  GOL A C2  1 
HETATM 1378 C  C2  B GOL D 3 .  ? -15.148 -14.049 10.077  0.50 24.83 ? 98  GOL A C2  1 
HETATM 1379 O  O2  A GOL D 3 .  ? -14.884 -14.094 12.198  0.50 26.68 ? 98  GOL A O2  1 
HETATM 1380 O  O2  B GOL D 3 .  ? -14.507 -14.572 11.226  0.50 25.65 ? 98  GOL A O2  1 
HETATM 1381 C  C3  A GOL D 3 .  ? -15.325 -14.969 9.992   0.50 27.54 ? 98  GOL A C3  1 
HETATM 1382 C  C3  B GOL D 3 .  ? -14.804 -14.713 8.739   0.50 26.95 ? 98  GOL A C3  1 
HETATM 1383 O  O3  A GOL D 3 .  ? -14.352 -15.933 9.648   0.50 28.59 ? 98  GOL A O3  1 
HETATM 1384 O  O3  B GOL D 3 .  ? -13.775 -15.669 8.864   0.50 25.73 ? 98  GOL A O3  1 
HETATM 1385 O  O   . HOH E 4 .  ? -12.757 1.826   5.291   1.00 24.02 ? 99  HOH A O   1 
HETATM 1386 O  O   . HOH E 4 .  ? -11.953 -13.763 12.781  1.00 8.59  ? 100 HOH A O   1 
HETATM 1387 O  O   . HOH E 4 .  ? -10.507 -15.998 11.788  1.00 8.98  ? 101 HOH A O   1 
HETATM 1388 O  O   . HOH E 4 .  ? -8.574  -11.280 0.460   1.00 9.58  ? 102 HOH A O   1 
HETATM 1389 O  O   . HOH E 4 .  ? -14.569 -9.203  10.210  1.00 10.50 ? 103 HOH A O   1 
HETATM 1390 O  O   . HOH E 4 .  ? -10.512 4.028   -3.516  1.00 25.29 ? 104 HOH A O   1 
HETATM 1391 O  O   . HOH E 4 .  ? -0.684  -3.334  -7.727  1.00 25.44 ? 105 HOH A O   1 
HETATM 1392 O  O   . HOH E 4 .  ? 1.740   -3.732  -0.228  1.00 10.66 ? 106 HOH A O   1 
HETATM 1393 O  O   . HOH E 4 .  ? -0.784  -11.724 7.289   1.00 11.21 ? 107 HOH A O   1 
HETATM 1394 O  O   . HOH E 4 .  ? 2.291   0.337   8.248   1.00 11.53 ? 108 HOH A O   1 
HETATM 1395 O  O   . HOH E 4 .  ? -4.005  4.316   7.618   1.00 11.58 ? 109 HOH A O   1 
HETATM 1396 O  O   . HOH E 4 .  ? 0.617   -1.574  -3.286  1.00 12.27 ? 110 HOH A O   1 
HETATM 1397 O  O   . HOH E 4 .  ? -2.207  -19.333 6.736   1.00 26.05 ? 111 HOH A O   1 
HETATM 1398 O  O   . HOH E 4 .  ? -3.692  -0.495  -8.845  1.00 26.07 ? 112 HOH A O   1 
HETATM 1399 O  O   . HOH E 4 .  ? -11.685 -1.187  11.127  1.00 26.17 ? 113 HOH A O   1 
HETATM 1400 O  O   . HOH E 4 .  ? -10.676 -1.804  17.746  1.00 26.21 ? 114 HOH A O   1 
HETATM 1401 O  O   . HOH E 4 .  ? -11.471 -17.415 -4.227  1.00 26.23 ? 115 HOH A O   1 
HETATM 1402 O  O   . HOH E 4 .  ? -19.801 -18.622 0.175   1.00 26.33 ? 116 HOH A O   1 
HETATM 1403 O  O   . HOH E 4 .  ? 2.312   -8.757  -1.090  1.00 26.35 ? 117 HOH A O   1 
HETATM 1404 O  O   . HOH E 4 .  ? -10.017 -20.128 -1.183  1.00 26.40 ? 118 HOH A O   1 
HETATM 1405 O  O   . HOH E 4 .  ? -2.082  -8.641  0.563   1.00 12.67 ? 119 HOH A O   1 
HETATM 1406 O  O   . HOH E 4 .  ? -0.034  -16.067 18.293  1.00 26.92 ? 120 HOH A O   1 
HETATM 1407 O  O   . HOH E 4 .  ? -12.387 -19.329 -0.362  1.00 12.72 ? 121 HOH A O   1 
HETATM 1408 O  O   . HOH E 4 .  ? -12.868 -1.794  7.477   1.00 12.92 ? 122 HOH A O   1 
HETATM 1409 O  O   . HOH E 4 .  ? -1.840  -12.121 -0.651  1.00 27.29 ? 123 HOH A O   1 
HETATM 1410 O  O   . HOH E 4 .  ? -15.273 10.797  0.743   1.00 27.38 ? 124 HOH A O   1 
HETATM 1411 O  O   . HOH E 4 .  ? -17.668 -0.714  6.435   1.00 27.38 ? 125 HOH A O   1 
HETATM 1412 O  O   . HOH E 4 .  ? 0.997   2.260   10.822  1.00 13.46 ? 126 HOH A O   1 
HETATM 1413 O  O   . HOH E 4 .  ? -10.761 10.784  -4.786  1.00 27.94 ? 127 HOH A O   1 
HETATM 1414 O  O   . HOH E 4 .  ? -10.298 -13.401 -5.516  1.00 14.37 ? 128 HOH A O   1 
HETATM 1415 O  O   . HOH E 4 .  ? -16.177 2.243   -2.471  1.00 28.05 ? 129 HOH A O   1 
HETATM 1416 O  O   . HOH E 4 .  ? 4.533   0.406   12.507  1.00 28.48 ? 130 HOH A O   1 
HETATM 1417 O  O   . HOH E 4 .  ? -3.726  -14.032 16.514  1.00 14.37 ? 131 HOH A O   1 
HETATM 1418 O  O   . HOH E 4 .  ? 1.890   0.963   13.055  1.00 14.57 ? 132 HOH A O   1 
HETATM 1419 O  O   . HOH E 4 .  ? -3.092  -6.963  -5.920  1.00 14.98 ? 133 HOH A O   1 
HETATM 1420 O  O   . HOH E 4 .  ? -7.954  7.335   2.723   1.00 15.00 ? 134 HOH A O   1 
HETATM 1421 O  O   . HOH E 4 .  ? -2.049  4.559   10.659  1.00 15.07 ? 135 HOH A O   1 
HETATM 1422 O  O   . HOH E 4 .  ? -15.574 -4.428  6.455   1.00 15.31 ? 136 HOH A O   1 
HETATM 1423 O  O   . HOH E 4 .  ? -8.442  8.829   4.815   1.00 29.62 ? 137 HOH A O   1 
HETATM 1424 O  O   . HOH E 4 .  ? -15.514 0.849   -0.118  1.00 15.99 ? 138 HOH A O   1 
HETATM 1425 O  O   . HOH E 4 .  ? -14.851 -9.828  -10.243 1.00 16.21 ? 139 HOH A O   1 
HETATM 1426 O  O   . HOH E 4 .  ? -10.539 -0.583  8.407   1.00 16.38 ? 140 HOH A O   1 
HETATM 1427 O  O   . HOH E 4 .  ? -4.790  -13.218 -5.679  1.00 29.91 ? 141 HOH A O   1 
HETATM 1428 O  O   . HOH E 4 .  ? -5.833  -17.964 15.970  1.00 16.82 ? 142 HOH A O   1 
HETATM 1429 O  O   . HOH E 4 .  ? -16.598 -24.408 6.670   1.00 29.99 ? 143 HOH A O   1 
HETATM 1430 O  O   . HOH E 4 .  ? 2.634   -11.773 4.552   1.00 30.05 ? 144 HOH A O   1 
HETATM 1431 O  O   . HOH E 4 .  ? -1.957  -14.390 1.114   1.00 30.13 ? 145 HOH A O   1 
HETATM 1432 O  O   . HOH E 4 .  ? 4.241   -1.844  13.246  1.00 30.43 ? 146 HOH A O   1 
HETATM 1433 O  O   . HOH E 4 .  ? -14.232 -5.285  10.278  1.00 16.90 ? 147 HOH A O   1 
HETATM 1434 O  O   . HOH E 4 .  ? -8.935  2.857   -5.473  1.00 18.09 ? 148 HOH A O   1 
HETATM 1435 O  O   . HOH E 4 .  ? -8.571  3.754   7.252   1.00 18.27 ? 149 HOH A O   1 
HETATM 1436 O  O   . HOH E 4 .  ? -13.564 19.288  -1.041  1.00 18.74 ? 150 HOH A O   1 
HETATM 1437 O  O   . HOH E 4 .  ? 2.850   -17.437 12.235  1.00 18.76 ? 151 HOH A O   1 
HETATM 1438 O  O   . HOH E 4 .  ? -4.343  1.227   18.525  1.00 31.47 ? 152 HOH A O   1 
HETATM 1439 O  O   . HOH E 4 .  ? -7.878  -7.054  -10.687 1.00 31.60 ? 153 HOH A O   1 
HETATM 1440 O  O   . HOH E 4 .  ? -2.956  -14.764 -3.031  1.00 31.74 ? 154 HOH A O   1 
HETATM 1441 O  O   . HOH E 4 .  ? -4.493  4.630   12.201  1.00 18.84 ? 155 HOH A O   1 
HETATM 1442 O  O   . HOH E 4 .  ? -19.467 -21.661 -0.552  1.00 18.87 ? 156 HOH A O   1 
HETATM 1443 O  O   . HOH E 4 .  ? -9.170  5.182   5.158   1.00 32.18 ? 157 HOH A O   1 
HETATM 1444 O  O   . HOH E 4 .  ? -6.350  -19.710 13.825  1.00 19.16 ? 158 HOH A O   1 
HETATM 1445 O  O   . HOH E 4 .  ? 5.020   -2.601  18.891  1.00 32.41 ? 159 HOH A O   1 
HETATM 1446 O  O   . HOH E 4 .  ? -8.123  -11.665 -9.255  1.00 32.46 ? 160 HOH A O   1 
HETATM 1447 O  O   . HOH E 4 .  ? -5.002  -22.820 13.883  1.00 32.65 ? 161 HOH A O   1 
HETATM 1448 O  O   . HOH E 4 .  ? -8.017  -12.204 -6.607  1.00 19.42 ? 162 HOH A O   1 
HETATM 1449 O  O   . HOH E 4 .  ? -6.718  7.245   6.585   1.00 20.20 ? 163 HOH A O   1 
HETATM 1450 O  O   . HOH E 4 .  ? -14.699 -4.024  -11.158 1.00 20.37 ? 164 HOH A O   1 
HETATM 1451 O  O   . HOH E 4 .  ? 2.689   -18.707 9.957   1.00 32.83 ? 165 HOH A O   1 
HETATM 1452 O  O   . HOH E 4 .  ? -12.013 -17.372 10.033  1.00 20.76 ? 166 HOH A O   1 
HETATM 1453 O  O   . HOH E 4 .  ? -0.791  -2.100  -10.699 1.00 33.47 ? 167 HOH A O   1 
HETATM 1454 O  O   . HOH E 4 .  ? -10.705 1.290   10.106  1.00 33.51 ? 168 HOH A O   1 
HETATM 1455 O  O   . HOH E 4 .  ? -4.055  7.451   -13.606 1.00 33.62 ? 169 HOH A O   1 
HETATM 1456 O  O   . HOH E 4 .  ? -5.747  -8.260  -6.986  1.00 33.74 ? 170 HOH A O   1 
HETATM 1457 O  O   . HOH E 4 .  ? -7.496  3.847   15.016  1.00 33.82 ? 171 HOH A O   1 
HETATM 1458 O  O   . HOH E 4 .  ? -3.228  -4.559  -7.409  1.00 20.89 ? 172 HOH A O   1 
HETATM 1459 O  O   . HOH E 4 .  ? -0.957  -8.266  -7.248  1.00 33.95 ? 173 HOH A O   1 
HETATM 1460 O  O   . HOH E 4 .  ? -2.012  -14.546 18.551  1.00 21.07 ? 174 HOH A O   1 
HETATM 1461 O  O   . HOH E 4 .  ? 0.051   -10.288 0.198   1.00 21.41 ? 175 HOH A O   1 
HETATM 1462 O  O   . HOH E 4 .  ? -14.578 3.400   2.903   1.00 34.25 ? 176 HOH A O   1 
HETATM 1463 O  O   . HOH E 4 .  ? 2.640   -13.066 20.111  1.00 34.33 ? 177 HOH A O   1 
HETATM 1464 O  O   . HOH E 4 .  ? -13.188 6.007   2.804   1.00 21.65 ? 178 HOH A O   1 
HETATM 1465 O  O   . HOH E 4 .  ? 1.266   -17.529 7.906   1.00 21.96 ? 179 HOH A O   1 
HETATM 1466 O  O   . HOH E 4 .  ? -6.476  2.714   17.302  1.00 35.09 ? 180 HOH A O   1 
HETATM 1467 O  O   . HOH E 4 .  ? 2.248   -21.481 9.761   1.00 35.18 ? 181 HOH A O   1 
HETATM 1468 O  O   . HOH E 4 .  ? 2.721   -19.217 18.627  1.00 35.57 ? 182 HOH A O   1 
HETATM 1469 O  O   . HOH E 4 .  ? -21.468 -6.094  3.240   1.00 35.64 ? 183 HOH A O   1 
HETATM 1470 O  O   . HOH E 4 .  ? 2.742   -14.612 4.442   1.00 36.06 ? 184 HOH A O   1 
HETATM 1471 O  O   . HOH E 4 .  ? -8.650  -17.673 -1.306  1.00 22.24 ? 185 HOH A O   1 
HETATM 1472 O  O   . HOH E 4 .  ? 2.579   -7.630  5.986   1.00 22.24 ? 186 HOH A O   1 
HETATM 1473 O  O   . HOH E 4 .  ? -11.783 7.691   -3.856  1.00 22.43 ? 187 HOH A O   1 
HETATM 1474 O  O   . HOH E 4 .  ? -8.797  -21.779 10.281  1.00 36.33 ? 188 HOH A O   1 
HETATM 1475 O  O   . HOH E 4 .  ? 3.762   -14.945 13.194  1.00 22.81 ? 189 HOH A O   1 
HETATM 1476 O  O   . HOH E 4 .  ? -10.061 2.872   -9.653  1.00 23.00 ? 190 HOH A O   1 
HETATM 1477 O  O   . HOH E 4 .  ? -7.364  -15.875 -3.287  1.00 36.66 ? 191 HOH A O   1 
HETATM 1478 O  O   . HOH E 4 .  ? 1.820   -11.676 1.542   1.00 36.72 ? 192 HOH A O   1 
HETATM 1479 O  O   . HOH E 4 .  ? -10.626 -18.735 8.022   1.00 23.34 ? 193 HOH A O   1 
HETATM 1480 O  O   . HOH E 4 .  ? -11.003 8.680   5.551   1.00 36.98 ? 194 HOH A O   1 
HETATM 1481 O  O   . HOH E 4 .  ? -3.629  -17.518 19.087  1.00 23.51 ? 195 HOH A O   1 
HETATM 1482 O  O   . HOH E 4 .  ? -20.356 -4.986  1.047   1.00 37.46 ? 196 HOH A O   1 
HETATM 1483 O  O   . HOH E 4 .  ? 6.421   -9.711  9.245   1.00 38.33 ? 197 HOH A O   1 
HETATM 1484 O  O   . HOH E 4 .  ? -0.021  -19.078 18.673  1.00 23.52 ? 198 HOH A O   1 
HETATM 1485 O  O   . HOH E 4 .  ? -7.878  -4.902  -13.742 1.00 39.03 ? 199 HOH A O   1 
HETATM 1486 O  O   . HOH E 4 .  ? -0.614  -13.770 -2.522  1.00 39.34 ? 200 HOH A O   1 
HETATM 1487 O  O   . HOH E 4 .  ? -11.270 -0.095  -9.351  1.00 39.56 ? 201 HOH A O   1 
HETATM 1488 O  O   . HOH E 4 .  ? -11.245 19.462  0.874   1.00 23.54 ? 202 HOH A O   1 
HETATM 1489 O  O   . HOH E 4 .  ? 9.118   -9.037  16.817  1.00 23.94 ? 203 HOH A O   1 
HETATM 1490 O  O   . HOH E 4 .  ? -15.708 -17.629 7.770   1.00 40.48 ? 204 HOH A O   1 
HETATM 1491 O  O   . HOH E 4 .  ? -2.877  -16.387 -0.228  1.00 40.57 ? 205 HOH A O   1 
HETATM 1492 O  O   . HOH E 4 .  ? -11.592 -9.016  -11.628 1.00 24.00 ? 206 HOH A O   1 
HETATM 1493 O  O   . HOH E 4 .  ? -10.560 -20.964 8.440   1.00 40.85 ? 207 HOH A O   1 
HETATM 1494 O  O   . HOH E 4 .  ? 8.171   -10.572 11.908  1.00 41.14 ? 208 HOH A O   1 
HETATM 1495 O  O   . HOH E 4 .  ? -0.422  -23.179 9.925   1.00 41.59 ? 209 HOH A O   1 
HETATM 1496 O  O   . HOH E 4 .  ? 6.084   -14.823 10.271  1.00 41.65 ? 210 HOH A O   1 
HETATM 1497 O  O   . HOH E 4 .  ? 1.458   3.048   14.972  1.00 35.01 ? 211 HOH A O   1 
HETATM 1498 O  O   . HOH E 4 .  ? -3.152  -24.502 10.410  1.00 42.63 ? 213 HOH A O   1 
HETATM 1499 O  O   . HOH E 4 .  ? -1.219  1.100   17.765  1.00 42.85 ? 214 HOH A O   1 
HETATM 1500 O  O   . HOH E 4 .  ? 8.192   -10.608 14.600  1.00 47.13 ? 217 HOH A O   1 
HETATM 1501 O  O   . HOH E 4 .  ? -1.776  -3.963  -12.354 1.00 48.31 ? 218 HOH A O   1 
HETATM 1502 O  O   . HOH E 4 .  ? -14.937 -25.729 5.117   1.00 53.51 ? 220 HOH A O   1 
HETATM 1503 O  O   . HOH F 4 .  ? -8.102  17.149  -1.114  1.00 7.61  ? 97  HOH B O   1 
HETATM 1504 O  O   . HOH F 4 .  ? -1.253  13.430  -9.995  1.00 8.31  ? 98  HOH B O   1 
HETATM 1505 O  O   . HOH F 4 .  ? 11.959  2.482   0.421   1.00 9.62  ? 99  HOH B O   1 
HETATM 1506 O  O   . HOH F 4 .  ? 19.461  7.165   -16.393 1.00 24.34 ? 100 HOH B O   1 
HETATM 1507 O  O   . HOH F 4 .  ? 2.411   10.367  15.889  1.00 24.78 ? 101 HOH B O   1 
HETATM 1508 O  O   . HOH F 4 .  ? 23.294  3.503   -11.429 1.00 25.10 ? 102 HOH B O   1 
HETATM 1509 O  O   . HOH F 4 .  ? 10.259  13.317  -6.381  1.00 25.15 ? 103 HOH B O   1 
HETATM 1510 O  O   . HOH F 4 .  ? 2.391   14.536  -7.283  1.00 12.27 ? 104 HOH B O   1 
HETATM 1511 O  O   . HOH F 4 .  ? 0.207   4.553   12.496  1.00 12.67 ? 105 HOH B O   1 
HETATM 1512 O  O   . HOH F 4 .  ? 19.067  3.379   -0.647  1.00 25.54 ? 106 HOH B O   1 
HETATM 1513 O  O   . HOH F 4 .  ? 13.460  12.052  -9.321  1.00 25.56 ? 107 HOH B O   1 
HETATM 1514 O  O   . HOH F 4 .  ? 16.163  -3.538  6.397   1.00 25.90 ? 108 HOH B O   1 
HETATM 1515 O  O   . HOH F 4 .  ? 16.258  7.194   4.159   1.00 25.92 ? 109 HOH B O   1 
HETATM 1516 O  O   . HOH F 4 .  ? 0.119   7.180   -14.094 1.00 26.04 ? 110 HOH B O   1 
HETATM 1517 O  O   . HOH F 4 .  ? -7.567  8.710   0.379   1.00 12.75 ? 111 HOH B O   1 
HETATM 1518 O  O   . HOH F 4 .  ? 5.036   10.818  -10.134 1.00 13.12 ? 112 HOH B O   1 
HETATM 1519 O  O   . HOH F 4 .  ? 11.223  9.222   -1.404  1.00 15.00 ? 113 HOH B O   1 
HETATM 1520 O  O   . HOH F 4 .  ? 5.683   10.191  3.886   1.00 15.14 ? 114 HOH B O   1 
HETATM 1521 O  O   . HOH F 4 .  ? -7.403  11.274  1.127   1.00 15.33 ? 115 HOH B O   1 
HETATM 1522 O  O   . HOH F 4 .  ? 1.344   21.464  3.761   1.00 15.84 ? 116 HOH B O   1 
HETATM 1523 O  O   . HOH F 4 .  ? -2.422  6.625   8.272   1.00 15.93 ? 117 HOH B O   1 
HETATM 1524 O  O   . HOH F 4 .  ? 22.014  4.268   -17.625 1.00 15.96 ? 118 HOH B O   1 
HETATM 1525 O  O   . HOH F 4 .  ? -8.973  9.291   -8.585  1.00 26.57 ? 119 HOH B O   1 
HETATM 1526 O  O   . HOH F 4 .  ? 8.721   -2.873  -11.717 1.00 16.03 ? 120 HOH B O   1 
HETATM 1527 O  O   . HOH F 4 .  ? 2.406   7.497   -28.700 1.00 27.02 ? 121 HOH B O   1 
HETATM 1528 O  O   . HOH F 4 .  ? 9.242   1.101   20.623  1.00 27.03 ? 122 HOH B O   1 
HETATM 1529 O  O   . HOH F 4 .  ? 12.643  3.032   -14.326 1.00 17.08 ? 123 HOH B O   1 
HETATM 1530 O  O   . HOH F 4 .  ? 20.229  6.137   -18.844 1.00 17.21 ? 124 HOH B O   1 
HETATM 1531 O  O   . HOH F 4 .  ? 9.793   6.507   10.601  1.00 17.22 ? 125 HOH B O   1 
HETATM 1532 O  O   . HOH F 4 .  ? 8.531   8.706   12.854  1.00 27.47 ? 126 HOH B O   1 
HETATM 1533 O  O   . HOH F 4 .  ? 3.640   -0.224  -11.041 1.00 17.33 ? 127 HOH B O   1 
HETATM 1534 O  O   . HOH F 4 .  ? 20.680  3.899   -7.969  1.00 27.96 ? 128 HOH B O   1 
HETATM 1535 O  O   . HOH F 4 .  ? 10.652  1.487   -15.409 1.00 17.37 ? 129 HOH B O   1 
HETATM 1536 O  O   . HOH F 4 .  ? 5.506   2.128   14.342  1.00 17.59 ? 130 HOH B O   1 
HETATM 1537 O  O   . HOH F 4 .  ? 10.391  -6.816  3.964   1.00 28.65 ? 131 HOH B O   1 
HETATM 1538 O  O   . HOH F 4 .  ? -9.956  7.004   -7.459  1.00 28.79 ? 132 HOH B O   1 
HETATM 1539 O  O   . HOH F 4 .  ? 15.060  -1.584  7.818   1.00 28.94 ? 133 HOH B O   1 
HETATM 1540 O  O   . HOH F 4 .  ? 17.470  8.452   -7.584  1.00 29.14 ? 134 HOH B O   1 
HETATM 1541 O  O   . HOH F 4 .  ? -3.404  6.043   14.021  1.00 29.21 ? 135 HOH B O   1 
HETATM 1542 O  O   . HOH F 4 .  ? 18.426  5.655   1.162   1.00 29.25 ? 136 HOH B O   1 
HETATM 1543 O  O   . HOH F 4 .  ? 14.780  9.872   -14.963 1.00 17.73 ? 137 HOH B O   1 
HETATM 1544 O  O   . HOH F 4 .  ? -4.590  8.420   8.579   1.00 29.70 ? 138 HOH B O   1 
HETATM 1545 O  O   . HOH F 4 .  ? -0.163  20.056  5.614   1.00 29.88 ? 139 HOH B O   1 
HETATM 1546 O  O   . HOH F 4 .  ? 11.425  13.390  1.307   1.00 29.89 ? 140 HOH B O   1 
HETATM 1547 O  O   . HOH F 4 .  ? -8.422  10.714  -6.110  1.00 18.03 ? 141 HOH B O   1 
HETATM 1548 O  O   . HOH F 4 .  ? -0.526  4.540   15.236  1.00 29.95 ? 142 HOH B O   1 
HETATM 1549 O  O   . HOH F 4 .  ? 14.791  1.697   -15.575 1.00 18.31 ? 143 HOH B O   1 
HETATM 1550 O  O   . HOH F 4 .  ? -9.453  6.934   -1.026  1.00 18.60 ? 144 HOH B O   1 
HETATM 1551 O  O   . HOH F 4 .  ? 16.909  8.467   -4.740  1.00 18.80 ? 145 HOH B O   1 
HETATM 1552 O  O   . HOH F 4 .  ? 7.021   0.181   10.871  1.00 18.96 ? 146 HOH B O   1 
HETATM 1553 O  O   . HOH F 4 .  ? 8.952   12.527  -8.535  1.00 30.47 ? 147 HOH B O   1 
HETATM 1554 O  O   . HOH F 4 .  ? -4.228  9.398   -11.225 1.00 30.52 ? 148 HOH B O   1 
HETATM 1555 O  O   . HOH F 4 .  ? 0.366   13.919  9.293   1.00 30.74 ? 149 HOH B O   1 
HETATM 1556 O  O   . HOH F 4 .  ? 8.171   8.552   10.089  1.00 30.87 ? 150 HOH B O   1 
HETATM 1557 O  O   . HOH F 4 .  ? 16.586  -5.737  -1.629  1.00 31.07 ? 151 HOH B O   1 
HETATM 1558 O  O   . HOH F 4 .  ? 20.558  -3.058  -10.075 1.00 19.11 ? 152 HOH B O   1 
HETATM 1559 O  O   . HOH F 4 .  ? -1.257  11.963  -12.360 1.00 19.47 ? 153 HOH B O   1 
HETATM 1560 O  O   . HOH F 4 .  ? 3.181   10.706  -12.017 1.00 19.86 ? 154 HOH B O   1 
HETATM 1561 O  O   . HOH F 4 .  ? 14.786  12.663  -14.039 1.00 31.87 ? 155 HOH B O   1 
HETATM 1562 O  O   . HOH F 4 .  ? 13.819  0.940   -18.038 1.00 32.14 ? 156 HOH B O   1 
HETATM 1563 O  O   . HOH F 4 .  ? 10.769  -4.704  1.816   1.00 20.43 ? 157 HOH B O   1 
HETATM 1564 O  O   . HOH F 4 .  ? 15.979  11.545  -9.616  1.00 32.29 ? 158 HOH B O   1 
HETATM 1565 O  O   . HOH F 4 .  ? 1.643   4.138   -12.860 1.00 20.54 ? 159 HOH B O   1 
HETATM 1566 O  O   . HOH F 4 .  ? 2.819   -5.976  -1.537  1.00 20.88 ? 160 HOH B O   1 
HETATM 1567 O  O   . HOH F 4 .  ? 2.987   -3.347  -5.389  1.00 20.93 ? 161 HOH B O   1 
HETATM 1568 O  O   . HOH F 4 .  ? 10.555  -4.506  -1.265  1.00 32.68 ? 162 HOH B O   1 
HETATM 1569 O  O   . HOH F 4 .  ? 15.604  1.361   6.367   1.00 32.73 ? 163 HOH B O   1 
HETATM 1570 O  O   . HOH F 4 .  ? 12.909  -6.944  -8.066  1.00 32.79 ? 164 HOH B O   1 
HETATM 1571 O  O   . HOH F 4 .  ? 11.152  10.701  -8.971  1.00 21.41 ? 165 HOH B O   1 
HETATM 1572 O  O   . HOH F 4 .  ? 3.842   3.802   15.588  1.00 32.99 ? 166 HOH B O   1 
HETATM 1573 O  O   . HOH F 4 .  ? 3.685   17.028  3.509   1.00 21.95 ? 167 HOH B O   1 
HETATM 1574 O  O   . HOH F 4 .  ? 12.237  11.215  0.320   1.00 22.12 ? 168 HOH B O   1 
HETATM 1575 O  O   . HOH F 4 .  ? 2.891   -5.940  -4.281  1.00 22.13 ? 169 HOH B O   1 
HETATM 1576 O  O   . HOH F 4 .  ? 14.937  1.600   -20.333 1.00 22.36 ? 170 HOH B O   1 
HETATM 1577 O  O   . HOH F 4 .  ? 6.288   10.146  -34.239 1.00 22.45 ? 171 HOH B O   1 
HETATM 1578 O  O   . HOH F 4 .  ? 18.104  5.827   -4.431  1.00 33.86 ? 172 HOH B O   1 
HETATM 1579 O  O   . HOH F 4 .  ? 13.150  9.107   1.888   1.00 22.62 ? 173 HOH B O   1 
HETATM 1580 O  O   . HOH F 4 .  ? 10.710  -1.236  -16.007 1.00 33.97 ? 174 HOH B O   1 
HETATM 1581 O  O   . HOH F 4 .  ? 16.256  2.533   8.440   1.00 34.06 ? 175 HOH B O   1 
HETATM 1582 O  O   . HOH F 4 .  ? 18.399  0.796   0.503   1.00 23.56 ? 176 HOH B O   1 
HETATM 1583 O  O   . HOH F 4 .  ? 9.541   1.652   -25.110 1.00 23.61 ? 177 HOH B O   1 
HETATM 1584 O  O   . HOH F 4 .  ? -6.902  13.890  1.357   1.00 34.90 ? 178 HOH B O   1 
HETATM 1585 O  O   . HOH F 4 .  ? -1.444  9.449   -10.980 1.00 23.63 ? 180 HOH B O   1 
HETATM 1586 O  O   . HOH F 4 .  ? 1.864   1.586   -11.830 1.00 23.67 ? 181 HOH B O   1 
HETATM 1587 O  O   . HOH F 4 .  ? 1.695   -8.114  -5.336  1.00 36.14 ? 185 HOH B O   1 
HETATM 1588 O  O   . HOH F 4 .  ? -3.618  10.683  13.940  1.00 36.17 ? 186 HOH B O   1 
HETATM 1589 O  O   . HOH F 4 .  ? 17.513  9.535   -15.510 1.00 36.20 ? 187 HOH B O   1 
HETATM 1590 O  O   . HOH F 4 .  ? -3.703  14.361  9.289   1.00 36.33 ? 189 HOH B O   1 
HETATM 1591 O  O   . HOH F 4 .  ? 16.635  0.437   -13.305 1.00 36.44 ? 190 HOH B O   1 
HETATM 1592 O  O   . HOH F 4 .  ? 18.768  10.398  -3.920  1.00 36.73 ? 193 HOH B O   1 
HETATM 1593 O  O   . HOH F 4 .  ? 13.483  14.295  -7.624  1.00 37.14 ? 195 HOH B O   1 
HETATM 1594 O  O   . HOH F 4 .  ? 11.319  10.616  8.644   1.00 38.77 ? 198 HOH B O   1 
HETATM 1595 O  O   . HOH F 4 .  ? -3.881  17.394  8.961   1.00 39.95 ? 202 HOH B O   1 
HETATM 1596 O  O   . HOH F 4 .  ? 12.787  13.741  -2.997  1.00 40.39 ? 203 HOH B O   1 
HETATM 1597 O  O   . HOH F 4 .  ? -7.627  9.360   -10.820 1.00 40.58 ? 206 HOH B O   1 
HETATM 1598 O  O   . HOH F 4 .  ? 9.267   -2.667  -14.533 1.00 42.21 ? 211 HOH B O   1 
HETATM 1599 O  O   . HOH F 4 .  ? 17.171  9.582   -12.069 1.00 42.37 ? 212 HOH B O   1 
HETATM 1600 O  O   . HOH F 4 .  ? 19.567  5.511   -6.391  1.00 43.93 ? 215 HOH B O   1 
HETATM 1601 O  O   . HOH F 4 .  ? 13.569  13.953  -11.932 1.00 44.02 ? 216 HOH B O   1 
HETATM 1602 O  O   . HOH F 4 .  ? 8.616   17.497  1.504   1.00 48.73 ? 219 HOH B O   1 
# 
